data_1F8G
#
_entry.id   1F8G
#
_cell.length_a   65.900
_cell.length_b   116.600
_cell.length_c   102.000
_cell.angle_alpha   90.00
_cell.angle_beta   104.22
_cell.angle_gamma   90.00
#
_symmetry.space_group_name_H-M   'P 1 21 1'
#
loop_
_entity.id
_entity.type
_entity.pdbx_description
1 polymer 'NICOTINAMIDE NUCLEOTIDE TRANSHYDROGENASE'
2 non-polymer NICOTINAMIDE-ADENINE-DINUCLEOTIDE
3 water water
#
_entity_poly.entity_id   1
_entity_poly.type   'polypeptide(L)'
_entity_poly.pdbx_seq_one_letter_code
;(MSE)KIAIPKERRPGEDRVAISPEVVKKLVGLGFEVIVEQGAGVGASITDDALTAAGATIASTAAQALSQADVVWKVQR
P(MSE)TAEEGTDEVALIKEGAVL(MSE)CHLGALTNRPVVEALTKRKITAYA(MSE)EL(MSE)PRISRAQS(MSE)DI
LSSQSNLAGYRAVIDGAYEFARAFP(MSE)(MSE)(MSE)TAAGTVPPARVLVFGVGVAGLQAIATAKRLGAVV(MSE)A
TDVRAATKEQVESLGGKFITVDDEA(MSE)KTAETAGGYAKE(MSE)GEEFRKKQAEAVLKELVKTDIAITTALIPGKPA
PVLITEE(MSE)VTK(MSE)KPGSVIIDLAVEAGGNCPLSEPGKIVVKHGVKIVGHTNVPSRVAADASPLFAKNLLNFLT
PHVDKDTKTLV(MSE)KLEDETVSGTCVTRDGAIVHPALTGQGA
;
_entity_poly.pdbx_strand_id   A,B,C,D
#
loop_
_chem_comp.id
_chem_comp.type
_chem_comp.name
_chem_comp.formula
NAD non-polymer NICOTINAMIDE-ADENINE-DINUCLEOTIDE 'C21 H27 N7 O14 P2'
#
# COMPACT_ATOMS: atom_id res chain seq x y z
N MSE A 1 29.29 0.85 -36.87
CA MSE A 1 27.93 1.35 -36.57
C MSE A 1 27.65 1.27 -35.07
O MSE A 1 28.17 0.40 -34.39
CB MSE A 1 26.85 0.59 -37.31
CG MSE A 1 26.53 1.01 -38.74
SE MSE A 1 25.30 -0.23 -39.54
CE MSE A 1 26.14 -1.88 -39.08
N LYS A 2 26.81 2.20 -34.60
CA LYS A 2 26.43 2.26 -33.20
C LYS A 2 24.97 1.81 -32.99
N ILE A 3 24.75 0.96 -32.00
CA ILE A 3 23.41 0.55 -31.64
C ILE A 3 23.17 0.99 -30.20
N ALA A 4 22.07 1.67 -29.92
CA ALA A 4 21.78 2.18 -28.60
C ALA A 4 20.42 1.75 -28.07
N ILE A 5 20.39 1.53 -26.75
CA ILE A 5 19.17 1.11 -26.05
C ILE A 5 18.94 2.00 -24.83
N PRO A 6 17.83 2.71 -24.80
CA PRO A 6 17.52 3.60 -23.70
C PRO A 6 16.68 2.91 -22.63
N LYS A 7 16.53 3.60 -21.51
CA LYS A 7 15.65 3.14 -20.45
C LYS A 7 14.20 3.37 -20.90
N GLU A 8 13.30 2.44 -20.61
CA GLU A 8 11.90 2.63 -20.99
C GLU A 8 11.29 3.68 -20.08
N ARG A 9 10.60 4.67 -20.61
CA ARG A 9 10.04 5.74 -19.80
C ARG A 9 8.54 5.71 -19.65
N ARG A 10 7.81 4.89 -20.39
CA ARG A 10 6.34 4.88 -20.17
C ARG A 10 6.07 4.36 -18.76
N PRO A 11 5.01 4.84 -18.13
CA PRO A 11 4.65 4.47 -16.77
C PRO A 11 4.50 2.97 -16.58
N GLY A 12 5.16 2.35 -15.63
CA GLY A 12 4.98 0.91 -15.38
C GLY A 12 5.87 0.02 -16.22
N GLU A 13 6.55 0.53 -17.24
CA GLU A 13 7.41 -0.33 -18.06
C GLU A 13 8.73 -0.67 -17.39
N ASP A 14 8.93 -1.95 -17.06
CA ASP A 14 10.19 -2.39 -16.45
C ASP A 14 11.06 -3.20 -17.39
N ARG A 15 10.58 -3.48 -18.61
CA ARG A 15 11.40 -4.24 -19.55
C ARG A 15 12.48 -3.35 -20.16
N VAL A 16 13.43 -3.96 -20.83
CA VAL A 16 14.50 -3.20 -21.50
C VAL A 16 14.82 -4.03 -22.74
N ALA A 17 15.14 -3.39 -23.87
CA ALA A 17 15.40 -4.13 -25.09
C ALA A 17 16.87 -4.52 -25.25
N ILE A 18 17.39 -5.25 -24.26
CA ILE A 18 18.78 -5.68 -24.28
C ILE A 18 19.04 -6.68 -23.16
N SER A 19 20.14 -7.40 -23.27
CA SER A 19 20.64 -8.33 -22.28
C SER A 19 22.15 -8.45 -22.55
N PRO A 20 22.91 -8.83 -21.53
CA PRO A 20 24.34 -9.06 -21.67
C PRO A 20 24.66 -10.01 -22.80
N GLU A 21 23.94 -11.13 -22.90
CA GLU A 21 24.17 -12.10 -23.96
C GLU A 21 24.00 -11.48 -25.34
N VAL A 22 22.99 -10.61 -25.50
CA VAL A 22 22.75 -10.00 -26.81
C VAL A 22 23.83 -8.96 -27.09
N VAL A 23 24.26 -8.22 -26.09
CA VAL A 23 25.35 -7.25 -26.27
C VAL A 23 26.56 -7.96 -26.89
N LYS A 24 26.96 -9.10 -26.32
CA LYS A 24 28.05 -9.89 -26.84
C LYS A 24 27.89 -10.20 -28.32
N LYS A 25 26.72 -10.67 -28.75
CA LYS A 25 26.45 -10.97 -30.13
C LYS A 25 26.56 -9.73 -31.01
N LEU A 26 25.97 -8.63 -30.57
CA LEU A 26 26.02 -7.37 -31.29
C LEU A 26 27.46 -6.92 -31.47
N VAL A 27 28.26 -7.00 -30.40
CA VAL A 27 29.67 -6.64 -30.49
C VAL A 27 30.36 -7.60 -31.45
N GLY A 28 30.01 -8.88 -31.45
CA GLY A 28 30.55 -9.87 -32.36
C GLY A 28 30.19 -9.59 -33.82
N LEU A 29 29.17 -8.79 -34.09
CA LEU A 29 28.77 -8.44 -35.45
C LEU A 29 29.37 -7.11 -35.89
N GLY A 30 30.22 -6.53 -35.06
CA GLY A 30 30.91 -5.30 -35.37
C GLY A 30 30.23 -4.04 -34.87
N PHE A 31 29.26 -4.16 -33.96
CA PHE A 31 28.60 -2.98 -33.45
C PHE A 31 29.25 -2.45 -32.18
N GLU A 32 29.11 -1.14 -32.04
CA GLU A 32 29.42 -0.44 -30.80
C GLU A 32 28.05 -0.41 -30.09
N VAL A 33 27.96 -0.97 -28.91
CA VAL A 33 26.71 -1.03 -28.16
C VAL A 33 26.73 -0.07 -26.99
N ILE A 34 25.74 0.82 -26.96
CA ILE A 34 25.59 1.80 -25.90
C ILE A 34 24.23 1.63 -25.22
N VAL A 35 24.23 1.58 -23.88
CA VAL A 35 22.94 1.52 -23.19
C VAL A 35 22.90 2.60 -22.13
N GLU A 36 21.75 3.28 -22.02
CA GLU A 36 21.56 4.34 -21.04
C GLU A 36 21.71 3.74 -19.63
N GLN A 37 22.32 4.48 -18.70
CA GLN A 37 22.55 3.95 -17.36
C GLN A 37 21.23 3.67 -16.65
N GLY A 38 21.21 2.53 -15.94
CA GLY A 38 20.02 2.12 -15.21
C GLY A 38 18.90 1.58 -16.08
N ALA A 39 19.07 1.45 -17.38
CA ALA A 39 18.02 0.96 -18.28
C ALA A 39 17.49 -0.41 -17.89
N GLY A 40 18.32 -1.30 -17.38
CA GLY A 40 17.94 -2.64 -17.02
C GLY A 40 17.66 -2.88 -15.55
N VAL A 41 17.45 -1.85 -14.74
CA VAL A 41 17.22 -2.05 -13.31
C VAL A 41 15.97 -2.87 -13.05
N GLY A 42 14.88 -2.52 -13.72
CA GLY A 42 13.62 -3.22 -13.66
C GLY A 42 13.68 -4.69 -14.08
N ALA A 43 14.64 -5.04 -14.94
CA ALA A 43 14.82 -6.38 -15.44
C ALA A 43 15.99 -7.06 -14.74
N SER A 44 16.52 -6.46 -13.68
CA SER A 44 17.65 -7.06 -12.98
C SER A 44 18.91 -7.19 -13.83
N ILE A 45 19.16 -6.26 -14.73
CA ILE A 45 20.33 -6.24 -15.60
C ILE A 45 21.13 -4.99 -15.25
N THR A 46 22.23 -5.16 -14.52
CA THR A 46 23.02 -4.03 -14.07
C THR A 46 23.89 -3.42 -15.16
N ASP A 47 24.32 -2.18 -14.94
CA ASP A 47 25.24 -1.55 -15.91
C ASP A 47 26.54 -2.36 -15.98
N ASP A 48 27.03 -2.81 -14.83
CA ASP A 48 28.25 -3.62 -14.77
C ASP A 48 28.15 -4.88 -15.61
N ALA A 49 27.00 -5.55 -15.54
CA ALA A 49 26.80 -6.75 -16.34
C ALA A 49 26.86 -6.37 -17.81
N LEU A 50 26.25 -5.24 -18.17
CA LEU A 50 26.28 -4.80 -19.57
C LEU A 50 27.68 -4.37 -19.97
N THR A 51 28.39 -3.66 -19.10
CA THR A 51 29.78 -3.27 -19.42
C THR A 51 30.68 -4.48 -19.59
N ALA A 52 30.56 -5.45 -18.67
CA ALA A 52 31.34 -6.69 -18.79
C ALA A 52 31.04 -7.43 -20.08
N ALA A 53 29.86 -7.26 -20.68
CA ALA A 53 29.49 -7.87 -21.94
C ALA A 53 30.06 -7.12 -23.14
N GLY A 54 30.59 -5.91 -22.96
CA GLY A 54 31.21 -5.19 -24.06
C GLY A 54 30.49 -3.92 -24.45
N ALA A 55 29.42 -3.57 -23.73
CA ALA A 55 28.70 -2.35 -24.06
C ALA A 55 29.31 -1.16 -23.32
N THR A 56 28.96 0.04 -23.76
CA THR A 56 29.36 1.26 -23.09
C THR A 56 28.11 1.76 -22.36
N ILE A 57 28.27 2.55 -21.32
CA ILE A 57 27.14 3.09 -20.58
C ILE A 57 27.02 4.59 -20.80
N ALA A 58 25.86 5.08 -21.21
CA ALA A 58 25.66 6.51 -21.41
C ALA A 58 24.95 7.11 -20.21
N SER A 59 25.33 8.31 -19.82
CA SER A 59 24.78 8.98 -18.65
C SER A 59 23.34 9.41 -18.80
N THR A 60 22.93 9.76 -20.02
CA THR A 60 21.59 10.23 -20.28
C THR A 60 21.02 9.52 -21.52
N ALA A 61 19.71 9.69 -21.71
CA ALA A 61 19.05 9.10 -22.86
C ALA A 61 19.54 9.79 -24.14
N ALA A 62 19.64 11.12 -24.06
CA ALA A 62 20.13 11.92 -25.18
C ALA A 62 21.54 11.53 -25.55
N GLN A 63 22.46 11.37 -24.60
CA GLN A 63 23.82 10.94 -24.92
C GLN A 63 23.80 9.54 -25.53
N ALA A 64 22.91 8.67 -25.05
CA ALA A 64 22.81 7.32 -25.56
C ALA A 64 22.34 7.27 -27.01
N LEU A 65 21.31 8.02 -27.37
CA LEU A 65 20.77 8.00 -28.71
C LEU A 65 21.40 8.95 -29.72
N SER A 66 21.99 10.07 -29.30
CA SER A 66 22.51 11.06 -30.25
C SER A 66 23.27 10.54 -31.45
N GLN A 67 24.22 9.63 -31.33
CA GLN A 67 24.97 9.14 -32.48
C GLN A 67 24.53 7.76 -32.93
N ALA A 68 23.42 7.24 -32.41
CA ALA A 68 23.08 5.85 -32.77
C ALA A 68 22.54 5.66 -34.17
N ASP A 69 23.13 4.72 -34.90
CA ASP A 69 22.63 4.39 -36.24
C ASP A 69 21.40 3.48 -36.13
N VAL A 70 21.42 2.65 -35.07
CA VAL A 70 20.31 1.73 -34.83
C VAL A 70 19.81 1.94 -33.40
N VAL A 71 18.50 2.04 -33.21
CA VAL A 71 17.93 2.20 -31.87
C VAL A 71 16.92 1.07 -31.61
N TRP A 72 17.08 0.39 -30.50
CA TRP A 72 16.20 -0.64 -30.01
C TRP A 72 15.52 -0.18 -28.71
N LYS A 73 14.21 -0.38 -28.66
CA LYS A 73 13.49 -0.05 -27.44
C LYS A 73 12.28 -0.99 -27.37
N VAL A 74 11.61 -0.96 -26.24
CA VAL A 74 10.46 -1.86 -26.06
C VAL A 74 9.18 -1.21 -26.55
N GLN A 75 8.67 -0.18 -25.87
CA GLN A 75 7.44 0.46 -26.33
C GLN A 75 7.75 1.62 -27.28
N ARG A 76 6.74 2.07 -28.02
CA ARG A 76 6.94 3.17 -28.97
C ARG A 76 7.46 4.41 -28.26
N PRO A 77 8.37 5.14 -28.90
CA PRO A 77 8.94 6.33 -28.30
C PRO A 77 7.79 7.32 -28.11
N MSE A 78 7.91 8.14 -27.06
CA MSE A 78 6.90 9.16 -26.79
C MSE A 78 7.17 10.37 -27.68
O MSE A 78 8.31 10.61 -28.10
CB MSE A 78 6.94 9.54 -25.32
CG MSE A 78 6.39 8.49 -24.37
SE MSE A 78 6.50 9.04 -22.54
CE MSE A 78 8.27 8.72 -22.16
N THR A 79 6.13 11.12 -28.01
CA THR A 79 6.29 12.32 -28.84
C THR A 79 6.28 13.57 -27.97
N ALA A 80 6.42 14.73 -28.62
CA ALA A 80 6.40 16.02 -27.93
C ALA A 80 5.10 16.21 -27.18
N GLU A 81 3.99 15.82 -27.78
CA GLU A 81 2.67 15.87 -27.20
C GLU A 81 2.46 15.04 -25.94
N GLU A 82 3.30 14.05 -25.66
CA GLU A 82 3.14 13.21 -24.49
C GLU A 82 4.03 13.63 -23.33
N GLY A 83 4.80 14.72 -23.48
CA GLY A 83 5.59 15.21 -22.37
C GLY A 83 7.08 15.00 -22.50
N THR A 84 7.50 13.99 -23.25
CA THR A 84 8.92 13.77 -23.46
C THR A 84 9.11 13.42 -24.94
N ASP A 85 9.73 14.33 -25.69
CA ASP A 85 9.92 14.05 -27.11
C ASP A 85 11.10 13.08 -27.24
N GLU A 86 10.80 11.78 -27.28
CA GLU A 86 11.85 10.77 -27.37
C GLU A 86 12.33 10.61 -28.80
N VAL A 87 11.40 10.87 -29.71
CA VAL A 87 11.79 10.72 -31.13
C VAL A 87 12.78 11.80 -31.52
N ALA A 88 12.74 12.98 -30.91
CA ALA A 88 13.68 14.05 -31.17
C ALA A 88 15.11 13.66 -30.83
N LEU A 89 15.29 12.72 -29.90
CA LEU A 89 16.60 12.24 -29.52
C LEU A 89 17.20 11.28 -30.55
N ILE A 90 16.37 10.69 -31.40
CA ILE A 90 16.85 9.75 -32.40
C ILE A 90 17.48 10.48 -33.58
N LYS A 91 18.72 10.12 -33.87
CA LYS A 91 19.46 10.72 -34.97
C LYS A 91 18.68 10.64 -36.28
N GLU A 92 18.68 11.71 -37.07
CA GLU A 92 18.03 11.69 -38.37
C GLU A 92 18.63 10.59 -39.24
N GLY A 93 17.80 9.85 -39.96
CA GLY A 93 18.27 8.73 -40.76
C GLY A 93 18.59 7.46 -39.98
N ALA A 94 18.37 7.41 -38.67
CA ALA A 94 18.66 6.19 -37.91
C ALA A 94 17.60 5.13 -38.19
N VAL A 95 17.84 3.92 -37.71
CA VAL A 95 16.89 2.82 -37.84
C VAL A 95 16.35 2.52 -36.44
N LEU A 96 15.03 2.46 -36.30
CA LEU A 96 14.39 2.17 -35.02
C LEU A 96 13.63 0.84 -35.11
N MSE A 97 13.83 0.02 -34.10
CA MSE A 97 13.16 -1.27 -33.99
C MSE A 97 12.53 -1.37 -32.60
O MSE A 97 13.25 -1.30 -31.60
CB MSE A 97 14.11 -2.43 -34.23
CG MSE A 97 14.48 -2.77 -35.67
SE MSE A 97 16.06 -3.84 -35.84
CE MSE A 97 16.54 -3.49 -37.63
N CYS A 98 11.20 -1.52 -32.55
CA CYS A 98 10.50 -1.62 -31.29
C CYS A 98 9.06 -2.02 -31.48
N HIS A 99 8.33 -2.16 -30.37
CA HIS A 99 6.88 -2.41 -30.49
C HIS A 99 6.31 -1.01 -30.73
N LEU A 100 6.02 -0.66 -31.98
CA LEU A 100 5.61 0.68 -32.31
C LEU A 100 4.15 1.02 -32.10
N GLY A 101 3.28 0.02 -32.04
CA GLY A 101 1.84 0.26 -31.99
C GLY A 101 1.47 1.09 -33.23
N ALA A 102 2.13 0.80 -34.35
CA ALA A 102 2.04 1.52 -35.59
C ALA A 102 0.68 1.73 -36.19
N LEU A 103 -0.14 0.68 -36.26
CA LEU A 103 -1.47 0.79 -36.85
C LEU A 103 -2.48 1.54 -36.00
N THR A 104 -2.07 1.98 -34.82
CA THR A 104 -3.00 2.63 -33.89
C THR A 104 -2.38 3.89 -33.36
N ASN A 105 -1.20 4.30 -33.86
CA ASN A 105 -0.52 5.49 -33.39
C ASN A 105 0.14 6.33 -34.50
N ARG A 106 -0.68 7.14 -35.15
CA ARG A 106 -0.26 8.06 -36.19
C ARG A 106 0.81 9.06 -35.81
N PRO A 107 0.65 9.79 -34.71
CA PRO A 107 1.62 10.76 -34.26
C PRO A 107 3.05 10.25 -34.25
N VAL A 108 3.31 9.06 -33.71
CA VAL A 108 4.67 8.55 -33.67
C VAL A 108 5.24 8.31 -35.07
N VAL A 109 4.43 7.75 -35.96
CA VAL A 109 4.88 7.51 -37.34
C VAL A 109 5.18 8.84 -38.02
N GLU A 110 4.36 9.86 -37.81
CA GLU A 110 4.60 11.18 -38.41
C GLU A 110 5.89 11.78 -37.87
N ALA A 111 6.09 11.70 -36.55
CA ALA A 111 7.28 12.26 -35.94
C ALA A 111 8.54 11.58 -36.48
N LEU A 112 8.51 10.25 -36.60
CA LEU A 112 9.62 9.48 -37.08
C LEU A 112 9.93 9.85 -38.54
N THR A 113 8.91 9.88 -39.35
CA THR A 113 9.01 10.25 -40.76
C THR A 113 9.62 11.64 -40.94
N LYS A 114 9.19 12.60 -40.12
CA LYS A 114 9.71 13.95 -40.17
C LYS A 114 11.22 13.99 -39.96
N ARG A 115 11.79 13.10 -39.15
CA ARG A 115 13.22 13.05 -38.95
C ARG A 115 13.89 12.02 -39.86
N LYS A 116 13.15 11.50 -40.83
CA LYS A 116 13.65 10.52 -41.79
C LYS A 116 14.18 9.23 -41.17
N ILE A 117 13.55 8.80 -40.09
CA ILE A 117 13.91 7.58 -39.39
C ILE A 117 13.22 6.40 -40.04
N THR A 118 13.96 5.32 -40.23
CA THR A 118 13.41 4.08 -40.78
C THR A 118 12.92 3.25 -39.58
N ALA A 119 11.61 3.04 -39.47
CA ALA A 119 11.11 2.32 -38.30
C ALA A 119 10.52 0.96 -38.67
N TYR A 120 10.95 -0.07 -37.95
CA TYR A 120 10.41 -1.41 -38.13
C TYR A 120 9.51 -1.70 -36.93
N ALA A 121 8.24 -1.87 -37.22
CA ALA A 121 7.22 -2.15 -36.20
C ALA A 121 7.22 -3.65 -35.92
N MSE A 122 7.94 -4.06 -34.88
CA MSE A 122 8.10 -5.45 -34.49
C MSE A 122 6.78 -6.17 -34.28
O MSE A 122 6.67 -7.37 -34.54
CB MSE A 122 9.01 -5.57 -33.25
CG MSE A 122 10.44 -5.12 -33.49
SE MSE A 122 11.42 -6.06 -34.86
CE MSE A 122 11.65 -7.69 -33.91
N GLU A 123 5.72 -5.49 -33.84
CA GLU A 123 4.42 -6.10 -33.64
C GLU A 123 3.77 -6.54 -34.96
N LEU A 124 4.29 -6.16 -36.12
CA LEU A 124 3.74 -6.58 -37.40
C LEU A 124 4.50 -7.75 -37.99
N MSE A 125 5.34 -8.43 -37.21
CA MSE A 125 6.11 -9.54 -37.73
C MSE A 125 5.17 -10.53 -38.42
O MSE A 125 4.16 -10.98 -37.88
CB MSE A 125 6.90 -10.25 -36.63
CG MSE A 125 7.90 -11.26 -37.18
SE MSE A 125 9.41 -10.47 -38.00
CE MSE A 125 9.95 -9.19 -36.72
N PRO A 126 5.50 -10.85 -39.66
CA PRO A 126 4.69 -11.75 -40.45
C PRO A 126 4.60 -13.07 -39.73
N ARG A 127 3.42 -13.70 -39.77
CA ARG A 127 3.24 -14.99 -39.11
C ARG A 127 3.64 -16.13 -40.02
N ILE A 128 4.95 -16.27 -40.25
CA ILE A 128 5.55 -17.34 -41.03
C ILE A 128 6.43 -18.11 -40.07
N SER A 129 6.63 -19.40 -40.29
CA SER A 129 7.41 -20.23 -39.38
C SER A 129 8.82 -19.75 -39.12
N ARG A 130 9.51 -19.26 -40.15
CA ARG A 130 10.89 -18.81 -39.97
C ARG A 130 10.98 -17.52 -39.16
N ALA A 131 9.87 -16.82 -38.93
CA ALA A 131 9.94 -15.58 -38.16
C ALA A 131 9.54 -15.81 -36.71
N GLN A 132 9.19 -17.05 -36.33
CA GLN A 132 8.79 -17.31 -34.95
C GLN A 132 9.81 -16.83 -33.92
N SER A 133 11.10 -16.96 -34.21
CA SER A 133 12.17 -16.53 -33.32
C SER A 133 12.28 -15.01 -33.21
N MSE A 134 11.66 -14.27 -34.11
CA MSE A 134 11.68 -12.82 -34.15
C MSE A 134 10.38 -12.25 -33.59
O MSE A 134 10.30 -11.03 -33.47
CB MSE A 134 11.76 -12.36 -35.62
CG MSE A 134 12.91 -12.97 -36.40
SE MSE A 134 12.79 -12.70 -38.29
CE MSE A 134 14.26 -13.72 -38.91
N ASP A 135 9.40 -13.09 -33.29
CA ASP A 135 8.09 -12.58 -32.91
C ASP A 135 7.94 -12.12 -31.48
N ILE A 136 7.88 -10.80 -31.26
CA ILE A 136 7.72 -10.25 -29.91
C ILE A 136 6.32 -10.52 -29.35
N LEU A 137 5.28 -10.60 -30.17
CA LEU A 137 3.96 -10.89 -29.58
C LEU A 137 3.96 -12.24 -28.87
N SER A 138 4.51 -13.30 -29.46
CA SER A 138 4.46 -14.60 -28.79
C SER A 138 5.44 -14.73 -27.64
N SER A 139 6.64 -14.15 -27.74
CA SER A 139 7.56 -14.26 -26.61
C SER A 139 6.98 -13.58 -25.39
N GLN A 140 6.36 -12.43 -25.59
CA GLN A 140 5.77 -11.66 -24.51
C GLN A 140 4.48 -12.29 -24.01
N SER A 141 3.62 -12.79 -24.89
CA SER A 141 2.39 -13.45 -24.56
C SER A 141 2.55 -14.72 -23.72
N ASN A 142 3.60 -15.46 -24.07
CA ASN A 142 3.89 -16.73 -23.35
C ASN A 142 4.17 -16.42 -21.89
N LEU A 143 4.89 -15.34 -21.60
CA LEU A 143 5.19 -14.99 -20.22
C LEU A 143 3.95 -14.44 -19.53
N ALA A 144 3.12 -13.71 -20.27
CA ALA A 144 1.86 -13.21 -19.69
C ALA A 144 0.96 -14.37 -19.28
N GLY A 145 0.90 -15.45 -20.04
CA GLY A 145 0.05 -16.61 -19.70
C GLY A 145 0.57 -17.27 -18.42
N TYR A 146 1.89 -17.37 -18.28
CA TYR A 146 2.48 -17.89 -17.06
C TYR A 146 2.10 -16.99 -15.88
N ARG A 147 2.25 -15.68 -16.07
CA ARG A 147 1.98 -14.71 -15.02
C ARG A 147 0.53 -14.68 -14.60
N ALA A 148 -0.40 -14.92 -15.53
CA ALA A 148 -1.80 -14.95 -15.17
C ALA A 148 -2.04 -16.02 -14.09
N VAL A 149 -1.39 -17.17 -14.22
CA VAL A 149 -1.58 -18.23 -13.24
C VAL A 149 -0.96 -17.85 -11.90
N ILE A 150 0.21 -17.21 -11.92
CA ILE A 150 0.82 -16.78 -10.66
C ILE A 150 -0.05 -15.72 -10.00
N ASP A 151 -0.52 -14.73 -10.75
CA ASP A 151 -1.37 -13.69 -10.17
C ASP A 151 -2.68 -14.30 -9.66
N GLY A 152 -3.23 -15.26 -10.41
CA GLY A 152 -4.45 -15.94 -9.95
C GLY A 152 -4.26 -16.70 -8.64
N ALA A 153 -3.21 -17.50 -8.55
CA ALA A 153 -2.85 -18.24 -7.37
C ALA A 153 -2.55 -17.30 -6.20
N TYR A 154 -1.92 -16.15 -6.48
CA TYR A 154 -1.66 -15.18 -5.44
C TYR A 154 -2.97 -14.59 -4.90
N GLU A 155 -3.94 -14.31 -5.78
CA GLU A 155 -5.17 -13.73 -5.29
C GLU A 155 -6.15 -14.73 -4.72
N PHE A 156 -5.98 -16.02 -4.90
CA PHE A 156 -6.94 -17.03 -4.46
C PHE A 156 -6.63 -17.54 -3.05
N ALA A 157 -7.65 -17.73 -2.22
CA ALA A 157 -7.47 -18.14 -0.85
C ALA A 157 -7.42 -19.65 -0.65
N ARG A 158 -7.24 -20.47 -1.68
CA ARG A 158 -7.08 -21.91 -1.54
C ARG A 158 -5.80 -22.28 -2.32
N ALA A 159 -5.23 -23.44 -2.04
CA ALA A 159 -4.05 -23.85 -2.81
C ALA A 159 -4.50 -24.43 -4.14
N PHE A 160 -3.61 -24.35 -5.13
CA PHE A 160 -3.90 -24.90 -6.46
C PHE A 160 -3.94 -26.42 -6.43
N PRO A 161 -2.90 -27.07 -5.92
CA PRO A 161 -2.85 -28.52 -5.92
C PRO A 161 -3.71 -29.17 -4.85
N MSE A 162 -4.03 -30.42 -5.17
CA MSE A 162 -4.70 -31.27 -4.17
C MSE A 162 -3.66 -31.41 -3.05
O MSE A 162 -2.47 -31.54 -3.38
CB MSE A 162 -4.98 -32.65 -4.78
CG MSE A 162 -4.92 -33.75 -3.70
SE MSE A 162 -5.32 -35.47 -4.43
CE MSE A 162 -7.06 -35.00 -5.11
N MSE A 163 -4.01 -31.30 -1.78
CA MSE A 163 -3.00 -31.51 -0.74
C MSE A 163 -3.56 -32.55 0.26
O MSE A 163 -4.67 -32.42 0.77
CB MSE A 163 -2.48 -30.26 -0.09
CG MSE A 163 -1.52 -29.42 -0.99
SE MSE A 163 -1.33 -27.66 -0.26
CE MSE A 163 -0.77 -28.22 1.50
N MSE A 164 -2.78 -33.61 0.44
CA MSE A 164 -3.15 -34.70 1.33
C MSE A 164 -2.31 -34.60 2.60
O MSE A 164 -1.12 -34.88 2.71
CB MSE A 164 -2.94 -36.08 0.73
CG MSE A 164 -2.90 -36.11 -0.78
SE MSE A 164 -3.11 -37.91 -1.42
CE MSE A 164 -4.81 -37.68 -2.22
N THR A 165 -3.04 -34.15 3.60
CA THR A 165 -2.55 -33.86 4.94
C THR A 165 -3.08 -34.90 5.90
N ALA A 166 -2.58 -34.97 7.12
CA ALA A 166 -3.08 -35.90 8.14
C ALA A 166 -4.43 -35.43 8.65
N ALA A 167 -4.67 -34.12 8.48
CA ALA A 167 -5.91 -33.49 8.90
C ALA A 167 -7.02 -33.77 7.91
N GLY A 168 -6.69 -34.12 6.68
CA GLY A 168 -7.66 -34.41 5.65
C GLY A 168 -7.13 -33.92 4.30
N THR A 169 -7.94 -34.11 3.27
CA THR A 169 -7.56 -33.72 1.93
C THR A 169 -8.27 -32.46 1.48
N VAL A 170 -7.53 -31.61 0.78
CA VAL A 170 -8.11 -30.36 0.23
C VAL A 170 -8.08 -30.52 -1.28
N PRO A 171 -9.18 -30.34 -1.95
CA PRO A 171 -9.27 -30.56 -3.40
C PRO A 171 -8.51 -29.53 -4.20
N PRO A 172 -8.09 -29.92 -5.41
CA PRO A 172 -7.34 -29.04 -6.28
C PRO A 172 -8.18 -27.86 -6.73
N ALA A 173 -7.56 -26.79 -7.21
CA ALA A 173 -8.37 -25.69 -7.75
C ALA A 173 -8.79 -26.05 -9.18
N ARG A 174 -9.88 -25.46 -9.67
CA ARG A 174 -10.34 -25.65 -11.03
C ARG A 174 -10.10 -24.35 -11.81
N VAL A 175 -9.44 -24.49 -12.95
CA VAL A 175 -9.07 -23.37 -13.79
C VAL A 175 -9.75 -23.52 -15.15
N LEU A 176 -10.30 -22.45 -15.65
CA LEU A 176 -10.92 -22.40 -16.97
C LEU A 176 -10.21 -21.32 -17.79
N VAL A 177 -9.52 -21.76 -18.85
CA VAL A 177 -8.79 -20.86 -19.73
C VAL A 177 -9.62 -20.57 -20.99
N PHE A 178 -9.90 -19.29 -21.24
CA PHE A 178 -10.66 -18.85 -22.39
C PHE A 178 -9.71 -18.24 -23.42
N GLY A 179 -9.57 -18.89 -24.57
CA GLY A 179 -8.67 -18.43 -25.61
C GLY A 179 -7.38 -19.23 -25.45
N VAL A 180 -7.13 -20.12 -26.41
CA VAL A 180 -5.94 -20.98 -26.29
C VAL A 180 -4.92 -20.63 -27.36
N GLY A 181 -4.48 -19.37 -27.33
CA GLY A 181 -3.44 -18.88 -28.22
C GLY A 181 -2.12 -19.11 -27.45
N VAL A 182 -1.11 -18.28 -27.71
CA VAL A 182 0.16 -18.44 -27.01
C VAL A 182 -0.01 -18.27 -25.51
N ALA A 183 -0.67 -17.22 -25.03
CA ALA A 183 -0.86 -16.98 -23.61
C ALA A 183 -1.71 -18.07 -22.96
N GLY A 184 -2.82 -18.43 -23.61
CA GLY A 184 -3.67 -19.48 -23.07
C GLY A 184 -2.96 -20.80 -22.91
N LEU A 185 -2.11 -21.20 -23.85
CA LEU A 185 -1.37 -22.44 -23.78
C LEU A 185 -0.42 -22.46 -22.58
N GLN A 186 0.21 -21.31 -22.32
CA GLN A 186 1.12 -21.23 -21.18
C GLN A 186 0.31 -21.21 -19.90
N ALA A 187 -0.86 -20.56 -19.88
CA ALA A 187 -1.67 -20.61 -18.65
C ALA A 187 -2.07 -22.06 -18.36
N ILE A 188 -2.44 -22.80 -19.40
CA ILE A 188 -2.78 -24.22 -19.17
C ILE A 188 -1.59 -24.97 -18.59
N ALA A 189 -0.41 -24.89 -19.21
CA ALA A 189 0.75 -25.62 -18.73
C ALA A 189 1.11 -25.27 -17.29
N THR A 190 1.14 -23.97 -16.96
CA THR A 190 1.46 -23.54 -15.62
C THR A 190 0.39 -23.92 -14.61
N ALA A 191 -0.89 -23.86 -14.99
CA ALA A 191 -1.95 -24.28 -14.06
C ALA A 191 -1.82 -25.80 -13.86
N LYS A 192 -1.52 -26.55 -14.90
CA LYS A 192 -1.32 -28.00 -14.76
C LYS A 192 -0.10 -28.31 -13.91
N ARG A 193 0.99 -27.55 -14.08
CA ARG A 193 2.18 -27.68 -13.27
C ARG A 193 1.86 -27.59 -11.78
N LEU A 194 0.94 -26.69 -11.43
CA LEU A 194 0.50 -26.48 -10.07
C LEU A 194 -0.58 -27.45 -9.61
N GLY A 195 -0.91 -28.47 -10.41
CA GLY A 195 -1.86 -29.48 -10.02
C GLY A 195 -3.32 -29.10 -10.12
N ALA A 196 -3.63 -28.03 -10.85
CA ALA A 196 -5.04 -27.64 -10.99
C ALA A 196 -5.75 -28.55 -12.00
N VAL A 197 -7.07 -28.59 -11.87
CA VAL A 197 -7.92 -29.26 -12.86
C VAL A 197 -8.11 -28.22 -13.96
N VAL A 198 -7.71 -28.44 -15.20
CA VAL A 198 -7.85 -27.36 -16.19
C VAL A 198 -8.81 -27.66 -17.33
N MSE A 199 -9.73 -26.74 -17.54
CA MSE A 199 -10.68 -26.73 -18.64
C MSE A 199 -10.31 -25.55 -19.54
O MSE A 199 -9.77 -24.54 -19.06
CB MSE A 199 -12.11 -26.61 -18.13
CG MSE A 199 -12.83 -27.94 -17.84
SE MSE A 199 -11.98 -28.88 -16.43
CE MSE A 199 -13.31 -30.11 -15.91
N ALA A 200 -10.56 -25.66 -20.84
CA ALA A 200 -10.24 -24.58 -21.76
C ALA A 200 -11.21 -24.54 -22.94
N THR A 201 -11.30 -23.38 -23.58
CA THR A 201 -12.17 -23.23 -24.73
C THR A 201 -11.61 -22.18 -25.69
N ASP A 202 -11.83 -22.39 -26.98
CA ASP A 202 -11.40 -21.48 -28.04
C ASP A 202 -12.32 -21.70 -29.24
N VAL A 203 -12.40 -20.71 -30.13
CA VAL A 203 -13.19 -20.84 -31.34
C VAL A 203 -12.43 -21.64 -32.40
N ARG A 204 -11.13 -21.85 -32.27
CA ARG A 204 -10.37 -22.59 -33.28
C ARG A 204 -10.34 -24.06 -32.92
N ALA A 205 -10.86 -24.90 -33.80
CA ALA A 205 -10.96 -26.34 -33.61
C ALA A 205 -9.67 -27.04 -33.26
N ALA A 206 -8.59 -26.73 -33.96
CA ALA A 206 -7.27 -27.29 -33.77
C ALA A 206 -6.68 -27.17 -32.37
N THR A 207 -7.13 -26.22 -31.58
CA THR A 207 -6.73 -25.95 -30.20
C THR A 207 -6.99 -27.12 -29.28
N LYS A 208 -8.08 -27.84 -29.48
CA LYS A 208 -8.50 -28.99 -28.71
C LYS A 208 -7.38 -29.99 -28.46
N GLU A 209 -6.67 -30.40 -29.51
CA GLU A 209 -5.57 -31.35 -29.34
C GLU A 209 -4.40 -30.73 -28.57
N GLN A 210 -4.21 -29.42 -28.70
CA GLN A 210 -3.17 -28.77 -27.91
C GLN A 210 -3.54 -28.77 -26.44
N VAL A 211 -4.81 -28.53 -26.11
CA VAL A 211 -5.26 -28.59 -24.72
C VAL A 211 -5.11 -29.96 -24.10
N GLU A 212 -5.53 -31.00 -24.85
CA GLU A 212 -5.43 -32.38 -24.39
C GLU A 212 -3.99 -32.82 -24.25
N SER A 213 -3.11 -32.31 -25.12
CA SER A 213 -1.69 -32.64 -25.02
C SER A 213 -1.06 -32.18 -23.71
N LEU A 214 -1.58 -31.13 -23.08
CA LEU A 214 -1.07 -30.65 -21.82
C LEU A 214 -1.82 -31.22 -20.63
N GLY A 215 -2.79 -32.11 -20.89
CA GLY A 215 -3.53 -32.76 -19.82
C GLY A 215 -4.79 -31.98 -19.44
N GLY A 216 -5.20 -31.00 -20.23
CA GLY A 216 -6.40 -30.23 -19.87
C GLY A 216 -7.63 -30.80 -20.57
N LYS A 217 -8.81 -30.28 -20.27
CA LYS A 217 -10.04 -30.73 -20.92
C LYS A 217 -10.66 -29.60 -21.74
N PHE A 218 -11.05 -29.91 -22.97
CA PHE A 218 -11.60 -28.92 -23.90
C PHE A 218 -13.11 -28.84 -23.76
N ILE A 219 -13.64 -27.63 -23.76
CA ILE A 219 -15.08 -27.43 -23.70
C ILE A 219 -15.57 -27.25 -25.13
N THR A 220 -16.16 -28.27 -25.74
CA THR A 220 -16.63 -28.10 -27.12
C THR A 220 -17.91 -27.29 -27.17
N VAL A 221 -18.06 -26.50 -28.23
CA VAL A 221 -19.24 -25.66 -28.42
C VAL A 221 -19.89 -26.02 -29.76
N ASP A 222 -19.15 -25.75 -30.83
CA ASP A 222 -19.59 -26.03 -32.18
C ASP A 222 -18.39 -26.58 -32.96
N ASP A 223 -18.28 -27.91 -32.97
CA ASP A 223 -17.19 -28.59 -33.65
C ASP A 223 -17.03 -28.16 -35.11
N GLU A 224 -18.14 -28.17 -35.83
CA GLU A 224 -18.19 -27.82 -37.24
C GLU A 224 -17.87 -26.36 -37.52
N ALA A 225 -18.44 -25.43 -36.75
CA ALA A 225 -18.19 -24.01 -36.96
C ALA A 225 -16.78 -23.64 -36.54
N THR A 228 -13.99 -23.68 -39.59
CA THR A 228 -13.76 -22.53 -40.46
C THR A 228 -13.28 -21.32 -39.68
N ALA A 229 -12.87 -21.54 -38.43
CA ALA A 229 -12.48 -20.49 -37.50
C ALA A 229 -11.12 -19.86 -37.70
N GLU A 230 -10.09 -20.65 -38.00
CA GLU A 230 -8.76 -20.08 -38.16
C GLU A 230 -8.60 -19.34 -39.47
N THR A 231 -8.15 -18.08 -39.40
CA THR A 231 -7.91 -17.30 -40.62
C THR A 231 -6.53 -17.71 -41.15
N ALA A 232 -6.11 -17.16 -42.27
CA ALA A 232 -4.83 -17.49 -42.88
C ALA A 232 -3.61 -17.28 -42.01
N GLY A 233 -3.62 -16.29 -41.11
CA GLY A 233 -2.49 -16.03 -40.25
C GLY A 233 -2.45 -16.82 -38.96
N GLY A 234 -3.34 -17.80 -38.78
CA GLY A 234 -3.43 -18.63 -37.59
C GLY A 234 -4.29 -17.95 -36.53
N TYR A 235 -5.04 -16.97 -37.00
CA TYR A 235 -5.87 -16.09 -36.24
C TYR A 235 -7.37 -16.34 -36.21
N ALA A 236 -7.97 -15.99 -35.07
CA ALA A 236 -9.41 -16.17 -34.96
C ALA A 236 -10.21 -14.89 -35.13
N LYS A 237 -11.51 -15.09 -34.90
CA LYS A 237 -12.43 -14.01 -35.13
C LYS A 237 -13.74 -13.90 -34.36
N GLU A 238 -14.45 -12.97 -34.99
CA GLU A 238 -15.75 -12.42 -34.90
C GLU A 238 -16.73 -13.43 -35.52
N MSE A 239 -17.14 -14.34 -34.67
CA MSE A 239 -17.96 -15.48 -34.98
C MSE A 239 -19.45 -15.23 -35.13
O MSE A 239 -20.16 -16.10 -35.66
CB MSE A 239 -17.76 -16.53 -33.87
CG MSE A 239 -16.33 -17.04 -33.79
SE MSE A 239 -15.88 -18.13 -35.30
CE MSE A 239 -16.90 -19.70 -34.93
N GLY A 240 -19.95 -14.09 -34.64
CA GLY A 240 -21.37 -13.80 -34.74
C GLY A 240 -22.06 -13.97 -33.39
N GLU A 241 -23.23 -13.36 -33.26
CA GLU A 241 -24.00 -13.42 -32.02
C GLU A 241 -24.47 -14.83 -31.73
N GLU A 242 -24.91 -15.54 -32.75
CA GLU A 242 -25.37 -16.92 -32.66
C GLU A 242 -24.39 -17.78 -31.88
N PHE A 243 -23.13 -17.82 -32.31
CA PHE A 243 -22.07 -18.57 -31.64
C PHE A 243 -21.87 -18.13 -30.20
N ARG A 244 -21.74 -16.82 -29.99
CA ARG A 244 -21.55 -16.24 -28.67
C ARG A 244 -22.56 -16.73 -27.65
N LYS A 245 -23.85 -16.82 -28.00
CA LYS A 245 -24.86 -17.31 -27.09
C LYS A 245 -24.67 -18.80 -26.78
N LYS A 246 -24.28 -19.58 -27.78
CA LYS A 246 -24.05 -21.01 -27.68
C LYS A 246 -22.81 -21.35 -26.86
N GLN A 247 -21.76 -20.54 -27.00
CA GLN A 247 -20.50 -20.73 -26.27
C GLN A 247 -20.71 -20.46 -24.78
N ALA A 248 -21.55 -19.50 -24.46
CA ALA A 248 -21.89 -19.16 -23.09
C ALA A 248 -22.55 -20.32 -22.36
N GLU A 249 -23.43 -21.03 -23.05
CA GLU A 249 -24.15 -22.17 -22.52
C GLU A 249 -23.32 -23.28 -21.90
N ALA A 250 -22.42 -23.90 -22.68
CA ALA A 250 -21.60 -25.00 -22.19
C ALA A 250 -20.55 -24.58 -21.16
N VAL A 251 -20.09 -23.34 -21.31
CA VAL A 251 -19.12 -22.73 -20.43
C VAL A 251 -19.69 -22.59 -19.03
N LEU A 252 -20.95 -22.15 -18.93
CA LEU A 252 -21.60 -21.96 -17.63
C LEU A 252 -21.44 -23.17 -16.72
N LYS A 253 -21.70 -24.37 -17.21
CA LYS A 253 -21.61 -25.58 -16.42
C LYS A 253 -20.26 -25.74 -15.77
N GLU A 254 -19.17 -25.42 -16.46
CA GLU A 254 -17.85 -25.49 -15.88
C GLU A 254 -17.54 -24.22 -15.10
N LEU A 255 -18.01 -23.08 -15.62
CA LEU A 255 -17.74 -21.80 -15.00
C LEU A 255 -18.35 -21.68 -13.61
N VAL A 256 -19.49 -22.33 -13.39
CA VAL A 256 -20.14 -22.34 -12.08
C VAL A 256 -19.28 -23.06 -11.06
N LYS A 257 -18.41 -23.99 -11.47
CA LYS A 257 -17.55 -24.64 -10.50
C LYS A 257 -16.11 -24.17 -10.61
N THR A 258 -15.84 -23.20 -11.49
CA THR A 258 -14.48 -22.71 -11.69
C THR A 258 -13.97 -21.87 -10.54
N ASP A 259 -12.69 -22.00 -10.20
CA ASP A 259 -12.09 -21.15 -9.18
C ASP A 259 -11.36 -19.95 -9.78
N ILE A 260 -10.61 -20.21 -10.86
CA ILE A 260 -9.84 -19.19 -11.54
C ILE A 260 -10.17 -19.20 -13.04
N ALA A 261 -10.72 -18.12 -13.57
CA ALA A 261 -10.97 -18.05 -15.01
C ALA A 261 -9.90 -17.11 -15.58
N ILE A 262 -9.18 -17.55 -16.58
CA ILE A 262 -8.15 -16.76 -17.23
C ILE A 262 -8.57 -16.51 -18.67
N THR A 263 -8.87 -15.26 -19.04
CA THR A 263 -9.37 -14.96 -20.38
C THR A 263 -8.28 -14.24 -21.16
N THR A 264 -8.01 -14.71 -22.39
CA THR A 264 -6.93 -14.19 -23.20
C THR A 264 -7.32 -13.88 -24.64
N ALA A 265 -8.60 -13.94 -24.99
CA ALA A 265 -9.01 -13.81 -26.37
C ALA A 265 -8.95 -12.42 -26.97
N LEU A 266 -8.37 -12.34 -28.17
CA LEU A 266 -8.23 -11.12 -28.95
C LEU A 266 -8.68 -11.39 -30.39
N ILE A 267 -9.02 -10.35 -31.12
CA ILE A 267 -9.42 -10.41 -32.52
C ILE A 267 -8.70 -9.26 -33.25
N PRO A 268 -7.88 -9.58 -34.24
CA PRO A 268 -7.14 -8.56 -34.98
C PRO A 268 -8.02 -7.38 -35.35
N GLY A 269 -7.65 -6.16 -34.95
CA GLY A 269 -8.32 -4.92 -35.28
C GLY A 269 -9.68 -4.65 -34.69
N LYS A 270 -10.07 -5.33 -33.64
CA LYS A 270 -11.38 -5.13 -33.01
C LYS A 270 -11.23 -5.21 -31.49
N PRO A 271 -12.22 -4.69 -30.77
CA PRO A 271 -12.24 -4.79 -29.32
C PRO A 271 -12.26 -6.29 -28.98
N ALA A 272 -11.81 -6.65 -27.79
CA ALA A 272 -11.79 -8.05 -27.37
C ALA A 272 -13.19 -8.59 -27.28
N PRO A 273 -13.41 -9.87 -27.58
CA PRO A 273 -14.73 -10.46 -27.48
C PRO A 273 -15.15 -10.60 -26.02
N VAL A 274 -16.44 -10.42 -25.77
CA VAL A 274 -17.00 -10.55 -24.43
C VAL A 274 -17.31 -12.02 -24.17
N LEU A 275 -16.54 -12.60 -23.24
CA LEU A 275 -16.64 -14.04 -22.96
C LEU A 275 -17.24 -14.32 -21.59
N ILE A 276 -17.10 -13.40 -20.65
CA ILE A 276 -17.66 -13.56 -19.33
C ILE A 276 -18.50 -12.32 -19.01
N THR A 277 -19.82 -12.43 -19.21
CA THR A 277 -20.67 -11.27 -18.93
C THR A 277 -20.77 -11.04 -17.43
N GLU A 278 -21.29 -9.88 -17.03
CA GLU A 278 -21.49 -9.61 -15.60
C GLU A 278 -22.44 -10.65 -15.02
N GLU A 279 -23.48 -10.99 -15.77
CA GLU A 279 -24.43 -12.03 -15.43
C GLU A 279 -23.67 -13.33 -15.10
N MSE A 280 -22.75 -13.74 -15.96
CA MSE A 280 -21.97 -14.94 -15.71
C MSE A 280 -21.11 -14.83 -14.46
O MSE A 280 -21.08 -15.80 -13.68
CB MSE A 280 -21.13 -15.31 -16.93
CG MSE A 280 -21.96 -15.91 -18.04
SE MSE A 280 -21.15 -15.71 -19.75
CE MSE A 280 -19.90 -17.14 -19.68
N VAL A 281 -20.52 -13.67 -14.14
CA VAL A 281 -19.71 -13.59 -12.92
C VAL A 281 -20.61 -13.77 -11.69
N THR A 282 -21.87 -13.34 -11.77
CA THR A 282 -22.84 -13.52 -10.69
C THR A 282 -23.00 -14.97 -10.27
N LYS A 283 -22.83 -15.91 -11.18
CA LYS A 283 -22.96 -17.33 -10.96
C LYS A 283 -21.73 -18.04 -10.42
N MSE A 284 -20.61 -17.35 -10.27
CA MSE A 284 -19.40 -17.98 -9.79
C MSE A 284 -19.35 -18.00 -8.26
O MSE A 284 -20.01 -17.18 -7.61
CB MSE A 284 -18.15 -17.24 -10.31
CG MSE A 284 -18.04 -17.23 -11.83
SE MSE A 284 -16.46 -16.35 -12.44
CE MSE A 284 -15.13 -17.62 -12.02
N LYS A 285 -18.59 -18.90 -7.70
CA LYS A 285 -18.43 -19.05 -6.27
C LYS A 285 -17.72 -17.81 -5.71
N PRO A 286 -18.13 -17.36 -4.54
CA PRO A 286 -17.50 -16.22 -3.88
C PRO A 286 -16.07 -16.67 -3.60
N GLY A 287 -15.09 -15.81 -3.80
CA GLY A 287 -13.71 -16.23 -3.62
C GLY A 287 -13.08 -16.55 -4.98
N SER A 288 -13.86 -16.65 -6.04
CA SER A 288 -13.33 -16.93 -7.37
C SER A 288 -12.56 -15.73 -7.92
N VAL A 289 -11.65 -16.02 -8.85
CA VAL A 289 -10.84 -14.97 -9.46
C VAL A 289 -10.84 -15.09 -10.97
N ILE A 290 -10.95 -13.93 -11.63
CA ILE A 290 -10.94 -13.81 -13.07
C ILE A 290 -9.69 -13.00 -13.43
N ILE A 291 -8.85 -13.55 -14.30
CA ILE A 291 -7.65 -12.81 -14.72
C ILE A 291 -7.95 -12.38 -16.16
N ASP A 292 -8.22 -11.09 -16.39
CA ASP A 292 -8.56 -10.69 -17.77
C ASP A 292 -7.34 -10.16 -18.49
N LEU A 293 -6.60 -11.01 -19.18
CA LEU A 293 -5.42 -10.61 -19.94
C LEU A 293 -5.69 -9.74 -21.17
N ALA A 294 -6.94 -9.65 -21.58
CA ALA A 294 -7.35 -8.83 -22.71
C ALA A 294 -7.89 -7.48 -22.25
N VAL A 295 -7.70 -7.14 -20.98
CA VAL A 295 -8.19 -5.89 -20.41
C VAL A 295 -7.86 -4.64 -21.22
N GLU A 296 -6.66 -4.53 -21.76
CA GLU A 296 -6.23 -3.35 -22.52
C GLU A 296 -6.92 -3.18 -23.86
N ALA A 297 -7.42 -4.27 -24.42
CA ALA A 297 -8.20 -4.27 -25.64
C ALA A 297 -9.69 -4.20 -25.32
N GLY A 298 -10.09 -3.82 -24.10
CA GLY A 298 -11.51 -3.75 -23.77
C GLY A 298 -11.96 -4.86 -22.82
N GLY A 299 -11.12 -5.87 -22.61
CA GLY A 299 -11.44 -6.97 -21.71
C GLY A 299 -12.36 -8.04 -22.26
N ASN A 300 -12.18 -9.29 -21.81
CA ASN A 300 -13.11 -10.37 -22.15
C ASN A 300 -14.26 -10.38 -21.15
N CYS A 301 -14.07 -9.66 -20.05
CA CYS A 301 -15.11 -9.49 -19.04
C CYS A 301 -15.31 -7.99 -18.86
N PRO A 302 -16.55 -7.51 -19.07
CA PRO A 302 -16.89 -6.11 -18.93
C PRO A 302 -16.61 -5.50 -17.57
N LEU A 303 -16.47 -6.26 -16.51
CA LEU A 303 -16.15 -5.73 -15.20
C LEU A 303 -14.66 -5.41 -15.01
N SER A 304 -13.79 -5.91 -15.87
CA SER A 304 -12.37 -5.61 -15.71
C SER A 304 -12.09 -4.14 -16.07
N GLU A 305 -11.16 -3.55 -15.35
CA GLU A 305 -10.73 -2.18 -15.55
C GLU A 305 -9.20 -2.13 -15.59
N PRO A 306 -8.64 -1.52 -16.63
CA PRO A 306 -7.21 -1.45 -16.79
C PRO A 306 -6.49 -1.01 -15.54
N GLY A 307 -5.52 -1.80 -15.09
CA GLY A 307 -4.69 -1.49 -13.95
C GLY A 307 -5.26 -1.81 -12.60
N LYS A 308 -6.48 -2.30 -12.51
CA LYS A 308 -7.12 -2.56 -11.23
C LYS A 308 -7.50 -4.01 -10.97
N ILE A 309 -7.79 -4.24 -9.71
CA ILE A 309 -8.40 -5.49 -9.26
C ILE A 309 -9.80 -5.04 -8.82
N VAL A 310 -10.81 -5.45 -9.56
CA VAL A 310 -12.18 -5.05 -9.21
C VAL A 310 -12.82 -6.16 -8.40
N VAL A 311 -13.57 -5.85 -7.34
CA VAL A 311 -14.23 -6.88 -6.54
C VAL A 311 -15.73 -6.70 -6.74
N LYS A 312 -16.39 -7.72 -7.26
CA LYS A 312 -17.83 -7.62 -7.42
C LYS A 312 -18.45 -9.00 -7.41
N HIS A 313 -19.55 -9.12 -6.64
CA HIS A 313 -20.27 -10.37 -6.51
C HIS A 313 -19.39 -11.42 -5.83
N GLY A 314 -18.50 -10.98 -4.94
CA GLY A 314 -17.57 -11.85 -4.24
C GLY A 314 -16.43 -12.37 -5.11
N VAL A 315 -16.26 -11.84 -6.31
CA VAL A 315 -15.24 -12.25 -7.27
C VAL A 315 -14.19 -11.16 -7.47
N LYS A 316 -12.93 -11.53 -7.56
CA LYS A 316 -11.86 -10.59 -7.88
C LYS A 316 -11.68 -10.56 -9.40
N ILE A 317 -11.85 -9.41 -10.03
CA ILE A 317 -11.66 -9.32 -11.49
C ILE A 317 -10.35 -8.56 -11.69
N VAL A 318 -9.31 -9.27 -12.05
CA VAL A 318 -7.95 -8.75 -12.11
C VAL A 318 -7.62 -8.27 -13.53
N GLY A 319 -7.20 -7.03 -13.67
CA GLY A 319 -6.93 -6.49 -15.00
C GLY A 319 -5.63 -5.71 -15.07
N HIS A 320 -4.53 -6.30 -14.61
CA HIS A 320 -3.25 -5.59 -14.67
C HIS A 320 -2.93 -5.22 -16.11
N THR A 321 -2.26 -4.08 -16.29
CA THR A 321 -1.77 -3.61 -17.56
C THR A 321 -0.36 -4.15 -17.74
N ASN A 322 0.09 -4.22 -18.98
CA ASN A 322 1.47 -4.61 -19.28
C ASN A 322 1.92 -5.81 -18.46
N VAL A 323 1.20 -6.94 -18.68
CA VAL A 323 1.49 -8.18 -17.99
C VAL A 323 2.89 -8.69 -18.24
N PRO A 324 3.45 -8.60 -19.44
CA PRO A 324 4.82 -9.01 -19.68
C PRO A 324 5.82 -8.33 -18.76
N SER A 325 5.61 -7.07 -18.39
CA SER A 325 6.49 -6.33 -17.51
C SER A 325 6.45 -6.86 -16.07
N ARG A 326 5.45 -7.66 -15.71
CA ARG A 326 5.40 -8.31 -14.40
C ARG A 326 6.37 -9.49 -14.37
N VAL A 327 6.92 -9.86 -15.53
CA VAL A 327 7.94 -10.86 -15.72
C VAL A 327 9.12 -10.22 -16.47
N ALA A 328 9.43 -8.97 -16.19
CA ALA A 328 10.45 -8.23 -16.92
C ALA A 328 11.84 -8.84 -17.03
N ALA A 329 12.32 -9.55 -16.01
CA ALA A 329 13.68 -10.09 -16.05
C ALA A 329 13.81 -11.31 -16.94
N ASP A 330 12.70 -11.92 -17.35
CA ASP A 330 12.70 -12.96 -18.36
C ASP A 330 12.22 -12.35 -19.68
N ALA A 331 11.28 -11.41 -19.61
CA ALA A 331 10.74 -10.75 -20.79
C ALA A 331 11.79 -9.97 -21.60
N SER A 332 12.71 -9.31 -20.90
CA SER A 332 13.73 -8.50 -21.52
C SER A 332 14.70 -9.30 -22.35
N PRO A 333 15.33 -10.36 -21.85
CA PRO A 333 16.25 -11.15 -22.64
C PRO A 333 15.59 -11.73 -23.88
N LEU A 334 14.32 -12.15 -23.81
CA LEU A 334 13.64 -12.72 -24.97
C LEU A 334 13.29 -11.65 -25.99
N PHE A 335 12.85 -10.48 -25.54
CA PHE A 335 12.56 -9.37 -26.45
C PHE A 335 13.88 -8.99 -27.14
N ALA A 336 14.98 -8.90 -26.40
CA ALA A 336 16.29 -8.59 -26.98
C ALA A 336 16.67 -9.62 -28.05
N LYS A 337 16.44 -10.91 -27.79
CA LYS A 337 16.75 -11.95 -28.77
C LYS A 337 15.84 -11.87 -29.97
N ASN A 338 14.57 -11.48 -29.78
CA ASN A 338 13.69 -11.31 -30.93
C ASN A 338 14.30 -10.25 -31.86
N LEU A 339 14.76 -9.15 -31.27
CA LEU A 339 15.36 -8.07 -32.04
C LEU A 339 16.63 -8.52 -32.73
N LEU A 340 17.47 -9.25 -32.03
CA LEU A 340 18.71 -9.78 -32.57
C LEU A 340 18.46 -10.74 -33.72
N ASN A 341 17.47 -11.62 -33.54
CA ASN A 341 17.13 -12.60 -34.58
C ASN A 341 16.61 -11.90 -35.82
N PHE A 342 15.89 -10.80 -35.67
CA PHE A 342 15.40 -10.04 -36.83
C PHE A 342 16.54 -9.27 -37.52
N LEU A 343 17.50 -8.76 -36.75
CA LEU A 343 18.55 -7.94 -37.32
C LEU A 343 19.74 -8.68 -37.92
N THR A 344 20.17 -9.74 -37.25
CA THR A 344 21.32 -10.52 -37.64
C THR A 344 21.49 -10.83 -39.11
N PRO A 345 20.50 -11.39 -39.80
CA PRO A 345 20.61 -11.68 -41.21
C PRO A 345 21.02 -10.55 -42.12
N HIS A 346 20.71 -9.30 -41.77
CA HIS A 346 21.01 -8.14 -42.57
C HIS A 346 22.35 -7.50 -42.28
N VAL A 347 23.12 -8.00 -41.32
CA VAL A 347 24.42 -7.40 -41.04
C VAL A 347 25.52 -7.93 -41.94
N ASP A 348 26.34 -6.98 -42.40
CA ASP A 348 27.50 -7.27 -43.22
C ASP A 348 28.73 -6.85 -42.42
N LYS A 349 29.34 -7.81 -41.74
CA LYS A 349 30.43 -7.55 -40.82
C LYS A 349 31.62 -6.79 -41.39
N ASP A 350 32.13 -7.17 -42.54
CA ASP A 350 33.31 -6.52 -43.11
C ASP A 350 33.07 -5.09 -43.57
N THR A 351 31.90 -4.80 -44.13
CA THR A 351 31.59 -3.45 -44.57
C THR A 351 31.03 -2.61 -43.43
N LYS A 352 30.58 -3.29 -42.37
CA LYS A 352 29.99 -2.61 -41.22
C LYS A 352 28.82 -1.76 -41.70
N THR A 353 27.95 -2.41 -42.48
CA THR A 353 26.76 -1.76 -43.01
C THR A 353 25.54 -2.61 -42.65
N LEU A 354 24.41 -1.92 -42.58
CA LEU A 354 23.15 -2.57 -42.28
C LEU A 354 22.25 -2.44 -43.51
N VAL A 355 22.16 -3.52 -44.29
CA VAL A 355 21.33 -3.49 -45.48
C VAL A 355 20.10 -4.37 -45.32
N MSE A 356 18.98 -3.77 -44.93
CA MSE A 356 17.75 -4.55 -44.74
C MSE A 356 17.19 -4.93 -46.10
O MSE A 356 16.62 -4.12 -46.82
CB MSE A 356 16.76 -3.81 -43.85
CG MSE A 356 17.38 -3.27 -42.58
SE MSE A 356 17.72 -4.55 -41.23
CE MSE A 356 16.00 -5.24 -40.87
N LYS A 357 17.37 -6.19 -46.49
CA LYS A 357 16.91 -6.70 -47.76
C LYS A 357 15.43 -6.47 -47.98
N LEU A 358 15.10 -5.63 -48.95
CA LEU A 358 13.72 -5.27 -49.27
C LEU A 358 12.82 -6.43 -49.65
N GLU A 359 13.35 -7.45 -50.30
CA GLU A 359 12.60 -8.62 -50.70
C GLU A 359 12.36 -9.57 -49.52
N ASP A 360 13.07 -9.38 -48.43
CA ASP A 360 12.83 -10.18 -47.22
C ASP A 360 11.44 -9.87 -46.70
N GLU A 361 10.60 -10.91 -46.57
CA GLU A 361 9.26 -10.75 -46.06
C GLU A 361 9.19 -10.14 -44.67
N THR A 362 10.15 -10.45 -43.79
CA THR A 362 10.12 -9.85 -42.46
C THR A 362 10.38 -8.35 -42.56
N VAL A 363 11.22 -7.92 -43.50
CA VAL A 363 11.52 -6.51 -43.69
C VAL A 363 10.32 -5.76 -44.27
N SER A 364 9.74 -6.30 -45.32
CA SER A 364 8.59 -5.69 -45.97
C SER A 364 7.35 -5.73 -45.10
N GLY A 365 7.15 -6.74 -44.28
CA GLY A 365 5.95 -6.83 -43.44
C GLY A 365 5.93 -5.87 -42.26
N THR A 366 7.11 -5.45 -41.84
CA THR A 366 7.36 -4.64 -40.66
C THR A 366 7.77 -3.20 -40.87
N CYS A 367 8.37 -2.86 -42.01
CA CYS A 367 8.81 -1.49 -42.23
C CYS A 367 7.61 -0.57 -42.45
N VAL A 368 7.47 0.46 -41.60
CA VAL A 368 6.35 1.37 -41.76
C VAL A 368 6.75 2.71 -42.35
N THR A 369 8.01 3.09 -42.21
CA THR A 369 8.47 4.38 -42.76
C THR A 369 9.96 4.22 -43.02
N ARG A 370 10.43 4.81 -44.11
CA ARG A 370 11.85 4.65 -44.47
C ARG A 370 12.34 5.87 -45.25
N ASP A 371 13.39 6.48 -44.73
CA ASP A 371 14.02 7.66 -45.30
C ASP A 371 13.08 8.80 -45.60
N GLY A 372 12.14 9.09 -44.70
CA GLY A 372 11.24 10.20 -44.87
C GLY A 372 10.02 9.93 -45.72
N ALA A 373 9.77 8.69 -46.10
CA ALA A 373 8.58 8.34 -46.87
C ALA A 373 7.85 7.17 -46.19
N ILE A 374 6.55 7.34 -45.94
CA ILE A 374 5.80 6.25 -45.30
C ILE A 374 5.77 5.05 -46.24
N VAL A 375 5.95 3.87 -45.67
CA VAL A 375 5.96 2.64 -46.46
C VAL A 375 4.69 1.85 -46.23
N HIS A 376 4.33 1.63 -44.97
CA HIS A 376 3.11 0.82 -44.76
C HIS A 376 1.93 1.55 -45.39
N PRO A 377 1.23 0.87 -46.27
CA PRO A 377 0.06 1.40 -46.95
C PRO A 377 -1.03 2.01 -46.09
N ALA A 378 -1.25 1.56 -44.86
CA ALA A 378 -2.27 2.13 -43.98
C ALA A 378 -1.79 3.41 -43.30
N LEU A 379 -0.48 3.68 -43.34
CA LEU A 379 0.04 4.85 -42.64
C LEU A 379 0.16 6.07 -43.51
N THR A 380 -0.16 6.01 -44.79
CA THR A 380 -0.09 7.20 -45.65
C THR A 380 -1.12 8.22 -45.17
N GLY A 381 -0.89 9.51 -45.39
CA GLY A 381 -1.85 10.53 -44.94
C GLY A 381 -1.26 11.92 -44.77
N GLN A 382 -2.05 12.81 -44.15
CA GLN A 382 -1.62 14.18 -43.96
C GLN A 382 -1.04 14.35 -42.56
N GLY A 383 -0.16 15.33 -42.40
CA GLY A 383 0.40 15.60 -41.06
C GLY A 383 -0.74 16.13 -40.19
N ALA A 384 -0.58 16.13 -38.86
CA ALA A 384 -1.63 16.61 -37.99
C ALA A 384 -1.57 18.13 -37.79
N MSE B 1 -36.38 17.27 -19.44
CA MSE B 1 -34.93 17.10 -19.77
C MSE B 1 -34.22 16.40 -18.61
O MSE B 1 -34.38 16.73 -17.44
CB MSE B 1 -34.32 18.46 -20.08
CG MSE B 1 -34.62 19.46 -18.96
SE MSE B 1 -34.40 21.28 -19.44
CE MSE B 1 -35.05 22.16 -17.89
N LYS B 2 -33.44 15.38 -18.97
CA LYS B 2 -32.71 14.58 -18.02
C LYS B 2 -31.21 14.91 -18.03
N ILE B 3 -30.70 14.99 -16.82
CA ILE B 3 -29.27 15.22 -16.63
C ILE B 3 -28.73 14.02 -15.85
N ALA B 4 -27.64 13.42 -16.30
CA ALA B 4 -27.12 12.25 -15.58
C ALA B 4 -25.66 12.48 -15.20
N ILE B 5 -25.28 11.93 -14.06
CA ILE B 5 -23.93 12.01 -13.53
C ILE B 5 -23.48 10.58 -13.21
N PRO B 6 -22.45 10.10 -13.88
CA PRO B 6 -21.92 8.76 -13.65
C PRO B 6 -20.81 8.77 -12.61
N LYS B 7 -20.36 7.59 -12.23
CA LYS B 7 -19.23 7.44 -11.33
C LYS B 7 -17.98 7.65 -12.18
N GLU B 8 -17.01 8.32 -11.58
CA GLU B 8 -15.73 8.55 -12.26
C GLU B 8 -14.97 7.22 -12.28
N ARG B 9 -14.49 6.79 -13.42
CA ARG B 9 -13.80 5.51 -13.53
C ARG B 9 -12.30 5.60 -13.71
N ARG B 10 -11.74 6.77 -14.00
CA ARG B 10 -10.30 6.86 -14.18
C ARG B 10 -9.63 6.49 -12.85
N PRO B 11 -8.50 5.79 -12.93
CA PRO B 11 -7.77 5.38 -11.75
C PRO B 11 -7.49 6.55 -10.81
N GLY B 12 -7.74 6.35 -9.54
CA GLY B 12 -7.56 7.34 -8.49
C GLY B 12 -8.61 8.42 -8.37
N GLU B 13 -9.56 8.54 -9.29
CA GLU B 13 -10.53 9.63 -9.23
C GLU B 13 -11.68 9.37 -8.27
N ASP B 14 -11.72 10.12 -7.18
CA ASP B 14 -12.77 10.01 -6.17
C ASP B 14 -13.80 11.14 -6.18
N ARG B 15 -13.64 12.13 -7.04
CA ARG B 15 -14.58 13.24 -7.12
C ARG B 15 -15.82 12.80 -7.91
N VAL B 16 -16.90 13.55 -7.82
CA VAL B 16 -18.12 13.25 -8.55
C VAL B 16 -18.70 14.61 -8.95
N ALA B 17 -19.32 14.72 -10.13
CA ALA B 17 -19.83 16.02 -10.55
C ALA B 17 -21.24 16.32 -10.07
N ILE B 18 -21.48 16.21 -8.76
CA ILE B 18 -22.81 16.50 -8.22
C ILE B 18 -22.73 16.64 -6.72
N SER B 19 -23.74 17.20 -6.10
CA SER B 19 -23.91 17.31 -4.66
C SER B 19 -25.42 17.39 -4.43
N PRO B 20 -25.88 16.99 -3.24
CA PRO B 20 -27.28 17.07 -2.88
C PRO B 20 -27.85 18.44 -3.16
N GLU B 21 -27.18 19.49 -2.70
CA GLU B 21 -27.57 20.88 -2.89
C GLU B 21 -27.75 21.24 -4.36
N VAL B 22 -26.87 20.75 -5.24
CA VAL B 22 -26.99 21.04 -6.67
C VAL B 22 -28.14 20.24 -7.27
N VAL B 23 -28.36 19.02 -6.81
CA VAL B 23 -29.52 18.25 -7.25
C VAL B 23 -30.79 19.06 -7.02
N LYS B 24 -30.95 19.59 -5.81
CA LYS B 24 -32.11 20.42 -5.48
C LYS B 24 -32.29 21.58 -6.45
N LYS B 25 -31.23 22.31 -6.75
CA LYS B 25 -31.31 23.43 -7.69
C LYS B 25 -31.68 22.91 -9.07
N LEU B 26 -31.12 21.80 -9.50
CA LEU B 26 -31.41 21.22 -10.81
C LEU B 26 -32.87 20.79 -10.89
N VAL B 27 -33.38 20.14 -9.85
CA VAL B 27 -34.79 19.75 -9.81
C VAL B 27 -35.64 21.01 -9.87
N GLY B 28 -35.30 22.04 -9.11
CA GLY B 28 -35.97 23.32 -9.15
C GLY B 28 -36.03 23.98 -10.51
N LEU B 29 -35.07 23.74 -11.41
CA LEU B 29 -35.08 24.30 -12.75
C LEU B 29 -35.89 23.46 -13.73
N GLY B 30 -36.37 22.28 -13.30
CA GLY B 30 -37.22 21.46 -14.11
C GLY B 30 -36.58 20.18 -14.61
N PHE B 31 -35.36 19.89 -14.20
CA PHE B 31 -34.67 18.68 -14.64
C PHE B 31 -35.01 17.44 -13.80
N GLU B 32 -34.87 16.31 -14.46
CA GLU B 32 -34.96 14.99 -13.85
C GLU B 32 -33.48 14.64 -13.66
N VAL B 33 -33.06 14.39 -12.43
CA VAL B 33 -31.66 14.13 -12.15
C VAL B 33 -31.41 12.66 -11.87
N ILE B 34 -30.50 12.04 -12.60
CA ILE B 34 -30.14 10.64 -12.45
C ILE B 34 -28.67 10.51 -12.03
N VAL B 35 -28.37 9.76 -10.98
CA VAL B 35 -26.98 9.58 -10.56
C VAL B 35 -26.67 8.09 -10.55
N GLU B 36 -25.50 7.70 -11.04
CA GLU B 36 -25.12 6.31 -11.03
C GLU B 36 -24.86 5.85 -9.58
N GLN B 37 -25.28 4.64 -9.29
CA GLN B 37 -25.11 3.99 -8.00
C GLN B 37 -23.68 4.10 -7.51
N GLY B 38 -23.51 4.66 -6.32
CA GLY B 38 -22.20 4.81 -5.71
C GLY B 38 -21.28 5.84 -6.34
N ALA B 39 -21.78 6.70 -7.22
CA ALA B 39 -20.91 7.70 -7.86
C ALA B 39 -20.29 8.66 -6.85
N GLY B 40 -20.95 8.97 -5.74
CA GLY B 40 -20.46 9.91 -4.76
C GLY B 40 -19.84 9.31 -3.51
N VAL B 41 -19.63 8.00 -3.44
CA VAL B 41 -19.07 7.42 -2.22
C VAL B 41 -17.69 7.97 -1.89
N GLY B 42 -16.84 8.15 -2.89
CA GLY B 42 -15.50 8.70 -2.68
C GLY B 42 -15.55 10.15 -2.19
N ALA B 43 -16.63 10.87 -2.44
CA ALA B 43 -16.83 12.23 -2.00
C ALA B 43 -17.78 12.33 -0.81
N SER B 44 -18.04 11.24 -0.11
CA SER B 44 -18.91 11.19 1.05
C SER B 44 -20.36 11.54 0.78
N ILE B 45 -20.81 11.26 -0.44
CA ILE B 45 -22.18 11.56 -0.87
C ILE B 45 -22.89 10.22 -1.09
N THR B 46 -23.88 9.91 -0.25
CA THR B 46 -24.55 8.63 -0.40
C THR B 46 -25.68 8.72 -1.42
N ASP B 47 -26.11 7.56 -1.90
CA ASP B 47 -27.24 7.50 -2.83
C ASP B 47 -28.50 8.05 -2.15
N ASP B 48 -28.69 7.75 -0.87
CA ASP B 48 -29.82 8.22 -0.09
C ASP B 48 -29.85 9.74 0.06
N ALA B 49 -28.68 10.36 0.24
CA ALA B 49 -28.66 11.83 0.34
C ALA B 49 -29.08 12.42 -1.00
N LEU B 50 -28.62 11.84 -2.10
CA LEU B 50 -28.97 12.32 -3.44
C LEU B 50 -30.46 12.12 -3.71
N THR B 51 -30.99 10.96 -3.33
CA THR B 51 -32.42 10.69 -3.46
C THR B 51 -33.24 11.69 -2.67
N ALA B 52 -32.86 11.98 -1.44
CA ALA B 52 -33.55 12.94 -0.58
C ALA B 52 -33.62 14.33 -1.19
N ALA B 53 -32.60 14.69 -1.97
CA ALA B 53 -32.55 15.97 -2.66
C ALA B 53 -33.37 15.95 -3.95
N GLY B 54 -33.85 14.80 -4.41
CA GLY B 54 -34.70 14.79 -5.59
C GLY B 54 -34.14 14.00 -6.75
N ALA B 55 -32.99 13.34 -6.59
CA ALA B 55 -32.43 12.56 -7.69
C ALA B 55 -32.94 11.13 -7.71
N THR B 56 -32.79 10.52 -8.88
CA THR B 56 -33.08 9.12 -9.11
C THR B 56 -31.73 8.42 -9.16
N ILE B 57 -31.64 7.18 -8.72
CA ILE B 57 -30.39 6.43 -8.73
C ILE B 57 -30.41 5.37 -9.82
N ALA B 58 -29.36 5.32 -10.65
CA ALA B 58 -29.27 4.32 -11.70
C ALA B 58 -28.36 3.20 -11.20
N SER B 59 -28.70 1.97 -11.54
CA SER B 59 -27.93 0.82 -11.07
C SER B 59 -26.65 0.63 -11.87
N THR B 60 -26.60 1.14 -13.11
CA THR B 60 -25.39 1.00 -13.91
C THR B 60 -25.05 2.31 -14.62
N ALA B 61 -23.82 2.37 -15.11
CA ALA B 61 -23.30 3.51 -15.87
C ALA B 61 -24.12 3.70 -17.14
N ALA B 62 -24.27 2.59 -17.88
CA ALA B 62 -25.06 2.57 -19.10
C ALA B 62 -26.49 3.03 -18.85
N GLN B 63 -27.10 2.60 -17.76
CA GLN B 63 -28.47 2.98 -17.45
C GLN B 63 -28.58 4.45 -17.08
N ALA B 64 -27.57 4.95 -16.34
CA ALA B 64 -27.60 6.37 -15.99
C ALA B 64 -27.57 7.25 -17.25
N LEU B 65 -26.71 6.92 -18.21
CA LEU B 65 -26.53 7.74 -19.41
C LEU B 65 -27.41 7.49 -20.60
N SER B 66 -28.00 6.31 -20.75
CA SER B 66 -28.79 5.97 -21.92
C SER B 66 -29.78 7.03 -22.36
N GLN B 67 -30.59 7.62 -21.49
CA GLN B 67 -31.54 8.62 -21.91
C GLN B 67 -31.21 10.05 -21.49
N ALA B 68 -29.95 10.31 -21.12
CA ALA B 68 -29.59 11.64 -20.67
C ALA B 68 -29.39 12.64 -21.81
N ASP B 69 -30.04 13.79 -21.68
CA ASP B 69 -29.90 14.86 -22.64
C ASP B 69 -28.62 15.64 -22.32
N VAL B 70 -28.31 15.68 -21.03
CA VAL B 70 -27.16 16.39 -20.50
C VAL B 70 -26.37 15.46 -19.57
N VAL B 71 -25.08 15.31 -19.84
CA VAL B 71 -24.22 14.48 -19.00
C VAL B 71 -23.20 15.37 -18.29
N TRP B 72 -23.09 15.20 -16.97
CA TRP B 72 -22.11 15.94 -16.20
C TRP B 72 -21.08 14.94 -15.65
N LYS B 73 -19.81 15.26 -15.80
CA LYS B 73 -18.80 14.39 -15.20
C LYS B 73 -17.58 15.24 -14.85
N VAL B 74 -16.66 14.67 -14.09
CA VAL B 74 -15.45 15.37 -13.73
C VAL B 74 -14.38 15.24 -14.80
N GLN B 75 -13.82 14.03 -14.98
CA GLN B 75 -12.77 13.87 -15.99
C GLN B 75 -13.32 13.46 -17.35
N ARG B 76 -12.54 13.64 -18.41
CA ARG B 76 -13.03 13.29 -19.74
C ARG B 76 -13.38 11.79 -19.81
N PRO B 77 -14.39 11.46 -20.59
CA PRO B 77 -14.77 10.07 -20.80
C PRO B 77 -13.60 9.26 -21.38
N MSE B 78 -13.52 8.03 -20.91
CA MSE B 78 -12.51 7.07 -21.38
C MSE B 78 -12.97 6.64 -22.77
O MSE B 78 -14.19 6.65 -23.00
CB MSE B 78 -12.45 5.87 -20.44
CG MSE B 78 -11.97 6.24 -19.04
SE MSE B 78 -11.55 4.77 -17.90
CE MSE B 78 -10.19 3.92 -18.88
N THR B 79 -12.06 6.29 -23.66
CA THR B 79 -12.41 5.84 -25.00
C THR B 79 -12.06 4.35 -25.17
N ALA B 80 -12.47 3.76 -26.29
CA ALA B 80 -12.16 2.37 -26.58
C ALA B 80 -10.67 2.09 -26.57
N GLU B 81 -9.81 2.96 -27.06
CA GLU B 81 -8.37 2.78 -27.06
C GLU B 81 -7.79 2.62 -25.66
N GLU B 82 -8.41 3.19 -24.63
CA GLU B 82 -7.98 3.10 -23.25
C GLU B 82 -8.60 1.87 -22.57
N GLY B 83 -9.45 1.13 -23.28
CA GLY B 83 -10.00 -0.09 -22.75
C GLY B 83 -11.42 -0.02 -22.24
N THR B 84 -11.99 1.18 -22.09
CA THR B 84 -13.35 1.32 -21.59
C THR B 84 -14.05 2.41 -22.41
N ASP B 85 -15.00 2.08 -23.28
CA ASP B 85 -15.62 3.11 -24.12
C ASP B 85 -16.76 3.82 -23.42
N GLU B 86 -16.42 4.86 -22.66
CA GLU B 86 -17.47 5.62 -21.98
C GLU B 86 -18.20 6.53 -22.94
N VAL B 87 -17.56 6.98 -24.03
CA VAL B 87 -18.30 7.88 -24.92
C VAL B 87 -19.45 7.18 -25.63
N ALA B 88 -19.40 5.87 -25.83
CA ALA B 88 -20.49 5.11 -26.43
C ALA B 88 -21.72 5.05 -25.55
N LEU B 89 -21.59 5.30 -24.25
CA LEU B 89 -22.71 5.33 -23.31
C LEU B 89 -23.53 6.60 -23.39
N ILE B 90 -22.93 7.68 -23.90
CA ILE B 90 -23.59 8.97 -23.99
C ILE B 90 -24.52 8.98 -25.20
N LYS B 91 -25.77 9.37 -25.01
CA LYS B 91 -26.73 9.40 -26.11
C LYS B 91 -26.31 10.30 -27.25
N GLU B 92 -26.48 9.82 -28.47
CA GLU B 92 -26.12 10.61 -29.66
C GLU B 92 -26.87 11.94 -29.63
N GLY B 93 -26.16 13.04 -29.83
CA GLY B 93 -26.77 14.35 -29.78
C GLY B 93 -26.89 14.94 -28.39
N ALA B 94 -26.44 14.27 -27.33
CA ALA B 94 -26.56 14.85 -25.99
C ALA B 94 -25.50 15.92 -25.74
N VAL B 95 -25.59 16.59 -24.61
CA VAL B 95 -24.64 17.62 -24.22
C VAL B 95 -23.74 17.02 -23.14
N LEU B 96 -22.44 17.21 -23.26
CA LEU B 96 -21.49 16.75 -22.25
C LEU B 96 -20.74 17.94 -21.66
N MSE B 97 -20.68 18.03 -20.33
CA MSE B 97 -19.96 19.12 -19.68
C MSE B 97 -18.97 18.51 -18.68
O MSE B 97 -19.44 17.80 -17.80
CB MSE B 97 -20.90 20.08 -18.95
CG MSE B 97 -21.93 20.80 -19.79
SE MSE B 97 -23.09 21.97 -18.82
CE MSE B 97 -24.36 22.42 -20.16
N CYS B 98 -17.69 18.77 -18.82
CA CYS B 98 -16.71 18.18 -17.89
C CYS B 98 -15.34 18.80 -18.12
N HIS B 99 -14.33 18.33 -17.39
CA HIS B 99 -12.95 18.75 -17.65
C HIS B 99 -12.52 17.83 -18.81
N LEU B 100 -12.56 18.32 -20.03
CA LEU B 100 -12.32 17.48 -21.20
C LEU B 100 -10.86 17.33 -21.55
N GLY B 101 -10.04 18.31 -21.19
CA GLY B 101 -8.62 18.34 -21.61
C GLY B 101 -8.65 18.39 -23.14
N ALA B 102 -9.55 19.20 -23.67
CA ALA B 102 -9.83 19.28 -25.09
C ALA B 102 -8.71 19.74 -26.00
N LEU B 103 -7.77 20.55 -25.52
CA LEU B 103 -6.73 21.01 -26.45
C LEU B 103 -5.58 20.04 -26.52
N THR B 104 -5.58 19.05 -25.64
CA THR B 104 -4.56 18.03 -25.51
C THR B 104 -5.03 16.61 -25.70
N ASN B 105 -6.34 16.40 -25.93
CA ASN B 105 -6.88 15.05 -26.06
C ASN B 105 -7.74 14.94 -27.32
N ARG B 106 -7.06 14.98 -28.47
CA ARG B 106 -7.73 14.87 -29.76
C ARG B 106 -8.62 13.65 -29.84
N PRO B 107 -8.12 12.47 -29.49
CA PRO B 107 -8.91 11.25 -29.57
C PRO B 107 -10.26 11.31 -28.90
N VAL B 108 -10.40 11.83 -27.68
CA VAL B 108 -11.72 11.85 -27.05
C VAL B 108 -12.65 12.82 -27.77
N VAL B 109 -12.12 13.95 -28.23
CA VAL B 109 -12.94 14.91 -28.99
C VAL B 109 -13.45 14.27 -30.27
N GLU B 110 -12.59 13.55 -30.97
CA GLU B 110 -13.00 12.82 -32.17
C GLU B 110 -14.08 11.80 -31.86
N ALA B 111 -13.92 11.04 -30.75
CA ALA B 111 -14.92 10.03 -30.40
C ALA B 111 -16.30 10.64 -30.15
N LEU B 112 -16.32 11.73 -29.40
CA LEU B 112 -17.54 12.48 -29.11
C LEU B 112 -18.18 13.02 -30.39
N THR B 113 -17.34 13.55 -31.27
CA THR B 113 -17.78 14.12 -32.54
C THR B 113 -18.50 13.09 -33.39
N LYS B 114 -18.02 11.84 -33.40
CA LYS B 114 -18.70 10.78 -34.13
C LYS B 114 -20.12 10.53 -33.64
N ARG B 115 -20.40 10.72 -32.37
CA ARG B 115 -21.74 10.57 -31.80
C ARG B 115 -22.51 11.87 -31.80
N LYS B 116 -22.02 12.92 -32.48
CA LYS B 116 -22.71 14.20 -32.55
C LYS B 116 -23.03 14.76 -31.18
N ILE B 117 -22.07 14.60 -30.25
CA ILE B 117 -22.29 15.10 -28.90
C ILE B 117 -21.79 16.54 -28.78
N THR B 118 -22.52 17.39 -28.08
CA THR B 118 -22.06 18.77 -27.87
C THR B 118 -21.25 18.77 -26.57
N ALA B 119 -19.95 19.00 -26.69
CA ALA B 119 -19.08 18.95 -25.52
C ALA B 119 -18.56 20.33 -25.15
N TYR B 120 -18.78 20.67 -23.88
CA TYR B 120 -18.35 21.93 -23.29
C TYR B 120 -17.15 21.64 -22.37
N ALA B 121 -15.97 22.07 -22.77
CA ALA B 121 -14.74 21.81 -22.04
C ALA B 121 -14.58 22.87 -20.97
N MSE B 122 -14.95 22.51 -19.72
CA MSE B 122 -14.97 23.48 -18.64
C MSE B 122 -13.63 24.11 -18.35
O MSE B 122 -13.62 25.28 -17.91
CB MSE B 122 -15.58 22.81 -17.38
CG MSE B 122 -16.99 22.30 -17.78
SE MSE B 122 -18.31 23.71 -17.76
CE MSE B 122 -18.05 24.34 -15.99
N GLU B 123 -12.50 23.48 -18.65
CA GLU B 123 -11.21 24.06 -18.44
C GLU B 123 -10.93 25.22 -19.38
N LEU B 124 -11.72 25.41 -20.43
CA LEU B 124 -11.56 26.53 -21.34
C LEU B 124 -12.43 27.73 -20.98
N MSE B 125 -13.06 27.77 -19.82
CA MSE B 125 -13.89 28.88 -19.41
C MSE B 125 -13.13 30.20 -19.59
O MSE B 125 -11.99 30.30 -19.16
CB MSE B 125 -14.30 28.76 -17.94
CG MSE B 125 -15.39 29.79 -17.63
SE MSE B 125 -17.08 29.29 -18.19
CE MSE B 125 -17.07 27.39 -17.80
N PRO B 126 -13.72 31.14 -20.31
CA PRO B 126 -13.00 32.38 -20.60
C PRO B 126 -12.54 33.02 -19.32
N ARG B 127 -11.40 33.71 -19.36
CA ARG B 127 -10.90 34.40 -18.17
C ARG B 127 -11.58 35.73 -17.95
N ILE B 128 -12.89 35.78 -17.75
CA ILE B 128 -13.65 36.99 -17.53
C ILE B 128 -14.21 36.95 -16.10
N SER B 129 -14.24 38.11 -15.46
CA SER B 129 -14.69 38.27 -14.09
C SER B 129 -16.03 37.67 -13.79
N ARG B 130 -16.98 37.73 -14.71
CA ARG B 130 -18.29 37.15 -14.51
C ARG B 130 -18.27 35.63 -14.65
N ALA B 131 -17.16 35.02 -15.08
CA ALA B 131 -17.14 33.56 -15.17
C ALA B 131 -16.51 32.94 -13.94
N GLN B 132 -16.00 33.75 -13.03
CA GLN B 132 -15.35 33.29 -11.82
C GLN B 132 -16.08 32.16 -11.10
N SER B 133 -17.38 32.25 -10.91
CA SER B 133 -18.18 31.24 -10.23
C SER B 133 -18.37 29.95 -11.02
N MSE B 134 -17.90 29.89 -12.25
CA MSE B 134 -17.99 28.79 -13.17
C MSE B 134 -16.64 28.12 -13.43
O MSE B 134 -16.57 27.14 -14.17
CB MSE B 134 -18.44 29.34 -14.55
CG MSE B 134 -19.80 30.01 -14.54
SE MSE B 134 -20.11 30.90 -16.24
CE MSE B 134 -21.83 31.57 -15.88
N ASP B 135 -15.57 28.70 -12.90
CA ASP B 135 -14.24 28.21 -13.21
C ASP B 135 -13.75 27.03 -12.38
N ILE B 136 -13.69 25.85 -12.98
CA ILE B 136 -13.22 24.65 -12.30
C ILE B 136 -11.72 24.67 -12.00
N LEU B 137 -10.92 25.33 -12.84
CA LEU B 137 -9.48 25.36 -12.60
C LEU B 137 -9.16 25.99 -11.25
N SER B 138 -9.80 27.11 -10.91
CA SER B 138 -9.53 27.76 -9.64
C SER B 138 -10.27 27.11 -8.48
N SER B 139 -11.47 26.58 -8.65
CA SER B 139 -12.10 25.91 -7.50
C SER B 139 -11.29 24.69 -7.07
N GLN B 140 -10.77 23.91 -8.00
CA GLN B 140 -9.97 22.72 -7.69
C GLN B 140 -8.56 23.06 -7.26
N SER B 141 -7.93 24.05 -7.87
CA SER B 141 -6.62 24.55 -7.51
C SER B 141 -6.49 25.04 -6.07
N ASN B 142 -7.50 25.81 -5.67
CA ASN B 142 -7.55 26.34 -4.30
C ASN B 142 -7.47 25.19 -3.29
N LEU B 143 -8.24 24.12 -3.51
CA LEU B 143 -8.16 22.95 -2.62
C LEU B 143 -6.84 22.22 -2.68
N ALA B 144 -6.26 22.12 -3.88
CA ALA B 144 -4.96 21.48 -4.04
C ALA B 144 -3.88 22.21 -3.25
N GLY B 145 -3.91 23.54 -3.19
CA GLY B 145 -2.94 24.32 -2.45
C GLY B 145 -3.03 24.05 -0.94
N TYR B 146 -4.27 23.99 -0.44
CA TYR B 146 -4.48 23.61 0.95
C TYR B 146 -3.87 22.23 1.20
N ARG B 147 -4.21 21.29 0.30
CA ARG B 147 -3.80 19.90 0.44
C ARG B 147 -2.30 19.72 0.41
N ALA B 148 -1.58 20.50 -0.38
CA ALA B 148 -0.13 20.41 -0.45
C ALA B 148 0.50 20.59 0.93
N VAL B 149 -0.05 21.53 1.72
CA VAL B 149 0.46 21.77 3.08
C VAL B 149 0.06 20.62 3.99
N ILE B 150 -1.13 20.05 3.83
CA ILE B 150 -1.50 18.91 4.71
C ILE B 150 -0.57 17.75 4.39
N ASP B 151 -0.33 17.48 3.09
CA ASP B 151 0.57 16.37 2.73
C ASP B 151 1.99 16.66 3.20
N GLY B 152 2.45 17.91 3.08
CA GLY B 152 3.78 18.26 3.57
C GLY B 152 3.89 18.06 5.08
N ALA B 153 2.92 18.54 5.86
CA ALA B 153 2.91 18.36 7.29
C ALA B 153 2.89 16.88 7.68
N TYR B 154 2.14 16.08 6.95
CA TYR B 154 2.06 14.63 7.18
C TYR B 154 3.40 13.94 6.95
N GLU B 155 4.09 14.31 5.88
CA GLU B 155 5.38 13.68 5.56
C GLU B 155 6.54 14.24 6.37
N PHE B 156 6.37 15.35 7.07
CA PHE B 156 7.44 15.93 7.87
C PHE B 156 7.44 15.38 9.29
N ALA B 157 8.63 15.10 9.81
CA ALA B 157 8.82 14.55 11.14
C ALA B 157 8.91 15.55 12.27
N ARG B 158 8.62 16.81 12.05
CA ARG B 158 8.60 17.85 13.05
C ARG B 158 7.22 18.54 12.96
N ALA B 159 6.84 19.27 13.99
CA ALA B 159 5.60 20.00 14.02
C ALA B 159 5.77 21.30 13.23
N PHE B 160 4.70 21.84 12.68
CA PHE B 160 4.80 23.09 11.94
C PHE B 160 5.02 24.31 12.82
N PRO B 161 4.23 24.47 13.88
CA PRO B 161 4.31 25.62 14.76
C PRO B 161 5.52 25.68 15.66
N MSE B 162 5.93 26.90 16.01
CA MSE B 162 6.98 27.06 17.00
C MSE B 162 6.27 26.73 18.32
O MSE B 162 5.12 27.15 18.51
CB MSE B 162 7.55 28.48 17.02
CG MSE B 162 8.52 28.71 18.17
SE MSE B 162 8.95 30.60 18.25
CE MSE B 162 10.37 30.63 17.04
N MSE B 163 6.89 25.91 19.17
CA MSE B 163 6.24 25.53 20.43
C MSE B 163 7.19 25.84 21.59
O MSE B 163 8.29 25.29 21.63
CB MSE B 163 5.88 24.05 20.47
CG MSE B 163 4.92 23.66 19.36
SE MSE B 163 4.59 21.78 19.19
CE MSE B 163 2.71 21.85 19.32
N MSE B 164 6.74 26.70 22.49
CA MSE B 164 7.54 27.09 23.65
C MSE B 164 6.93 26.43 24.89
O MSE B 164 5.90 26.87 25.41
CB MSE B 164 7.59 28.62 23.77
CG MSE B 164 7.84 29.30 22.42
SE MSE B 164 8.00 31.20 22.68
CE MSE B 164 9.84 31.34 22.86
N THR B 165 7.51 25.31 25.28
CA THR B 165 7.01 24.52 26.39
C THR B 165 7.93 24.52 27.61
N ALA B 166 7.48 23.89 28.70
CA ALA B 166 8.33 23.73 29.88
C ALA B 166 9.57 22.91 29.62
N ALA B 167 9.50 21.98 28.66
CA ALA B 167 10.62 21.13 28.30
C ALA B 167 11.60 21.82 27.35
N GLY B 168 11.16 22.87 26.66
CA GLY B 168 12.07 23.55 25.71
C GLY B 168 11.24 24.05 24.53
N THR B 169 11.91 24.73 23.62
CA THR B 169 11.24 25.30 22.45
C THR B 169 11.65 24.47 21.23
N VAL B 170 10.68 24.20 20.38
CA VAL B 170 10.99 23.52 19.11
C VAL B 170 10.68 24.56 18.04
N PRO B 171 11.61 24.76 17.14
CA PRO B 171 11.49 25.78 16.11
C PRO B 171 10.36 25.47 15.15
N PRO B 172 9.81 26.49 14.51
CA PRO B 172 8.75 26.29 13.55
C PRO B 172 9.31 25.64 12.29
N ALA B 173 8.43 25.16 11.44
CA ALA B 173 8.81 24.66 10.12
C ALA B 173 8.94 25.88 9.21
N ARG B 174 9.86 25.83 8.27
CA ARG B 174 10.04 26.91 7.31
C ARG B 174 9.50 26.39 5.98
N VAL B 175 8.60 27.15 5.39
CA VAL B 175 7.95 26.74 4.14
C VAL B 175 8.27 27.73 3.05
N LEU B 176 8.54 27.22 1.84
CA LEU B 176 8.84 28.05 0.68
C LEU B 176 7.87 27.69 -0.44
N VAL B 177 7.03 28.64 -0.85
CA VAL B 177 6.05 28.36 -1.90
C VAL B 177 6.51 28.94 -3.23
N PHE B 178 6.73 28.10 -4.23
CA PHE B 178 7.15 28.57 -5.54
C PHE B 178 5.93 28.58 -6.48
N GLY B 179 5.57 29.76 -6.93
CA GLY B 179 4.41 29.94 -7.78
C GLY B 179 3.28 30.34 -6.83
N VAL B 180 2.85 31.58 -6.93
CA VAL B 180 1.79 32.09 -6.07
C VAL B 180 0.57 32.47 -6.93
N GLY B 181 0.02 31.44 -7.56
CA GLY B 181 -1.24 31.53 -8.28
C GLY B 181 -2.32 31.11 -7.27
N VAL B 182 -3.39 30.50 -7.75
CA VAL B 182 -4.48 30.07 -6.87
C VAL B 182 -4.04 29.03 -5.85
N ALA B 183 -3.35 27.98 -6.27
CA ALA B 183 -2.89 26.95 -5.36
C ALA B 183 -1.87 27.53 -4.35
N GLY B 184 -0.92 28.29 -4.83
CA GLY B 184 0.15 28.87 -4.02
C GLY B 184 -0.36 29.80 -2.94
N LEU B 185 -1.34 30.62 -3.24
CA LEU B 185 -1.96 31.49 -2.25
C LEU B 185 -2.62 30.68 -1.14
N GLN B 186 -3.32 29.60 -1.49
CA GLN B 186 -3.91 28.79 -0.43
C GLN B 186 -2.80 28.07 0.34
N ALA B 187 -1.72 27.65 -0.33
CA ALA B 187 -0.62 27.01 0.39
C ALA B 187 -0.07 27.98 1.43
N ILE B 188 0.16 29.25 1.03
CA ILE B 188 0.67 30.23 2.00
C ILE B 188 -0.29 30.37 3.17
N ALA B 189 -1.57 30.57 2.91
CA ALA B 189 -2.54 30.73 3.98
C ALA B 189 -2.56 29.52 4.91
N THR B 190 -2.57 28.31 4.35
CA THR B 190 -2.66 27.15 5.25
C THR B 190 -1.39 26.91 6.04
N ALA B 191 -0.23 27.14 5.44
CA ALA B 191 1.04 26.97 6.14
C ALA B 191 1.14 28.00 7.25
N LYS B 192 0.75 29.25 6.94
CA LYS B 192 0.79 30.30 7.96
C LYS B 192 -0.13 29.93 9.12
N ARG B 193 -1.33 29.45 8.83
CA ARG B 193 -2.32 29.01 9.80
C ARG B 193 -1.73 28.08 10.86
N LEU B 194 -0.95 27.10 10.36
CA LEU B 194 -0.31 26.10 11.19
C LEU B 194 0.93 26.61 11.92
N GLY B 195 1.35 27.86 11.73
CA GLY B 195 2.48 28.37 12.51
C GLY B 195 3.80 28.38 11.76
N ALA B 196 3.83 27.96 10.50
CA ALA B 196 5.12 27.99 9.80
C ALA B 196 5.54 29.41 9.48
N VAL B 197 6.82 29.59 9.21
CA VAL B 197 7.37 30.85 8.70
C VAL B 197 7.32 30.62 7.18
N VAL B 198 6.61 31.44 6.43
CA VAL B 198 6.42 31.20 5.00
C VAL B 198 7.08 32.23 4.10
N MSE B 199 7.82 31.73 3.13
CA MSE B 199 8.50 32.57 2.14
C MSE B 199 7.87 32.18 0.79
O MSE B 199 7.36 31.05 0.69
CB MSE B 199 9.99 32.34 2.02
CG MSE B 199 10.92 33.09 2.96
SE MSE B 199 10.45 33.03 4.79
CE MSE B 199 10.61 31.16 5.16
N ALA B 200 7.91 33.07 -0.19
CA ALA B 200 7.29 32.68 -1.48
C ALA B 200 7.90 33.48 -2.63
N THR B 201 7.75 32.94 -3.84
CA THR B 201 8.26 33.66 -5.00
C THR B 201 7.39 33.38 -6.22
N ASP B 202 7.38 34.31 -7.17
CA ASP B 202 6.62 34.16 -8.41
C ASP B 202 7.20 35.16 -9.42
N VAL B 203 6.97 34.95 -10.71
CA VAL B 203 7.49 35.88 -11.70
C VAL B 203 6.58 37.08 -11.89
N ARG B 204 5.32 37.03 -11.45
CA ARG B 204 4.42 38.16 -11.64
C ARG B 204 4.46 39.12 -10.46
N ALA B 205 4.67 40.39 -10.80
CA ALA B 205 4.76 41.48 -9.84
C ALA B 205 3.54 41.64 -8.96
N ALA B 206 2.33 41.45 -9.45
CA ALA B 206 1.13 41.57 -8.64
C ALA B 206 1.08 40.61 -7.45
N THR B 207 1.83 39.55 -7.48
CA THR B 207 1.96 38.54 -6.44
C THR B 207 2.65 39.02 -5.18
N LYS B 208 3.62 39.92 -5.30
CA LYS B 208 4.36 40.38 -4.12
C LYS B 208 3.40 40.85 -3.02
N GLU B 209 2.50 41.75 -3.35
CA GLU B 209 1.52 42.27 -2.40
C GLU B 209 0.58 41.19 -1.86
N GLN B 210 0.19 40.24 -2.70
CA GLN B 210 -0.70 39.16 -2.28
C GLN B 210 0.00 38.31 -1.22
N VAL B 211 1.27 38.00 -1.42
CA VAL B 211 2.05 37.24 -0.47
C VAL B 211 2.19 37.97 0.86
N GLU B 212 2.56 39.24 0.79
CA GLU B 212 2.74 40.09 1.96
C GLU B 212 1.48 40.29 2.76
N SER B 213 0.32 40.37 2.11
CA SER B 213 -0.94 40.54 2.81
C SER B 213 -1.32 39.29 3.61
N LEU B 214 -0.79 38.13 3.22
CA LEU B 214 -1.03 36.87 3.91
C LEU B 214 0.02 36.64 5.00
N GLY B 215 1.02 37.49 5.12
CA GLY B 215 2.05 37.33 6.12
C GLY B 215 3.27 36.56 5.62
N GLY B 216 3.33 36.28 4.31
CA GLY B 216 4.51 35.59 3.79
C GLY B 216 5.59 36.61 3.42
N LYS B 217 6.82 36.17 3.34
CA LYS B 217 7.92 37.02 2.92
C LYS B 217 8.22 36.76 1.44
N PHE B 218 8.13 37.78 0.59
CA PHE B 218 8.37 37.58 -0.83
C PHE B 218 9.86 37.56 -1.17
N ILE B 219 10.28 36.62 -2.02
CA ILE B 219 11.67 36.58 -2.45
C ILE B 219 11.75 37.19 -3.85
N THR B 220 12.01 38.50 -3.95
CA THR B 220 12.10 39.16 -5.25
C THR B 220 13.37 38.71 -5.98
N VAL B 221 13.27 38.55 -7.30
CA VAL B 221 14.43 38.13 -8.08
C VAL B 221 14.85 39.26 -9.03
N ASP B 222 13.89 39.83 -9.74
CA ASP B 222 14.14 40.91 -10.70
C ASP B 222 12.87 41.75 -10.81
N ASP B 223 12.77 42.78 -9.98
CA ASP B 223 11.60 43.63 -9.90
C ASP B 223 11.01 44.17 -11.20
N GLU B 224 11.83 44.64 -12.12
CA GLU B 224 11.32 45.25 -13.35
C GLU B 224 10.98 44.26 -14.43
N ALA B 225 11.64 43.09 -14.44
CA ALA B 225 11.30 42.03 -15.39
C ALA B 225 9.96 41.43 -14.96
N MSE B 226 9.74 41.48 -13.65
CA MSE B 226 8.52 41.05 -13.00
C MSE B 226 7.31 41.87 -13.43
O MSE B 226 6.19 41.36 -13.55
CB MSE B 226 8.75 41.20 -11.49
CG MSE B 226 7.85 40.37 -10.61
SE MSE B 226 8.49 40.05 -8.85
CE MSE B 226 10.34 39.82 -9.13
N LYS B 227 7.50 43.16 -13.69
CA LYS B 227 6.48 44.07 -14.14
C LYS B 227 5.76 43.66 -15.42
N THR B 228 6.56 43.14 -16.35
CA THR B 228 6.10 42.71 -17.66
C THR B 228 5.87 41.20 -17.75
N ALA B 229 5.95 40.48 -16.64
CA ALA B 229 5.80 39.03 -16.64
C ALA B 229 4.39 38.48 -16.73
N GLU B 230 3.36 39.22 -16.35
CA GLU B 230 1.99 38.72 -16.44
C GLU B 230 1.38 38.97 -17.82
N THR B 231 0.76 37.95 -18.39
CA THR B 231 0.10 38.07 -19.68
C THR B 231 -1.32 38.61 -19.48
N ALA B 232 -1.99 38.93 -20.57
CA ALA B 232 -3.33 39.47 -20.56
C ALA B 232 -4.36 38.63 -19.85
N GLY B 233 -4.26 37.30 -19.87
CA GLY B 233 -5.19 36.42 -19.21
C GLY B 233 -4.95 36.21 -17.73
N GLY B 234 -3.85 36.72 -17.20
CA GLY B 234 -3.53 36.61 -15.78
C GLY B 234 -2.40 35.61 -15.52
N TYR B 235 -1.89 34.99 -16.57
CA TYR B 235 -0.84 34.01 -16.48
C TYR B 235 0.56 34.58 -16.60
N ALA B 236 1.54 33.70 -16.44
CA ALA B 236 2.95 34.05 -16.53
C ALA B 236 3.57 33.69 -17.87
N LYS B 237 4.63 34.42 -18.18
CA LYS B 237 5.40 34.26 -19.41
C LYS B 237 6.67 33.46 -19.17
N GLU B 238 7.12 32.77 -20.21
CA GLU B 238 8.36 31.99 -20.19
C GLU B 238 9.51 32.99 -20.11
N MSE B 239 10.18 32.99 -18.96
CA MSE B 239 11.19 33.97 -18.62
C MSE B 239 12.57 33.85 -19.23
O MSE B 239 13.23 34.90 -19.35
CB MSE B 239 11.31 34.01 -17.07
CG MSE B 239 9.97 34.14 -16.38
SE MSE B 239 9.12 35.83 -16.70
CE MSE B 239 10.45 37.02 -16.03
N GLY B 240 13.05 32.67 -19.58
CA GLY B 240 14.39 32.57 -20.15
C GLY B 240 15.44 32.15 -19.13
N GLU B 241 16.59 31.71 -19.62
CA GLU B 241 17.67 31.22 -18.78
C GLU B 241 18.33 32.26 -17.90
N GLU B 242 18.56 33.49 -18.37
CA GLU B 242 19.17 34.49 -17.50
C GLU B 242 18.38 34.60 -16.19
N PHE B 243 17.07 34.84 -16.32
CA PHE B 243 16.19 34.93 -15.17
C PHE B 243 16.24 33.66 -14.35
N ARG B 244 16.10 32.50 -14.99
CA ARG B 244 16.13 31.22 -14.29
C ARG B 244 17.36 31.08 -13.40
N LYS B 245 18.54 31.44 -13.91
CA LYS B 245 19.77 31.42 -13.13
C LYS B 245 19.69 32.41 -11.96
N LYS B 246 19.19 33.60 -12.21
CA LYS B 246 19.03 34.61 -11.18
C LYS B 246 18.11 34.11 -10.06
N GLN B 247 16.93 33.68 -10.45
CA GLN B 247 15.93 33.12 -9.55
C GLN B 247 16.54 32.02 -8.67
N ALA B 248 17.17 31.04 -9.30
CA ALA B 248 17.82 29.93 -8.62
C ALA B 248 18.80 30.38 -7.55
N GLU B 249 19.63 31.39 -7.82
CA GLU B 249 20.60 31.84 -6.83
C GLU B 249 19.93 32.64 -5.72
N ALA B 250 18.90 33.40 -6.07
CA ALA B 250 18.17 34.18 -5.07
C ALA B 250 17.47 33.24 -4.09
N VAL B 251 16.86 32.21 -4.64
CA VAL B 251 16.11 31.18 -3.94
C VAL B 251 16.95 30.27 -3.08
N LEU B 252 18.15 29.89 -3.51
CA LEU B 252 19.00 29.01 -2.74
C LEU B 252 19.21 29.41 -1.29
N LYS B 253 19.51 30.66 -1.00
CA LYS B 253 19.72 31.11 0.36
C LYS B 253 18.60 30.60 1.28
N GLU B 254 17.36 30.81 0.87
CA GLU B 254 16.22 30.33 1.64
C GLU B 254 16.01 28.84 1.52
N LEU B 255 16.21 28.26 0.33
CA LEU B 255 15.98 26.85 0.13
C LEU B 255 16.82 25.96 1.02
N VAL B 256 18.08 26.31 1.26
CA VAL B 256 18.94 25.58 2.18
C VAL B 256 18.40 25.54 3.61
N LYS B 257 17.59 26.51 4.01
CA LYS B 257 16.99 26.57 5.33
C LYS B 257 15.55 26.09 5.29
N THR B 258 15.01 25.84 4.11
CA THR B 258 13.62 25.42 3.97
C THR B 258 13.35 23.98 4.41
N ASP B 259 12.23 23.79 5.09
CA ASP B 259 11.82 22.46 5.53
C ASP B 259 10.85 21.85 4.51
N ILE B 260 9.87 22.66 4.08
CA ILE B 260 8.87 22.20 3.14
C ILE B 260 8.85 23.11 1.90
N ALA B 261 9.09 22.58 0.71
CA ALA B 261 9.05 23.40 -0.49
C ALA B 261 7.85 22.94 -1.34
N ILE B 262 6.96 23.88 -1.61
CA ILE B 262 5.75 23.59 -2.37
C ILE B 262 5.82 24.31 -3.71
N THR B 263 5.83 23.54 -4.79
CA THR B 263 5.97 24.14 -6.14
C THR B 263 4.70 23.95 -6.93
N THR B 264 4.16 25.03 -7.50
CA THR B 264 2.86 25.06 -8.16
C THR B 264 2.87 25.72 -9.53
N ALA B 265 4.02 26.05 -10.08
CA ALA B 265 4.11 26.84 -11.30
C ALA B 265 3.81 26.09 -12.59
N LEU B 266 2.99 26.76 -13.40
CA LEU B 266 2.58 26.32 -14.72
C LEU B 266 2.71 27.47 -15.73
N ILE B 267 2.90 27.12 -16.99
CA ILE B 267 2.96 28.07 -18.09
C ILE B 267 1.99 27.54 -19.16
N PRO B 268 0.99 28.33 -19.52
CA PRO B 268 0.01 27.94 -20.51
C PRO B 268 0.67 27.31 -21.72
N GLY B 269 0.19 26.15 -22.16
CA GLY B 269 0.65 25.44 -23.32
C GLY B 269 2.09 25.00 -23.37
N LYS B 270 2.79 24.95 -22.25
CA LYS B 270 4.18 24.55 -22.16
C LYS B 270 4.40 23.66 -20.95
N PRO B 271 5.50 22.91 -20.97
CA PRO B 271 5.88 22.06 -19.84
C PRO B 271 6.11 22.96 -18.64
N ALA B 272 5.91 22.41 -17.44
CA ALA B 272 6.07 23.21 -16.22
C ALA B 272 7.53 23.62 -16.10
N PRO B 273 7.80 24.82 -15.63
CA PRO B 273 9.16 25.29 -15.43
C PRO B 273 9.88 24.53 -14.33
N VAL B 274 11.17 24.26 -14.54
CA VAL B 274 11.98 23.57 -13.53
C VAL B 274 12.42 24.65 -12.53
N LEU B 275 11.96 24.55 -11.29
CA LEU B 275 12.29 25.58 -10.31
C LEU B 275 13.31 25.05 -9.32
N ILE B 276 13.26 23.75 -9.07
CA ILE B 276 14.17 23.14 -8.09
C ILE B 276 14.90 22.01 -8.80
N THR B 277 16.11 22.30 -9.25
CA THR B 277 16.95 21.33 -9.95
C THR B 277 17.38 20.25 -8.97
N GLU B 278 17.96 19.16 -9.47
CA GLU B 278 18.47 18.11 -8.60
C GLU B 278 19.59 18.65 -7.72
N GLU B 279 20.45 19.48 -8.31
CA GLU B 279 21.55 20.10 -7.56
C GLU B 279 21.02 20.89 -6.38
N MSE B 280 19.92 21.62 -6.55
CA MSE B 280 19.28 22.38 -5.49
C MSE B 280 18.73 21.48 -4.38
O MSE B 280 18.78 21.87 -3.21
CB MSE B 280 18.17 23.27 -6.07
CG MSE B 280 18.70 24.41 -6.91
SE MSE B 280 17.48 25.41 -7.95
CE MSE B 280 16.53 26.42 -6.67
N VAL B 281 18.26 20.28 -4.70
CA VAL B 281 17.74 19.41 -3.63
C VAL B 281 18.91 18.89 -2.80
N THR B 282 20.06 18.74 -3.43
CA THR B 282 21.30 18.29 -2.81
C THR B 282 21.73 19.19 -1.67
N LYS B 283 21.46 20.49 -1.79
CA LYS B 283 21.76 21.49 -0.80
C LYS B 283 20.73 21.61 0.30
N MSE B 284 19.60 20.91 0.20
CA MSE B 284 18.55 20.97 1.21
C MSE B 284 18.85 20.10 2.42
O MSE B 284 19.59 19.12 2.35
CB MSE B 284 17.21 20.56 0.60
CG MSE B 284 16.67 21.57 -0.41
SE MSE B 284 14.95 21.07 -1.08
CE MSE B 284 13.87 21.21 0.46
N LYS B 285 18.22 20.41 3.55
CA LYS B 285 18.41 19.63 4.77
C LYS B 285 17.79 18.24 4.59
N PRO B 286 18.44 17.23 5.17
CA PRO B 286 17.88 15.89 5.21
C PRO B 286 16.60 15.95 6.03
N GLY B 287 15.55 15.25 5.64
CA GLY B 287 14.27 15.30 6.36
C GLY B 287 13.30 16.31 5.73
N SER B 288 13.78 17.15 4.84
CA SER B 288 12.99 18.15 4.16
C SER B 288 12.05 17.48 3.16
N VAL B 289 10.98 18.19 2.75
CA VAL B 289 10.07 17.57 1.79
C VAL B 289 9.67 18.57 0.72
N ILE B 290 9.56 18.04 -0.50
CA ILE B 290 9.12 18.81 -1.65
C ILE B 290 7.75 18.28 -2.11
N ILE B 291 6.79 19.18 -2.24
CA ILE B 291 5.47 18.85 -2.75
C ILE B 291 5.39 19.51 -4.13
N ASP B 292 5.53 18.67 -5.16
CA ASP B 292 5.53 19.19 -6.53
C ASP B 292 4.12 19.09 -7.10
N LEU B 293 3.36 20.17 -7.00
CA LEU B 293 1.99 20.21 -7.48
C LEU B 293 1.89 20.22 -9.02
N ALA B 294 2.99 20.47 -9.71
CA ALA B 294 3.03 20.52 -11.16
C ALA B 294 3.58 19.26 -11.80
N VAL B 295 3.75 18.18 -11.05
CA VAL B 295 4.26 16.92 -11.53
C VAL B 295 3.55 16.36 -12.76
N GLU B 296 2.26 16.58 -12.95
CA GLU B 296 1.55 16.08 -14.12
C GLU B 296 1.88 16.88 -15.38
N ALA B 297 2.39 18.10 -15.26
CA ALA B 297 2.78 18.90 -16.41
C ALA B 297 4.29 18.88 -16.63
N GLY B 298 4.97 17.91 -16.05
CA GLY B 298 6.40 17.75 -16.18
C GLY B 298 7.12 17.88 -14.85
N GLY B 299 6.56 18.63 -13.92
CA GLY B 299 7.15 18.82 -12.60
C GLY B 299 8.02 20.06 -12.51
N ASN B 300 7.99 20.78 -11.36
CA ASN B 300 8.89 21.91 -11.18
C ASN B 300 10.26 21.43 -10.67
N CYS B 301 10.29 20.16 -10.30
CA CYS B 301 11.44 19.43 -9.82
C CYS B 301 11.57 18.16 -10.66
N PRO B 302 12.74 17.94 -11.27
CA PRO B 302 12.98 16.80 -12.13
C PRO B 302 12.94 15.46 -11.44
N LEU B 303 13.24 15.40 -10.14
CA LEU B 303 13.16 14.16 -9.39
C LEU B 303 11.75 13.69 -9.11
N SER B 304 10.73 14.52 -9.27
CA SER B 304 9.35 14.15 -9.02
C SER B 304 8.86 13.07 -9.95
N GLU B 305 8.06 12.13 -9.47
CA GLU B 305 7.50 11.05 -10.26
C GLU B 305 6.02 10.92 -9.93
N PRO B 306 5.18 11.04 -10.95
CA PRO B 306 3.75 11.05 -10.79
C PRO B 306 3.21 9.89 -9.98
N GLY B 307 2.40 10.19 -8.96
CA GLY B 307 1.80 9.20 -8.11
C GLY B 307 2.69 8.64 -7.02
N LYS B 308 3.94 9.09 -6.92
CA LYS B 308 4.87 8.55 -5.96
C LYS B 308 5.52 9.58 -5.05
N ILE B 309 6.12 9.01 -4.01
CA ILE B 309 7.00 9.75 -3.12
C ILE B 309 8.41 9.21 -3.39
N VAL B 310 9.26 10.08 -3.93
CA VAL B 310 10.64 9.70 -4.21
C VAL B 310 11.54 10.24 -3.10
N VAL B 311 12.41 9.39 -2.59
CA VAL B 311 13.37 9.82 -1.56
C VAL B 311 14.75 9.92 -2.20
N LYS B 312 15.26 11.14 -2.31
CA LYS B 312 16.58 11.36 -2.91
C LYS B 312 17.33 12.39 -2.08
N HIS B 313 18.62 12.18 -1.87
CA HIS B 313 19.47 13.06 -1.07
C HIS B 313 18.88 13.42 0.28
N GLY B 314 18.20 12.51 0.98
CA GLY B 314 17.58 12.73 2.26
C GLY B 314 16.26 13.50 2.21
N VAL B 315 15.84 13.89 1.02
CA VAL B 315 14.66 14.67 0.76
C VAL B 315 13.52 13.86 0.16
N LYS B 316 12.33 14.03 0.73
CA LYS B 316 11.14 13.36 0.21
C LYS B 316 10.58 14.26 -0.89
N ILE B 317 10.47 13.75 -2.10
CA ILE B 317 9.91 14.51 -3.22
C ILE B 317 8.53 13.89 -3.52
N VAL B 318 7.48 14.58 -3.12
CA VAL B 318 6.10 14.13 -3.19
C VAL B 318 5.41 14.57 -4.49
N GLY B 319 4.90 13.60 -5.25
CA GLY B 319 4.32 14.00 -6.55
C GLY B 319 2.95 13.38 -6.79
N HIS B 320 2.05 13.50 -5.82
CA HIS B 320 0.73 12.89 -6.00
C HIS B 320 0.06 13.40 -7.28
N THR B 321 -0.65 12.49 -7.94
CA THR B 321 -1.42 12.91 -9.11
C THR B 321 -2.79 13.36 -8.61
N ASN B 322 -3.51 14.12 -9.40
CA ASN B 322 -4.87 14.53 -9.06
C ASN B 322 -5.08 14.89 -7.60
N VAL B 323 -4.43 16.00 -7.20
CA VAL B 323 -4.50 16.51 -5.84
C VAL B 323 -5.88 16.91 -5.43
N PRO B 324 -6.69 17.55 -6.27
CA PRO B 324 -8.08 17.86 -5.94
C PRO B 324 -8.85 16.66 -5.46
N SER B 325 -8.58 15.45 -5.95
CA SER B 325 -9.25 14.22 -5.53
C SER B 325 -8.85 13.78 -4.12
N ARG B 326 -7.74 14.27 -3.57
CA ARG B 326 -7.31 14.04 -2.19
C ARG B 326 -8.18 14.84 -1.21
N VAL B 327 -8.96 15.78 -1.72
CA VAL B 327 -9.91 16.61 -1.02
C VAL B 327 -11.24 16.45 -1.77
N ALA B 328 -11.59 15.21 -2.15
CA ALA B 328 -12.76 15.01 -2.98
C ALA B 328 -14.09 15.44 -2.41
N ALA B 329 -14.27 15.37 -1.10
CA ALA B 329 -15.55 15.73 -0.48
C ALA B 329 -15.79 17.23 -0.43
N ASP B 330 -14.80 18.07 -0.64
CA ASP B 330 -15.02 19.51 -0.77
C ASP B 330 -14.93 19.86 -2.26
N ALA B 331 -14.11 19.11 -3.00
CA ALA B 331 -13.93 19.43 -4.41
C ALA B 331 -15.16 19.14 -5.25
N SER B 332 -15.88 18.08 -4.92
CA SER B 332 -17.08 17.68 -5.65
C SER B 332 -18.19 18.70 -5.61
N PRO B 333 -18.62 19.18 -4.45
CA PRO B 333 -19.67 20.17 -4.35
C PRO B 333 -19.28 21.48 -5.03
N LEU B 334 -18.00 21.84 -5.01
CA LEU B 334 -17.53 23.03 -5.71
C LEU B 334 -17.56 22.83 -7.23
N PHE B 335 -17.08 21.68 -7.69
CA PHE B 335 -17.10 21.36 -9.13
C PHE B 335 -18.54 21.30 -9.63
N ALA B 336 -19.43 20.71 -8.87
CA ALA B 336 -20.86 20.68 -9.18
C ALA B 336 -21.43 22.09 -9.26
N LYS B 337 -21.05 23.00 -8.37
CA LYS B 337 -21.52 24.38 -8.43
C LYS B 337 -20.96 25.14 -9.62
N ASN B 338 -19.71 24.89 -10.04
CA ASN B 338 -19.16 25.54 -11.23
C ASN B 338 -20.04 25.17 -12.42
N LEU B 339 -20.34 23.87 -12.50
CA LEU B 339 -21.22 23.35 -13.52
C LEU B 339 -22.61 23.99 -13.45
N LEU B 340 -23.19 24.05 -12.24
CA LEU B 340 -24.52 24.61 -12.08
C LEU B 340 -24.56 26.10 -12.43
N ASN B 341 -23.53 26.86 -12.11
CA ASN B 341 -23.47 28.27 -12.43
C ASN B 341 -23.32 28.50 -13.93
N PHE B 342 -22.65 27.60 -14.63
CA PHE B 342 -22.45 27.70 -16.06
C PHE B 342 -23.76 27.45 -16.82
N LEU B 343 -24.53 26.48 -16.35
CA LEU B 343 -25.73 26.02 -16.99
C LEU B 343 -27.01 26.79 -16.69
N THR B 344 -27.13 27.28 -15.47
CA THR B 344 -28.32 27.98 -15.00
C THR B 344 -28.84 29.10 -15.87
N PRO B 345 -28.02 30.04 -16.33
CA PRO B 345 -28.47 31.12 -17.19
C PRO B 345 -29.17 30.70 -18.47
N HIS B 346 -29.00 29.46 -18.93
CA HIS B 346 -29.57 28.95 -20.16
C HIS B 346 -30.87 28.19 -19.97
N VAL B 347 -31.32 28.08 -18.73
CA VAL B 347 -32.59 27.44 -18.40
C VAL B 347 -33.61 28.58 -18.32
N ASP B 348 -34.73 28.45 -19.04
CA ASP B 348 -35.66 29.59 -19.01
C ASP B 348 -37.12 29.22 -19.04
N LYS B 349 -37.69 29.16 -20.24
CA LYS B 349 -39.07 28.85 -20.52
C LYS B 349 -39.80 28.15 -19.38
N THR B 353 -37.07 24.72 -20.04
CA THR B 353 -36.19 23.99 -20.91
C THR B 353 -34.81 24.63 -21.04
N LEU B 354 -33.88 23.82 -21.53
CA LEU B 354 -32.49 24.22 -21.71
C LEU B 354 -32.20 24.60 -23.16
N VAL B 355 -31.87 25.85 -23.39
CA VAL B 355 -31.48 26.36 -24.69
C VAL B 355 -30.15 27.10 -24.47
N MSE B 356 -29.04 26.44 -24.81
CA MSE B 356 -27.73 27.07 -24.58
C MSE B 356 -27.62 28.30 -25.47
O MSE B 356 -27.78 28.17 -26.68
CB MSE B 356 -26.60 26.09 -24.83
CG MSE B 356 -26.59 24.86 -23.92
SE MSE B 356 -26.28 25.26 -22.09
CE MSE B 356 -24.62 26.17 -22.15
N LYS B 357 -27.41 29.47 -24.89
CA LYS B 357 -27.28 30.69 -25.69
C LYS B 357 -25.92 30.67 -26.37
N LEU B 358 -25.89 30.28 -27.63
CA LEU B 358 -24.67 30.11 -28.42
C LEU B 358 -23.77 31.33 -28.48
N GLU B 359 -24.29 32.54 -28.43
CA GLU B 359 -23.54 33.78 -28.45
C GLU B 359 -22.93 34.15 -27.11
N ASP B 360 -23.36 33.51 -26.03
CA ASP B 360 -22.76 33.80 -24.71
C ASP B 360 -21.30 33.41 -24.80
N GLU B 361 -20.38 34.28 -24.38
CA GLU B 361 -18.94 34.04 -24.46
C GLU B 361 -18.45 32.81 -23.71
N THR B 362 -19.10 32.46 -22.61
CA THR B 362 -18.72 31.28 -21.83
C THR B 362 -19.11 30.02 -22.60
N VAL B 363 -20.12 30.10 -23.44
CA VAL B 363 -20.62 28.98 -24.21
C VAL B 363 -19.78 28.77 -25.46
N SER B 364 -19.64 29.83 -26.25
CA SER B 364 -18.80 29.73 -27.45
C SER B 364 -17.36 29.46 -27.02
N GLY B 365 -16.91 30.00 -25.89
CA GLY B 365 -15.53 29.81 -25.46
C GLY B 365 -15.21 28.39 -25.03
N THR B 366 -16.20 27.67 -24.56
CA THR B 366 -16.09 26.31 -24.00
C THR B 366 -16.50 25.19 -24.93
N CYS B 367 -17.25 25.51 -25.99
CA CYS B 367 -17.77 24.52 -26.93
C CYS B 367 -16.70 24.06 -27.90
N VAL B 368 -16.31 22.79 -27.75
CA VAL B 368 -15.24 22.19 -28.54
C VAL B 368 -15.74 21.41 -29.74
N THR B 369 -16.91 20.80 -29.64
CA THR B 369 -17.49 20.02 -30.72
C THR B 369 -19.00 20.11 -30.52
N ARG B 370 -19.73 20.11 -31.60
CA ARG B 370 -21.17 20.28 -31.60
C ARG B 370 -21.77 19.84 -32.92
N ASP B 371 -22.77 18.96 -32.84
CA ASP B 371 -23.48 18.49 -34.02
C ASP B 371 -22.57 17.85 -35.05
N GLY B 372 -21.54 17.11 -34.66
CA GLY B 372 -20.64 16.44 -35.58
C GLY B 372 -19.52 17.27 -36.19
N ALA B 373 -19.33 18.49 -35.71
CA ALA B 373 -18.30 19.39 -36.20
C ALA B 373 -17.42 19.90 -35.06
N ILE B 374 -16.11 19.82 -35.19
CA ILE B 374 -15.16 20.30 -34.20
C ILE B 374 -15.00 21.80 -34.38
N VAL B 375 -15.36 22.55 -33.36
CA VAL B 375 -15.31 24.00 -33.35
C VAL B 375 -13.95 24.53 -32.95
N HIS B 376 -13.34 23.88 -31.97
CA HIS B 376 -12.06 24.30 -31.41
C HIS B 376 -11.07 23.13 -31.42
N PRO B 377 -10.34 22.96 -32.51
CA PRO B 377 -9.40 21.88 -32.67
C PRO B 377 -8.27 21.83 -31.66
N ALA B 378 -7.84 20.61 -31.36
CA ALA B 378 -6.74 20.35 -30.45
C ALA B 378 -5.52 21.18 -30.87
N LEU B 379 -4.74 21.60 -29.87
CA LEU B 379 -3.57 22.42 -30.16
C LEU B 379 -2.49 21.60 -30.87
N THR B 380 -2.09 22.17 -32.01
CA THR B 380 -1.10 21.55 -32.88
C THR B 380 0.20 22.34 -32.97
N GLY B 381 1.28 21.63 -32.66
CA GLY B 381 2.63 22.16 -32.66
C GLY B 381 3.18 22.43 -34.05
N GLN B 382 4.33 23.11 -34.10
CA GLN B 382 4.94 23.44 -35.38
C GLN B 382 6.43 23.11 -35.36
N GLY B 383 6.96 22.91 -36.56
CA GLY B 383 8.38 22.59 -36.69
C GLY B 383 9.16 23.71 -37.36
N ALA B 384 9.66 24.65 -36.57
CA ALA B 384 10.44 25.78 -37.05
C ALA B 384 10.22 26.09 -38.52
N MSE C 1 -26.16 -30.53 23.91
CA MSE C 1 -25.05 -29.57 24.08
C MSE C 1 -24.88 -28.65 22.87
O MSE C 1 -25.15 -29.03 21.74
CB MSE C 1 -23.76 -30.31 24.41
CG MSE C 1 -23.45 -30.19 25.90
SE MSE C 1 -21.71 -30.77 26.39
CE MSE C 1 -20.72 -30.49 24.80
N LYS C 2 -24.43 -27.42 23.16
CA LYS C 2 -24.21 -26.42 22.14
C LYS C 2 -22.74 -26.09 21.94
N ILE C 3 -22.32 -26.11 20.67
CA ILE C 3 -20.96 -25.73 20.30
C ILE C 3 -21.05 -24.45 19.46
N ALA C 4 -20.29 -23.42 19.78
CA ALA C 4 -20.38 -22.16 19.04
C ALA C 4 -19.04 -21.73 18.44
N ILE C 5 -19.10 -21.05 17.29
CA ILE C 5 -17.93 -20.62 16.54
C ILE C 5 -18.13 -19.16 16.12
N PRO C 6 -17.39 -18.25 16.73
CA PRO C 6 -17.53 -16.83 16.46
C PRO C 6 -16.66 -16.44 15.26
N LYS C 7 -16.81 -15.20 14.84
CA LYS C 7 -15.97 -14.64 13.80
C LYS C 7 -14.62 -14.32 14.44
N GLU C 8 -13.52 -14.54 13.74
CA GLU C 8 -12.21 -14.18 14.21
C GLU C 8 -12.02 -12.66 14.17
N ARG C 9 -11.73 -12.08 15.33
CA ARG C 9 -11.60 -10.62 15.40
C ARG C 9 -10.19 -10.10 15.36
N ARG C 10 -9.14 -10.89 15.62
CA ARG C 10 -7.78 -10.32 15.58
C ARG C 10 -7.46 -9.80 14.19
N PRO C 11 -6.69 -8.71 14.10
CA PRO C 11 -6.37 -8.10 12.83
C PRO C 11 -5.76 -9.06 11.82
N GLY C 12 -6.31 -9.07 10.63
CA GLY C 12 -5.85 -9.89 9.51
C GLY C 12 -6.26 -11.34 9.56
N GLU C 13 -6.97 -11.77 10.59
CA GLU C 13 -7.36 -13.18 10.69
C GLU C 13 -8.59 -13.46 9.83
N ASP C 14 -8.39 -14.18 8.73
CA ASP C 14 -9.47 -14.54 7.82
C ASP C 14 -9.98 -15.97 7.98
N ARG C 15 -9.29 -16.79 8.75
CA ARG C 15 -9.70 -18.17 8.95
C ARG C 15 -10.92 -18.23 9.87
N VAL C 16 -11.60 -19.36 9.91
CA VAL C 16 -12.74 -19.58 10.78
C VAL C 16 -12.63 -21.03 11.26
N ALA C 17 -13.02 -21.30 12.51
CA ALA C 17 -12.88 -22.67 13.03
C ALA C 17 -14.05 -23.59 12.75
N ILE C 18 -14.52 -23.61 11.52
CA ILE C 18 -15.65 -24.44 11.13
C ILE C 18 -15.69 -24.62 9.62
N SER C 19 -16.49 -25.58 9.19
CA SER C 19 -16.79 -25.85 7.80
C SER C 19 -18.13 -26.58 7.74
N PRO C 20 -18.83 -26.50 6.62
CA PRO C 20 -20.10 -27.18 6.43
C PRO C 20 -19.98 -28.67 6.68
N GLU C 21 -18.95 -29.30 6.16
CA GLU C 21 -18.68 -30.72 6.36
C GLU C 21 -18.46 -31.02 7.85
N VAL C 22 -17.83 -30.10 8.59
CA VAL C 22 -17.68 -30.39 10.03
C VAL C 22 -19.02 -30.14 10.71
N VAL C 23 -19.76 -29.10 10.33
CA VAL C 23 -21.07 -28.87 10.92
C VAL C 23 -21.95 -30.12 10.85
N LYS C 24 -22.01 -30.79 9.69
CA LYS C 24 -22.84 -31.99 9.58
C LYS C 24 -22.40 -33.07 10.54
N LYS C 25 -21.10 -33.30 10.70
CA LYS C 25 -20.62 -34.29 11.65
C LYS C 25 -21.03 -33.96 13.08
N LEU C 26 -20.89 -32.70 13.48
CA LEU C 26 -21.26 -32.26 14.81
C LEU C 26 -22.74 -32.51 15.07
N VAL C 27 -23.60 -32.06 14.16
CA VAL C 27 -25.04 -32.29 14.29
C VAL C 27 -25.32 -33.76 14.42
N GLY C 28 -24.70 -34.61 13.62
CA GLY C 28 -24.86 -36.05 13.72
C GLY C 28 -24.43 -36.57 15.08
N LEU C 29 -23.51 -35.90 15.78
CA LEU C 29 -23.08 -36.33 17.10
C LEU C 29 -24.02 -35.87 18.19
N GLY C 30 -24.99 -35.04 17.86
CA GLY C 30 -25.97 -34.53 18.78
C GLY C 30 -25.81 -33.09 19.18
N PHE C 31 -24.86 -32.34 18.60
CA PHE C 31 -24.71 -30.95 18.99
C PHE C 31 -25.65 -29.97 18.30
N GLU C 32 -25.91 -28.87 18.99
CA GLU C 32 -26.58 -27.70 18.44
C GLU C 32 -25.36 -26.84 18.03
N VAL C 33 -25.19 -26.60 16.75
CA VAL C 33 -24.04 -25.86 16.25
C VAL C 33 -24.40 -24.42 15.90
N ILE C 34 -23.80 -23.48 16.62
CA ILE C 34 -24.05 -22.07 16.43
C ILE C 34 -22.87 -21.32 15.81
N VAL C 35 -23.12 -20.58 14.72
CA VAL C 35 -22.02 -19.78 14.18
C VAL C 35 -22.48 -18.35 13.95
N GLU C 36 -21.60 -17.43 14.35
CA GLU C 36 -21.85 -16.02 14.20
C GLU C 36 -21.99 -15.69 12.70
N GLN C 37 -22.98 -14.87 12.42
CA GLN C 37 -23.27 -14.39 11.07
C GLN C 37 -22.00 -13.85 10.42
N GLY C 38 -21.65 -14.35 9.25
CA GLY C 38 -20.48 -13.88 8.54
C GLY C 38 -19.11 -14.33 9.03
N ALA C 39 -19.02 -15.34 9.89
CA ALA C 39 -17.73 -15.79 10.41
C ALA C 39 -16.84 -16.38 9.33
N GLY C 40 -17.43 -17.02 8.34
CA GLY C 40 -16.72 -17.65 7.26
C GLY C 40 -16.50 -16.81 6.01
N VAL C 41 -16.75 -15.52 6.00
CA VAL C 41 -16.56 -14.70 4.81
C VAL C 41 -15.14 -14.74 4.30
N GLY C 42 -14.15 -14.63 5.16
CA GLY C 42 -12.74 -14.67 4.75
C GLY C 42 -12.36 -16.02 4.18
N ALA C 43 -13.02 -17.08 4.61
CA ALA C 43 -12.73 -18.43 4.15
C ALA C 43 -13.65 -18.90 3.05
N SER C 44 -14.48 -18.00 2.50
CA SER C 44 -15.43 -18.36 1.46
C SER C 44 -16.48 -19.37 1.89
N ILE C 45 -16.85 -19.34 3.16
CA ILE C 45 -17.84 -20.27 3.70
C ILE C 45 -19.04 -19.40 4.07
N THR C 46 -20.12 -19.50 3.30
CA THR C 46 -21.27 -18.63 3.56
C THR C 46 -22.15 -19.10 4.70
N ASP C 47 -22.97 -18.18 5.20
CA ASP C 47 -23.94 -18.46 6.26
C ASP C 47 -24.94 -19.50 5.77
N ASP C 48 -25.40 -19.36 4.52
CA ASP C 48 -26.32 -20.32 3.93
C ASP C 48 -25.76 -21.72 3.82
N ALA C 49 -24.46 -21.86 3.50
CA ALA C 49 -23.84 -23.16 3.40
C ALA C 49 -23.78 -23.82 4.78
N LEU C 50 -23.57 -23.03 5.83
CA LEU C 50 -23.52 -23.54 7.19
C LEU C 50 -24.91 -23.96 7.66
N THR C 51 -25.90 -23.14 7.32
CA THR C 51 -27.30 -23.43 7.64
C THR C 51 -27.76 -24.71 6.95
N ALA C 52 -27.40 -24.87 5.68
CA ALA C 52 -27.72 -26.08 4.93
C ALA C 52 -27.12 -27.34 5.54
N ALA C 53 -25.96 -27.20 6.19
CA ALA C 53 -25.30 -28.29 6.87
C ALA C 53 -25.92 -28.58 8.23
N GLY C 54 -26.79 -27.73 8.74
CA GLY C 54 -27.46 -27.93 10.00
C GLY C 54 -27.18 -26.89 11.07
N ALA C 55 -26.38 -25.87 10.76
CA ALA C 55 -26.05 -24.85 11.75
C ALA C 55 -27.12 -23.78 11.96
N THR C 56 -27.05 -23.19 13.14
CA THR C 56 -27.88 -22.05 13.53
C THR C 56 -27.00 -20.80 13.41
N ILE C 57 -27.49 -19.77 12.75
CA ILE C 57 -26.71 -18.54 12.60
C ILE C 57 -27.09 -17.55 13.70
N ALA C 58 -26.11 -16.99 14.40
CA ALA C 58 -26.38 -16.00 15.43
C ALA C 58 -26.04 -14.62 14.87
N SER C 59 -26.74 -13.58 15.30
CA SER C 59 -26.49 -12.27 14.74
C SER C 59 -25.26 -11.61 15.33
N THR C 60 -24.89 -11.95 16.56
CA THR C 60 -23.72 -11.34 17.19
C THR C 60 -22.83 -12.39 17.87
N ALA C 61 -21.63 -11.97 18.21
CA ALA C 61 -20.67 -12.85 18.90
C ALA C 61 -21.19 -13.26 20.27
N ALA C 62 -21.69 -12.26 21.00
CA ALA C 62 -22.24 -12.48 22.33
C ALA C 62 -23.40 -13.47 22.28
N GLN C 63 -24.28 -13.32 21.28
CA GLN C 63 -25.42 -14.22 21.13
C GLN C 63 -24.96 -15.62 20.74
N ALA C 64 -23.94 -15.72 19.90
CA ALA C 64 -23.45 -17.05 19.52
C ALA C 64 -22.84 -17.75 20.73
N LEU C 65 -22.04 -17.03 21.51
CA LEU C 65 -21.34 -17.62 22.64
C LEU C 65 -22.10 -17.71 23.94
N SER C 66 -23.12 -16.89 24.13
CA SER C 66 -23.90 -16.83 25.36
C SER C 66 -24.15 -18.15 26.07
N GLN C 67 -24.75 -19.13 25.42
CA GLN C 67 -25.08 -20.38 26.09
C GLN C 67 -24.22 -21.56 25.67
N ALA C 68 -23.16 -21.32 24.91
CA ALA C 68 -22.35 -22.42 24.41
C ALA C 68 -21.57 -23.15 25.50
N ASP C 69 -21.64 -24.47 25.41
CA ASP C 69 -20.93 -25.38 26.29
C ASP C 69 -19.50 -25.59 25.81
N VAL C 70 -19.32 -25.46 24.50
CA VAL C 70 -18.06 -25.66 23.84
C VAL C 70 -17.89 -24.53 22.82
N VAL C 71 -16.72 -23.90 22.87
CA VAL C 71 -16.42 -22.80 21.96
C VAL C 71 -15.20 -23.21 21.14
N TRP C 72 -15.30 -23.12 19.83
CA TRP C 72 -14.20 -23.42 18.93
C TRP C 72 -13.79 -22.09 18.26
N LYS C 73 -12.48 -21.83 18.25
CA LYS C 73 -12.06 -20.63 17.49
C LYS C 73 -10.64 -20.87 16.99
N VAL C 74 -10.13 -19.94 16.19
CA VAL C 74 -8.79 -20.13 15.64
C VAL C 74 -7.76 -19.50 16.57
N GLN C 75 -7.76 -18.17 16.73
CA GLN C 75 -6.75 -17.57 17.59
C GLN C 75 -7.30 -17.36 19.00
N ARG C 76 -6.40 -17.16 19.94
CA ARG C 76 -6.80 -16.99 21.33
C ARG C 76 -7.74 -15.79 21.44
N PRO C 77 -8.72 -15.88 22.33
CA PRO C 77 -9.65 -14.79 22.57
C PRO C 77 -8.92 -13.55 23.03
N MSE C 78 -9.46 -12.39 22.68
CA MSE C 78 -8.90 -11.10 23.07
C MSE C 78 -9.36 -10.82 24.50
O MSE C 78 -10.42 -11.29 24.91
CB MSE C 78 -9.40 -10.01 22.10
CG MSE C 78 -8.83 -10.22 20.71
SE MSE C 78 -9.36 -8.91 19.43
CE MSE C 78 -8.22 -7.49 19.94
N THR C 79 -8.55 -10.04 25.23
CA THR C 79 -8.90 -9.77 26.61
C THR C 79 -9.30 -8.29 26.75
N ALA C 80 -9.73 -7.95 27.95
CA ALA C 80 -10.15 -6.58 28.27
C ALA C 80 -9.02 -5.59 28.03
N GLU C 81 -7.78 -5.96 28.35
CA GLU C 81 -6.62 -5.11 28.14
C GLU C 81 -6.35 -4.83 26.68
N GLU C 82 -6.82 -5.68 25.77
CA GLU C 82 -6.65 -5.50 24.34
C GLU C 82 -7.79 -4.69 23.72
N GLY C 83 -8.78 -4.32 24.53
CA GLY C 83 -9.87 -3.49 24.07
C GLY C 83 -11.19 -4.16 23.78
N THR C 84 -11.18 -5.48 23.67
CA THR C 84 -12.40 -6.24 23.35
C THR C 84 -12.34 -7.54 24.14
N ASP C 85 -13.13 -7.62 25.21
CA ASP C 85 -13.14 -8.77 26.09
C ASP C 85 -13.93 -9.94 25.54
N GLU C 86 -13.24 -10.78 24.77
CA GLU C 86 -13.89 -11.94 24.19
C GLU C 86 -14.02 -13.05 25.24
N VAL C 87 -13.13 -13.05 26.22
CA VAL C 87 -13.18 -14.05 27.29
C VAL C 87 -14.47 -13.93 28.10
N ALA C 88 -14.92 -12.69 28.34
CA ALA C 88 -16.14 -12.42 29.07
C ALA C 88 -17.40 -12.94 28.38
N LEU C 89 -17.36 -13.22 27.09
CA LEU C 89 -18.48 -13.73 26.34
C LEU C 89 -18.65 -15.23 26.49
N ILE C 90 -17.61 -15.91 26.98
CA ILE C 90 -17.64 -17.35 27.15
C ILE C 90 -18.29 -17.69 28.48
N LYS C 91 -19.27 -18.59 28.42
CA LYS C 91 -20.00 -19.00 29.60
C LYS C 91 -19.07 -19.54 30.66
N GLU C 92 -19.34 -19.23 31.93
CA GLU C 92 -18.48 -19.76 33.00
C GLU C 92 -18.59 -21.27 33.02
N GLY C 93 -17.47 -21.97 33.13
CA GLY C 93 -17.48 -23.42 33.15
C GLY C 93 -17.47 -24.06 31.77
N ALA C 94 -17.53 -23.28 30.70
CA ALA C 94 -17.53 -23.85 29.36
C ALA C 94 -16.14 -24.35 28.99
N VAL C 95 -16.08 -25.03 27.86
CA VAL C 95 -14.85 -25.56 27.28
C VAL C 95 -14.49 -24.70 26.06
N LEU C 96 -13.21 -24.39 25.93
CA LEU C 96 -12.67 -23.64 24.81
C LEU C 96 -11.57 -24.43 24.10
N MSE C 97 -11.66 -24.50 22.77
CA MSE C 97 -10.64 -25.19 21.97
C MSE C 97 -10.13 -24.23 20.91
O MSE C 97 -10.97 -23.79 20.10
CB MSE C 97 -11.16 -26.46 21.30
CG MSE C 97 -11.41 -27.60 22.28
SE MSE C 97 -12.43 -29.05 21.60
CE MSE C 97 -12.94 -29.94 23.23
N CYS C 98 -8.84 -23.92 20.93
CA CYS C 98 -8.29 -23.02 19.92
C CYS C 98 -6.78 -23.01 19.96
N HIS C 99 -6.17 -22.21 19.07
CA HIS C 99 -4.71 -22.01 19.18
C HIS C 99 -4.57 -20.94 20.26
N LEU C 100 -4.29 -21.28 21.51
CA LEU C 100 -4.23 -20.29 22.58
C LEU C 100 -2.95 -19.51 22.68
N GLY C 101 -1.86 -20.00 22.08
CA GLY C 101 -0.53 -19.40 22.30
C GLY C 101 -0.29 -19.40 23.82
N ALA C 102 -0.64 -20.50 24.49
CA ALA C 102 -0.61 -20.53 25.94
C ALA C 102 0.75 -20.25 26.52
N LEU C 103 1.81 -20.88 26.03
CA LEU C 103 3.13 -20.68 26.61
C LEU C 103 3.64 -19.25 26.54
N THR C 104 3.19 -18.46 25.58
CA THR C 104 3.59 -17.09 25.32
C THR C 104 2.56 -16.07 25.77
N ASN C 105 1.36 -16.51 26.13
CA ASN C 105 0.28 -15.63 26.53
C ASN C 105 -0.39 -15.98 27.84
N ARG C 106 0.31 -15.73 28.95
CA ARG C 106 -0.19 -16.00 30.28
C ARG C 106 -1.46 -15.26 30.69
N PRO C 107 -1.59 -13.97 30.42
CA PRO C 107 -2.80 -13.22 30.76
C PRO C 107 -4.07 -13.76 30.14
N VAL C 108 -4.07 -14.36 28.94
CA VAL C 108 -5.32 -14.93 28.41
C VAL C 108 -5.72 -16.16 29.23
N VAL C 109 -4.74 -16.98 29.57
CA VAL C 109 -4.96 -18.17 30.40
C VAL C 109 -5.52 -17.76 31.75
N GLU C 110 -4.92 -16.72 32.36
CA GLU C 110 -5.39 -16.21 33.64
C GLU C 110 -6.82 -15.70 33.53
N ALA C 111 -7.17 -14.97 32.48
CA ALA C 111 -8.52 -14.46 32.26
C ALA C 111 -9.52 -15.59 32.11
N LEU C 112 -9.16 -16.65 31.39
CA LEU C 112 -10.01 -17.82 31.24
C LEU C 112 -10.22 -18.50 32.57
N THR C 113 -9.14 -18.61 33.34
CA THR C 113 -9.17 -19.25 34.67
C THR C 113 -10.16 -18.56 35.60
N LYS C 114 -10.25 -17.24 35.56
CA LYS C 114 -11.19 -16.47 36.36
C LYS C 114 -12.64 -16.80 36.05
N ARG C 115 -12.95 -17.24 34.83
CA ARG C 115 -14.31 -17.62 34.49
C ARG C 115 -14.49 -19.13 34.60
N LYS C 116 -13.44 -19.80 35.14
CA LYS C 116 -13.46 -21.24 35.31
C LYS C 116 -13.68 -21.99 34.01
N ILE C 117 -13.08 -21.50 32.93
CA ILE C 117 -13.23 -22.15 31.63
C ILE C 117 -12.18 -23.24 31.49
N THR C 118 -12.56 -24.36 30.88
CA THR C 118 -11.61 -25.41 30.58
C THR C 118 -11.04 -25.10 29.18
N ALA C 119 -9.76 -24.84 29.11
CA ALA C 119 -9.17 -24.47 27.83
C ALA C 119 -8.19 -25.52 27.34
N TYR C 120 -8.43 -25.98 26.12
CA TYR C 120 -7.53 -26.92 25.47
C TYR C 120 -6.73 -26.15 24.41
N ALA C 121 -5.45 -26.00 24.66
CA ALA C 121 -4.56 -25.25 23.76
C ALA C 121 -4.09 -26.21 22.68
N MSE C 122 -4.72 -26.09 21.50
CA MSE C 122 -4.49 -27.03 20.41
C MSE C 122 -3.06 -27.08 19.93
O MSE C 122 -2.62 -28.17 19.55
CB MSE C 122 -5.46 -26.76 19.24
CG MSE C 122 -6.90 -26.89 19.72
SE MSE C 122 -7.44 -28.69 20.03
CE MSE C 122 -7.10 -29.51 18.37
N GLU C 123 -2.30 -26.01 20.05
CA GLU C 123 -0.91 -26.00 19.65
C GLU C 123 -0.02 -26.85 20.56
N LEU C 124 -0.49 -27.33 21.71
CA LEU C 124 0.28 -28.20 22.57
C LEU C 124 -0.01 -29.67 22.30
N MSE C 125 -0.72 -30.02 21.23
CA MSE C 125 -1.02 -31.40 20.92
C MSE C 125 0.23 -32.27 21.00
O MSE C 125 1.25 -31.99 20.36
CB MSE C 125 -1.66 -31.46 19.52
CG MSE C 125 -2.24 -32.84 19.21
SE MSE C 125 -3.83 -33.24 20.14
CE MSE C 125 -4.91 -31.71 19.84
N PRO C 126 0.21 -33.29 21.84
CA PRO C 126 1.34 -34.17 22.03
C PRO C 126 1.86 -34.75 20.73
N ARG C 127 3.19 -34.87 20.63
CA ARG C 127 3.84 -35.39 19.43
C ARG C 127 3.82 -36.92 19.36
N ILE C 128 2.65 -37.49 19.17
CA ILE C 128 2.41 -38.93 19.10
C ILE C 128 1.71 -39.20 17.77
N SER C 129 2.00 -40.33 17.11
CA SER C 129 1.47 -40.57 15.77
C SER C 129 -0.05 -40.59 15.70
N ARG C 130 -0.75 -41.09 16.72
CA ARG C 130 -2.20 -41.11 16.65
C ARG C 130 -2.83 -39.71 16.74
N ALA C 131 -2.12 -38.67 17.12
CA ALA C 131 -2.64 -37.32 17.19
C ALA C 131 -2.32 -36.49 15.96
N GLN C 132 -1.78 -37.09 14.89
CA GLN C 132 -1.45 -36.34 13.69
C GLN C 132 -2.67 -35.73 13.02
N SER C 133 -3.83 -36.38 13.00
CA SER C 133 -5.05 -35.82 12.45
C SER C 133 -5.64 -34.67 13.27
N MSE C 134 -5.19 -34.47 14.51
CA MSE C 134 -5.62 -33.41 15.39
C MSE C 134 -4.63 -32.26 15.49
O MSE C 134 -4.88 -31.28 16.19
CB MSE C 134 -5.79 -33.97 16.83
CG MSE C 134 -6.69 -35.19 16.98
SE MSE C 134 -6.29 -36.13 18.60
CE MSE C 134 -6.96 -37.87 18.28
N ASP C 135 -3.44 -32.35 14.90
CA ASP C 135 -2.41 -31.34 15.01
C ASP C 135 -2.60 -30.11 14.14
N ILE C 136 -2.93 -28.97 14.76
CA ILE C 136 -3.15 -27.74 14.00
C ILE C 136 -1.85 -27.14 13.50
N LEU C 137 -0.73 -27.32 14.19
CA LEU C 137 0.53 -26.77 13.71
C LEU C 137 0.92 -27.38 12.37
N SER C 138 0.75 -28.69 12.18
CA SER C 138 1.13 -29.26 10.87
C SER C 138 0.12 -29.01 9.78
N SER C 139 -1.19 -28.97 10.06
CA SER C 139 -2.14 -28.68 8.98
C SER C 139 -1.95 -27.24 8.50
N GLN C 140 -1.69 -26.31 9.42
CA GLN C 140 -1.53 -24.92 8.99
C GLN C 140 -0.18 -24.67 8.33
N SER C 141 0.90 -25.25 8.84
CA SER C 141 2.25 -25.18 8.32
C SER C 141 2.37 -25.69 6.89
N ASN C 142 1.67 -26.79 6.64
CA ASN C 142 1.58 -27.38 5.31
C ASN C 142 1.14 -26.32 4.31
N LEU C 143 0.06 -25.61 4.62
CA LEU C 143 -0.44 -24.55 3.75
C LEU C 143 0.51 -23.37 3.66
N ALA C 144 1.20 -23.04 4.76
CA ALA C 144 2.12 -21.92 4.77
C ALA C 144 3.31 -22.16 3.84
N GLY C 145 3.79 -23.39 3.77
CA GLY C 145 4.91 -23.77 2.91
C GLY C 145 4.54 -23.66 1.45
N TYR C 146 3.30 -24.04 1.13
CA TYR C 146 2.80 -23.87 -0.24
C TYR C 146 2.74 -22.38 -0.54
N ARG C 147 2.13 -21.63 0.40
CA ARG C 147 1.95 -20.18 0.22
C ARG C 147 3.27 -19.43 0.04
N ALA C 148 4.32 -19.84 0.75
CA ALA C 148 5.61 -19.17 0.61
C ALA C 148 6.06 -19.14 -0.84
N VAL C 149 5.94 -20.27 -1.55
CA VAL C 149 6.34 -20.34 -2.95
C VAL C 149 5.49 -19.46 -3.83
N ILE C 150 4.17 -19.40 -3.57
CA ILE C 150 3.30 -18.55 -4.34
C ILE C 150 3.66 -17.09 -4.10
N ASP C 151 3.95 -16.74 -2.85
CA ASP C 151 4.31 -15.34 -2.58
C ASP C 151 5.66 -15.03 -3.19
N GLY C 152 6.58 -15.99 -3.16
CA GLY C 152 7.90 -15.85 -3.74
C GLY C 152 7.81 -15.63 -5.25
N ALA C 153 7.01 -16.47 -5.92
CA ALA C 153 6.80 -16.38 -7.36
C ALA C 153 6.10 -15.08 -7.76
N TYR C 154 5.19 -14.59 -6.93
CA TYR C 154 4.51 -13.33 -7.20
C TYR C 154 5.49 -12.16 -7.14
N GLU C 155 6.39 -12.16 -6.17
CA GLU C 155 7.33 -11.05 -6.00
C GLU C 155 8.53 -11.15 -6.94
N PHE C 156 8.80 -12.28 -7.56
CA PHE C 156 9.91 -12.50 -8.46
C PHE C 156 9.62 -12.09 -9.89
N ALA C 157 10.59 -11.46 -10.56
CA ALA C 157 10.35 -10.96 -11.91
C ALA C 157 10.77 -11.88 -13.05
N ARG C 158 11.00 -13.17 -12.76
CA ARG C 158 11.27 -14.16 -13.79
C ARG C 158 10.28 -15.30 -13.55
N ALA C 159 10.11 -16.17 -14.52
CA ALA C 159 9.20 -17.30 -14.33
C ALA C 159 9.96 -18.43 -13.63
N PHE C 160 9.24 -19.32 -12.93
CA PHE C 160 9.89 -20.43 -12.24
C PHE C 160 10.48 -21.47 -13.16
N PRO C 161 9.73 -21.98 -14.14
CA PRO C 161 10.22 -23.03 -15.03
C PRO C 161 11.22 -22.56 -16.05
N MSE C 162 12.09 -23.47 -16.45
CA MSE C 162 13.05 -23.23 -17.54
C MSE C 162 12.13 -23.23 -18.77
O MSE C 162 11.28 -24.12 -18.81
CB MSE C 162 14.02 -24.39 -17.71
CG MSE C 162 14.88 -24.29 -18.98
SE MSE C 162 16.11 -25.77 -19.10
CE MSE C 162 17.24 -25.39 -17.66
N MSE C 163 12.22 -22.26 -19.65
CA MSE C 163 11.37 -22.26 -20.84
C MSE C 163 12.25 -22.23 -22.09
O MSE C 163 13.15 -21.40 -22.23
CB MSE C 163 10.48 -21.02 -20.86
CG MSE C 163 9.31 -21.18 -19.91
SE MSE C 163 8.68 -19.42 -19.43
CE MSE C 163 6.93 -19.87 -18.91
N MSE C 164 11.96 -23.15 -23.01
CA MSE C 164 12.73 -23.25 -24.25
C MSE C 164 11.81 -22.94 -25.43
O MSE C 164 10.96 -23.76 -25.75
CB MSE C 164 13.33 -24.66 -24.39
CG MSE C 164 14.07 -25.11 -23.15
SE MSE C 164 14.94 -26.80 -23.31
CE MSE C 164 16.35 -26.44 -24.49
N THR C 165 11.89 -21.71 -25.90
CA THR C 165 11.04 -21.24 -26.99
C THR C 165 11.81 -20.87 -28.24
N ALA C 166 11.06 -20.49 -29.28
CA ALA C 166 11.64 -20.04 -30.54
C ALA C 166 12.51 -18.81 -30.34
N ALA C 167 12.16 -17.95 -29.38
CA ALA C 167 12.98 -16.76 -29.12
C ALA C 167 14.26 -17.09 -28.36
N GLY C 168 14.28 -18.20 -27.62
CA GLY C 168 15.48 -18.54 -26.85
C GLY C 168 15.05 -19.21 -25.54
N THR C 169 16.03 -19.62 -24.76
CA THR C 169 15.80 -20.30 -23.50
C THR C 169 16.05 -19.37 -22.33
N VAL C 170 15.19 -19.46 -21.34
CA VAL C 170 15.36 -18.61 -20.12
C VAL C 170 15.52 -19.62 -19.00
N PRO C 171 16.50 -19.44 -18.12
CA PRO C 171 16.78 -20.43 -17.09
C PRO C 171 15.67 -20.49 -16.05
N PRO C 172 15.61 -21.57 -15.29
CA PRO C 172 14.59 -21.71 -14.27
C PRO C 172 14.89 -20.87 -13.05
N ALA C 173 13.94 -20.75 -12.13
CA ALA C 173 14.23 -20.12 -10.84
C ALA C 173 15.06 -21.11 -9.99
N ARG C 174 15.96 -20.61 -9.17
CA ARG C 174 16.70 -21.46 -8.24
C ARG C 174 16.16 -21.15 -6.85
N VAL C 175 15.66 -22.18 -6.18
CA VAL C 175 15.05 -22.04 -4.87
C VAL C 175 15.82 -22.75 -3.78
N LEU C 176 16.00 -22.12 -2.62
CA LEU C 176 16.73 -22.73 -1.51
C LEU C 176 15.83 -22.72 -0.28
N VAL C 177 15.50 -23.90 0.24
CA VAL C 177 14.60 -23.97 1.40
C VAL C 177 15.40 -24.29 2.67
N PHE C 178 15.42 -23.34 3.58
CA PHE C 178 16.14 -23.48 4.84
C PHE C 178 15.19 -23.97 5.94
N GLY C 179 15.33 -25.23 6.34
CA GLY C 179 14.44 -25.80 7.35
C GLY C 179 13.42 -26.63 6.57
N VAL C 180 13.53 -27.94 6.69
CA VAL C 180 12.68 -28.86 5.95
C VAL C 180 11.80 -29.65 6.92
N GLY C 181 10.95 -28.90 7.59
CA GLY C 181 9.93 -29.44 8.48
C GLY C 181 8.67 -29.51 7.59
N VAL C 182 7.50 -29.41 8.19
CA VAL C 182 6.24 -29.54 7.45
C VAL C 182 6.10 -28.47 6.37
N ALA C 183 6.35 -27.21 6.70
CA ALA C 183 6.22 -26.11 5.74
C ALA C 183 7.27 -26.24 4.62
N GLY C 184 8.51 -26.51 5.03
CA GLY C 184 9.63 -26.65 4.12
C GLY C 184 9.41 -27.75 3.09
N LEU C 185 8.84 -28.88 3.47
CA LEU C 185 8.57 -29.95 2.52
C LEU C 185 7.53 -29.53 1.48
N GLN C 186 6.50 -28.79 1.91
CA GLN C 186 5.48 -28.35 0.93
C GLN C 186 6.07 -27.25 0.06
N ALA C 187 6.99 -26.46 0.60
CA ALA C 187 7.68 -25.44 -0.17
C ALA C 187 8.49 -26.13 -1.26
N ILE C 188 9.27 -27.16 -0.91
CA ILE C 188 10.03 -27.90 -1.91
C ILE C 188 9.09 -28.45 -2.98
N ALA C 189 8.05 -29.18 -2.57
CA ALA C 189 7.12 -29.77 -3.53
C ALA C 189 6.52 -28.74 -4.47
N THR C 190 6.04 -27.63 -3.93
CA THR C 190 5.42 -26.57 -4.73
C THR C 190 6.42 -25.95 -5.70
N ALA C 191 7.62 -25.64 -5.21
CA ALA C 191 8.63 -25.01 -6.08
C ALA C 191 9.04 -25.96 -7.19
N LYS C 192 9.20 -27.24 -6.84
CA LYS C 192 9.62 -28.25 -7.81
C LYS C 192 8.60 -28.46 -8.90
N ARG C 193 7.31 -28.54 -8.58
CA ARG C 193 6.28 -28.75 -9.59
C ARG C 193 6.18 -27.53 -10.51
N LEU C 194 6.52 -26.36 -9.99
CA LEU C 194 6.54 -25.16 -10.81
C LEU C 194 7.74 -25.15 -11.74
N GLY C 195 8.72 -26.04 -11.58
CA GLY C 195 9.86 -26.09 -12.48
C GLY C 195 11.18 -25.62 -11.92
N ALA C 196 11.19 -25.11 -10.70
CA ALA C 196 12.44 -24.63 -10.11
C ALA C 196 13.45 -25.73 -9.83
N VAL C 197 14.71 -25.35 -9.79
CA VAL C 197 15.80 -26.21 -9.30
C VAL C 197 15.81 -25.91 -7.80
N VAL C 198 15.56 -26.92 -7.00
CA VAL C 198 15.38 -26.73 -5.56
C VAL C 198 16.49 -27.35 -4.71
N MSE C 199 17.04 -26.51 -3.84
CA MSE C 199 18.06 -26.95 -2.88
C MSE C 199 17.46 -26.79 -1.48
O MSE C 199 16.55 -25.99 -1.27
CB MSE C 199 19.32 -26.10 -2.99
CG MSE C 199 20.40 -26.56 -3.95
SE MSE C 199 19.85 -26.80 -5.74
CE MSE C 199 19.09 -25.12 -6.17
N ALA C 200 17.98 -27.53 -0.49
CA ALA C 200 17.44 -27.37 0.86
C ALA C 200 18.43 -27.87 1.90
N THR C 201 18.26 -27.35 3.11
CA THR C 201 19.14 -27.78 4.19
C THR C 201 18.35 -27.82 5.48
N ASP C 202 18.83 -28.62 6.44
CA ASP C 202 18.23 -28.74 7.75
C ASP C 202 19.27 -29.39 8.67
N VAL C 203 19.09 -29.28 9.97
CA VAL C 203 20.04 -29.92 10.89
C VAL C 203 19.72 -31.38 11.08
N ARG C 204 18.46 -31.80 10.91
CA ARG C 204 18.09 -33.19 11.14
C ARG C 204 18.46 -34.08 9.97
N ALA C 205 19.10 -35.21 10.25
CA ALA C 205 19.51 -36.14 9.21
C ALA C 205 18.36 -36.86 8.54
N ALA C 206 17.26 -37.10 9.24
CA ALA C 206 16.11 -37.79 8.65
C ALA C 206 15.52 -37.03 7.45
N THR C 207 15.74 -35.75 7.41
CA THR C 207 15.29 -34.79 6.39
C THR C 207 15.89 -34.99 5.03
N LYS C 208 17.14 -35.42 4.93
CA LYS C 208 17.86 -35.63 3.69
C LYS C 208 17.12 -36.48 2.66
N GLU C 209 16.68 -37.66 3.07
CA GLU C 209 15.91 -38.58 2.27
C GLU C 209 14.56 -37.99 1.87
N GLN C 210 13.96 -37.17 2.72
CA GLN C 210 12.66 -36.58 2.39
C GLN C 210 12.85 -35.54 1.28
N VAL C 211 13.91 -34.76 1.41
CA VAL C 211 14.25 -33.78 0.38
C VAL C 211 14.50 -34.50 -0.95
N GLU C 212 15.41 -35.46 -0.97
CA GLU C 212 15.74 -36.18 -2.21
C GLU C 212 14.58 -36.90 -2.85
N SER C 213 13.66 -37.48 -2.06
CA SER C 213 12.49 -38.12 -2.65
C SER C 213 11.56 -37.11 -3.31
N LEU C 214 11.63 -35.83 -2.99
CA LEU C 214 10.82 -34.81 -3.65
C LEU C 214 11.55 -34.20 -4.84
N GLY C 215 12.79 -34.62 -5.08
CA GLY C 215 13.61 -34.12 -6.16
C GLY C 215 14.40 -32.86 -5.80
N GLY C 216 14.58 -32.58 -4.51
CA GLY C 216 15.39 -31.43 -4.10
C GLY C 216 16.82 -31.93 -3.88
N LYS C 217 17.77 -31.02 -3.87
CA LYS C 217 19.16 -31.35 -3.57
C LYS C 217 19.44 -30.93 -2.11
N PHE C 218 19.83 -31.88 -1.29
CA PHE C 218 20.13 -31.56 0.11
C PHE C 218 21.54 -30.99 0.26
N ILE C 219 21.71 -29.92 1.03
CA ILE C 219 23.03 -29.34 1.23
C ILE C 219 23.60 -29.87 2.56
N THR C 220 24.56 -30.77 2.41
CA THR C 220 25.22 -31.38 3.56
C THR C 220 26.12 -30.38 4.25
N VAL C 221 25.99 -30.27 5.58
CA VAL C 221 26.83 -29.33 6.32
C VAL C 221 27.75 -30.12 7.24
N ASP C 222 27.16 -30.78 8.25
CA ASP C 222 27.96 -31.56 9.17
C ASP C 222 27.38 -32.95 9.36
N ASP C 223 27.57 -33.78 8.34
CA ASP C 223 27.15 -35.16 8.23
C ASP C 223 26.88 -35.90 9.53
N GLU C 224 27.89 -36.09 10.37
CA GLU C 224 27.74 -36.81 11.63
C GLU C 224 26.99 -36.03 12.70
N ALA C 225 27.09 -34.70 12.66
CA ALA C 225 26.41 -33.85 13.63
C ALA C 225 24.89 -33.95 13.49
N MSE C 226 24.42 -34.14 12.26
CA MSE C 226 23.02 -34.31 11.92
C MSE C 226 22.38 -35.51 12.61
O MSE C 226 21.17 -35.55 12.88
CB MSE C 226 22.89 -34.50 10.40
CG MSE C 226 23.35 -33.28 9.61
SE MSE C 226 22.38 -33.17 7.96
CE MSE C 226 23.83 -32.83 6.77
N LYS C 227 23.19 -36.52 12.88
CA LYS C 227 22.81 -37.74 13.56
C LYS C 227 22.16 -37.52 14.92
N THR C 228 22.69 -36.56 15.67
CA THR C 228 22.17 -36.30 17.02
C THR C 228 21.36 -35.03 17.09
N ALA C 229 21.08 -34.38 15.96
CA ALA C 229 20.36 -33.12 15.94
C ALA C 229 18.87 -33.17 16.21
N GLU C 230 18.21 -34.31 16.12
CA GLU C 230 16.77 -34.39 16.33
C GLU C 230 16.39 -34.75 17.77
N THR C 231 15.28 -34.18 18.24
CA THR C 231 14.78 -34.47 19.58
C THR C 231 13.85 -35.68 19.50
N ALA C 232 13.21 -36.02 20.62
CA ALA C 232 12.28 -37.14 20.67
C ALA C 232 10.89 -36.72 20.17
N GLY C 233 10.65 -35.42 20.15
CA GLY C 233 9.41 -34.86 19.65
C GLY C 233 9.48 -34.63 18.15
N GLY C 234 10.66 -34.80 17.58
CA GLY C 234 10.89 -34.65 16.15
C GLY C 234 11.42 -33.27 15.77
N TYR C 235 11.70 -32.45 16.77
CA TYR C 235 12.20 -31.10 16.52
C TYR C 235 13.73 -31.08 16.52
N ALA C 236 14.24 -29.95 16.03
CA ALA C 236 15.68 -29.73 15.97
C ALA C 236 16.21 -29.21 17.31
N LYS C 237 17.48 -29.49 17.56
CA LYS C 237 18.14 -29.02 18.77
C LYS C 237 18.95 -27.78 18.44
N GLU C 238 19.25 -26.99 19.48
CA GLU C 238 20.11 -25.82 19.28
C GLU C 238 21.46 -26.38 18.82
N MSE C 239 22.04 -25.84 17.76
CA MSE C 239 23.29 -26.41 17.27
C MSE C 239 24.56 -25.69 17.70
O MSE C 239 25.55 -26.39 17.95
CB MSE C 239 23.26 -26.51 15.73
CG MSE C 239 22.22 -27.47 15.18
SE MSE C 239 22.32 -29.23 15.90
CE MSE C 239 23.21 -30.16 14.50
N GLY C 240 24.58 -24.37 17.74
CA GLY C 240 25.79 -23.66 18.15
C GLY C 240 26.41 -22.80 17.07
N GLU C 241 27.43 -22.01 17.45
CA GLU C 241 28.12 -21.10 16.56
C GLU C 241 29.10 -21.78 15.62
N GLU C 242 29.75 -22.85 16.07
CA GLU C 242 30.70 -23.56 15.24
C GLU C 242 29.99 -24.14 14.01
N PHE C 243 28.81 -24.73 14.25
CA PHE C 243 27.99 -25.25 13.16
C PHE C 243 27.48 -24.08 12.32
N ARG C 244 27.06 -23.01 12.98
CA ARG C 244 26.55 -21.82 12.31
C ARG C 244 27.51 -21.40 11.20
N LYS C 245 28.79 -21.20 11.55
CA LYS C 245 29.84 -20.86 10.60
C LYS C 245 29.95 -21.91 9.50
N LYS C 246 29.91 -23.18 9.87
CA LYS C 246 29.96 -24.26 8.88
C LYS C 246 28.79 -24.15 7.90
N GLN C 247 27.58 -24.13 8.45
CA GLN C 247 26.35 -24.01 7.66
C GLN C 247 26.45 -22.90 6.63
N ALA C 248 26.82 -21.71 7.07
CA ALA C 248 27.00 -20.55 6.21
C ALA C 248 27.92 -20.83 5.02
N GLU C 249 29.09 -21.44 5.25
CA GLU C 249 30.02 -21.71 4.16
C GLU C 249 29.47 -22.69 3.13
N ALA C 250 28.74 -23.69 3.57
CA ALA C 250 28.16 -24.69 2.66
C ALA C 250 27.02 -24.08 1.84
N VAL C 251 26.19 -23.34 2.53
CA VAL C 251 25.03 -22.64 2.01
C VAL C 251 25.38 -21.51 1.07
N LEU C 252 26.35 -20.68 1.43
CA LEU C 252 26.68 -19.50 0.63
C LEU C 252 26.97 -19.83 -0.83
N LYS C 253 27.66 -20.93 -1.09
CA LYS C 253 27.94 -21.38 -2.45
C LYS C 253 26.67 -21.46 -3.28
N GLU C 254 25.60 -22.03 -2.74
CA GLU C 254 24.34 -22.10 -3.46
C GLU C 254 23.54 -20.81 -3.31
N LEU C 255 23.63 -20.13 -2.18
CA LEU C 255 22.88 -18.92 -1.94
C LEU C 255 23.24 -17.82 -2.90
N VAL C 256 24.51 -17.70 -3.32
CA VAL C 256 24.87 -16.67 -4.29
C VAL C 256 24.18 -16.90 -5.63
N LYS C 257 23.73 -18.09 -5.97
CA LYS C 257 23.02 -18.40 -7.20
C LYS C 257 21.50 -18.47 -7.00
N THR C 258 21.05 -18.41 -5.76
CA THR C 258 19.66 -18.51 -5.42
C THR C 258 18.79 -17.34 -5.80
N ASP C 259 17.62 -17.64 -6.38
CA ASP C 259 16.65 -16.62 -6.72
C ASP C 259 15.65 -16.40 -5.60
N ILE C 260 15.16 -17.48 -5.00
CA ILE C 260 14.17 -17.42 -3.95
C ILE C 260 14.63 -18.26 -2.76
N ALA C 261 14.85 -17.61 -1.63
CA ALA C 261 15.26 -18.37 -0.44
C ALA C 261 14.07 -18.39 0.49
N ILE C 262 13.62 -19.57 0.89
CA ILE C 262 12.48 -19.73 1.78
C ILE C 262 12.99 -20.28 3.10
N THR C 263 12.71 -19.53 4.14
CA THR C 263 13.24 -19.79 5.49
C THR C 263 12.15 -20.18 6.46
N THR C 264 12.24 -21.36 7.10
CA THR C 264 11.16 -21.87 7.93
C THR C 264 11.57 -22.45 9.27
N ALA C 265 12.81 -22.24 9.68
CA ALA C 265 13.33 -22.91 10.87
C ALA C 265 12.86 -22.33 12.18
N LEU C 266 12.48 -23.24 13.10
CA LEU C 266 12.01 -22.90 14.43
C LEU C 266 12.74 -23.77 15.46
N ILE C 267 12.93 -23.27 16.66
CA ILE C 267 13.51 -24.02 17.77
C ILE C 267 12.54 -23.87 18.94
N PRO C 268 12.05 -24.99 19.45
CA PRO C 268 11.12 -25.01 20.56
C PRO C 268 11.48 -24.12 21.72
N GLY C 269 10.61 -23.17 22.05
CA GLY C 269 10.80 -22.24 23.15
C GLY C 269 11.91 -21.21 23.02
N LYS C 270 12.56 -21.12 21.87
CA LYS C 270 13.63 -20.17 21.62
C LYS C 270 13.28 -19.28 20.44
N PRO C 271 14.02 -18.19 20.29
CA PRO C 271 13.89 -17.33 19.12
C PRO C 271 14.32 -18.14 17.91
N ALA C 272 13.88 -17.76 16.72
CA ALA C 272 14.26 -18.49 15.52
C ALA C 272 15.77 -18.39 15.28
N PRO C 273 16.36 -19.45 14.79
CA PRO C 273 17.78 -19.46 14.44
C PRO C 273 18.04 -18.50 13.28
N VAL C 274 19.10 -17.72 13.38
CA VAL C 274 19.48 -16.82 12.29
C VAL C 274 20.13 -17.70 11.22
N LEU C 275 19.48 -17.81 10.06
CA LEU C 275 20.00 -18.66 8.99
C LEU C 275 20.55 -17.87 7.81
N ILE C 276 20.10 -16.63 7.65
CA ILE C 276 20.54 -15.77 6.57
C ILE C 276 20.86 -14.40 7.16
N THR C 277 22.15 -14.22 7.48
CA THR C 277 22.59 -12.95 8.07
C THR C 277 22.53 -11.82 7.07
N GLU C 278 22.59 -10.58 7.56
CA GLU C 278 22.62 -9.44 6.66
C GLU C 278 23.80 -9.51 5.70
N GLU C 279 24.98 -9.92 6.19
CA GLU C 279 26.16 -10.10 5.36
C GLU C 279 25.85 -11.06 4.21
N MSE C 280 25.18 -12.16 4.51
CA MSE C 280 24.79 -13.14 3.51
C MSE C 280 23.81 -12.56 2.49
O MSE C 280 23.98 -12.80 1.28
CB MSE C 280 24.19 -14.36 4.21
CG MSE C 280 25.24 -15.23 4.92
SE MSE C 280 24.56 -16.62 6.00
CE MSE C 280 23.78 -17.76 4.66
N VAL C 281 22.85 -11.71 2.87
CA VAL C 281 21.92 -11.17 1.88
C VAL C 281 22.65 -10.25 0.92
N THR C 282 23.74 -9.65 1.36
CA THR C 282 24.59 -8.77 0.57
C THR C 282 25.26 -9.47 -0.59
N LYS C 283 25.46 -10.78 -0.50
CA LYS C 283 26.09 -11.57 -1.52
C LYS C 283 25.11 -12.18 -2.50
N MSE C 284 23.82 -11.95 -2.30
CA MSE C 284 22.74 -12.43 -3.13
C MSE C 284 22.56 -11.57 -4.38
O MSE C 284 22.94 -10.39 -4.37
CB MSE C 284 21.44 -12.44 -2.32
CG MSE C 284 21.39 -13.52 -1.25
SE MSE C 284 19.72 -13.79 -0.38
CE MSE C 284 18.80 -14.81 -1.69
N LYS C 285 21.99 -12.12 -5.44
CA LYS C 285 21.79 -11.42 -6.71
C LYS C 285 20.66 -10.41 -6.66
N PRO C 286 20.81 -9.32 -7.40
CA PRO C 286 19.78 -8.28 -7.46
C PRO C 286 18.52 -8.90 -8.03
N GLY C 287 17.35 -8.69 -7.42
CA GLY C 287 16.11 -9.28 -7.91
C GLY C 287 15.69 -10.51 -7.12
N SER C 288 16.55 -10.99 -6.23
CA SER C 288 16.27 -12.16 -5.41
C SER C 288 15.25 -11.86 -4.34
N VAL C 289 14.62 -12.93 -3.82
CA VAL C 289 13.64 -12.70 -2.75
C VAL C 289 13.81 -13.72 -1.62
N ILE C 290 13.59 -13.24 -0.41
CA ILE C 290 13.65 -14.08 0.78
C ILE C 290 12.22 -14.08 1.38
N ILE C 291 11.70 -15.27 1.63
CA ILE C 291 10.39 -15.41 2.25
C ILE C 291 10.67 -15.95 3.67
N ASP C 292 10.64 -15.07 4.66
CA ASP C 292 10.97 -15.48 6.03
C ASP C 292 9.72 -15.93 6.76
N LEU C 293 9.40 -17.23 6.75
CA LEU C 293 8.21 -17.75 7.40
C LEU C 293 8.32 -17.80 8.92
N ALA C 294 9.50 -17.54 9.44
CA ALA C 294 9.75 -17.55 10.88
C ALA C 294 9.77 -16.14 11.44
N VAL C 295 9.36 -15.16 10.64
CA VAL C 295 9.34 -13.76 10.99
C VAL C 295 8.66 -13.46 12.31
N GLU C 296 7.54 -14.09 12.64
CA GLU C 296 6.89 -13.81 13.91
C GLU C 296 7.64 -14.38 15.10
N ALA C 297 8.48 -15.38 14.90
CA ALA C 297 9.26 -15.99 15.97
C ALA C 297 10.65 -15.36 16.10
N GLY C 298 10.94 -14.31 15.34
CA GLY C 298 12.19 -13.59 15.40
C GLY C 298 12.82 -13.46 14.02
N GLY C 299 12.39 -14.33 13.10
CA GLY C 299 12.89 -14.34 11.74
C GLY C 299 14.19 -15.11 11.65
N ASN C 300 14.39 -15.82 10.52
CA ASN C 300 15.64 -16.52 10.27
C ASN C 300 16.61 -15.55 9.57
N CYS C 301 16.11 -14.38 9.23
CA CYS C 301 16.84 -13.31 8.61
C CYS C 301 16.54 -12.03 9.41
N PRO C 302 17.57 -11.42 9.97
CA PRO C 302 17.44 -10.23 10.77
C PRO C 302 16.85 -9.02 10.07
N LEU C 303 16.81 -8.97 8.75
CA LEU C 303 16.23 -7.85 8.02
C LEU C 303 14.72 -7.94 7.85
N SER C 304 14.15 -9.13 8.10
CA SER C 304 12.71 -9.28 7.91
C SER C 304 11.93 -8.55 8.99
N GLU C 305 10.82 -7.93 8.61
CA GLU C 305 9.97 -7.21 9.54
C GLU C 305 8.54 -7.73 9.37
N PRO C 306 7.91 -8.05 10.50
CA PRO C 306 6.58 -8.63 10.51
C PRO C 306 5.53 -7.81 9.78
N GLY C 307 4.80 -8.42 8.86
CA GLY C 307 3.74 -7.81 8.10
C GLY C 307 4.22 -6.90 6.99
N LYS C 308 5.51 -6.96 6.64
CA LYS C 308 6.06 -6.09 5.63
C LYS C 308 7.00 -6.78 4.64
N ILE C 309 7.21 -6.07 3.53
CA ILE C 309 8.14 -6.47 2.50
C ILE C 309 9.24 -5.37 2.58
N VAL C 310 10.41 -5.77 3.02
CA VAL C 310 11.54 -4.86 3.14
C VAL C 310 12.47 -5.06 1.94
N VAL C 311 12.97 -3.96 1.40
CA VAL C 311 13.91 -4.06 0.29
C VAL C 311 15.27 -3.56 0.78
N LYS C 312 16.27 -4.42 0.73
CA LYS C 312 17.62 -4.01 1.12
C LYS C 312 18.63 -4.79 0.30
N HIS C 313 19.67 -4.09 -0.16
CA HIS C 313 20.72 -4.69 -0.98
C HIS C 313 20.19 -5.34 -2.25
N GLY C 314 19.14 -4.82 -2.85
CA GLY C 314 18.52 -5.34 -4.05
C GLY C 314 17.68 -6.59 -3.85
N VAL C 315 17.45 -7.01 -2.62
CA VAL C 315 16.73 -8.21 -2.27
C VAL C 315 15.42 -7.84 -1.58
N LYS C 316 14.33 -8.51 -1.95
CA LYS C 316 13.07 -8.29 -1.25
C LYS C 316 13.02 -9.29 -0.09
N ILE C 317 12.82 -8.80 1.13
CA ILE C 317 12.77 -9.68 2.29
C ILE C 317 11.30 -9.69 2.75
N VAL C 318 10.55 -10.69 2.34
CA VAL C 318 9.12 -10.80 2.61
C VAL C 318 8.85 -11.45 3.96
N GLY C 319 8.08 -10.80 4.81
CA GLY C 319 7.76 -11.32 6.13
C GLY C 319 6.29 -11.18 6.46
N HIS C 320 5.39 -11.77 5.65
CA HIS C 320 3.97 -11.66 5.98
C HIS C 320 3.66 -12.32 7.32
N THR C 321 2.66 -11.75 8.01
CA THR C 321 2.24 -12.34 9.28
C THR C 321 1.09 -13.31 8.96
N ASN C 322 0.85 -14.25 9.86
CA ASN C 322 -0.27 -15.19 9.69
C ASN C 322 -0.42 -15.69 8.26
N VAL C 323 0.58 -16.46 7.81
CA VAL C 323 0.60 -17.04 6.46
C VAL C 323 -0.53 -18.01 6.19
N PRO C 324 -0.95 -18.82 7.16
CA PRO C 324 -2.08 -19.71 6.99
C PRO C 324 -3.34 -18.96 6.58
N SER C 325 -3.55 -17.73 7.09
CA SER C 325 -4.72 -16.95 6.68
C SER C 325 -4.61 -16.45 5.26
N ARG C 326 -3.45 -16.49 4.62
CA ARG C 326 -3.32 -16.15 3.20
C ARG C 326 -3.84 -17.31 2.34
N VAL C 327 -4.13 -18.46 2.96
CA VAL C 327 -4.78 -19.59 2.33
C VAL C 327 -6.01 -19.95 3.19
N ALA C 328 -6.74 -18.92 3.63
CA ALA C 328 -7.84 -19.12 4.56
C ALA C 328 -8.92 -20.11 4.16
N ALA C 329 -9.33 -20.18 2.90
CA ALA C 329 -10.39 -21.08 2.49
C ALA C 329 -9.98 -22.54 2.53
N ASP C 330 -8.69 -22.86 2.51
CA ASP C 330 -8.23 -24.24 2.66
C ASP C 330 -7.85 -24.49 4.12
N ALA C 331 -7.27 -23.49 4.75
CA ALA C 331 -6.86 -23.56 6.14
C ALA C 331 -8.01 -23.85 7.09
N SER C 332 -9.16 -23.23 6.89
CA SER C 332 -10.32 -23.36 7.76
C SER C 332 -10.92 -24.74 7.86
N PRO C 333 -11.22 -25.40 6.74
CA PRO C 333 -11.76 -26.74 6.74
C PRO C 333 -10.77 -27.69 7.40
N LEU C 334 -9.46 -27.54 7.18
CA LEU C 334 -8.48 -28.41 7.83
C LEU C 334 -8.41 -28.10 9.33
N PHE C 335 -8.48 -26.83 9.71
CA PHE C 335 -8.44 -26.50 11.15
C PHE C 335 -9.68 -27.05 11.84
N ALA C 336 -10.83 -26.91 11.18
CA ALA C 336 -12.10 -27.44 11.63
C ALA C 336 -12.01 -28.96 11.79
N LYS C 337 -11.35 -29.63 10.82
CA LYS C 337 -11.22 -31.08 10.95
C LYS C 337 -10.30 -31.45 12.11
N ASN C 338 -9.23 -30.69 12.35
CA ASN C 338 -8.35 -30.93 13.48
C ASN C 338 -9.17 -30.90 14.79
N LEU C 339 -10.02 -29.89 14.95
CA LEU C 339 -10.85 -29.79 16.13
C LEU C 339 -11.84 -30.96 16.20
N LEU C 340 -12.47 -31.32 15.09
CA LEU C 340 -13.42 -32.44 15.08
C LEU C 340 -12.77 -33.76 15.46
N ASN C 341 -11.57 -34.05 14.94
CA ASN C 341 -10.85 -35.28 15.26
C ASN C 341 -10.42 -35.37 16.72
N PHE C 342 -10.10 -34.25 17.34
CA PHE C 342 -9.75 -34.17 18.75
C PHE C 342 -10.96 -34.38 19.65
N LEU C 343 -12.09 -33.79 19.28
CA LEU C 343 -13.30 -33.89 20.09
C LEU C 343 -14.13 -35.16 19.91
N THR C 344 -14.18 -35.71 18.71
CA THR C 344 -15.01 -36.87 18.41
C THR C 344 -14.88 -38.07 19.32
N PRO C 345 -13.70 -38.54 19.66
CA PRO C 345 -13.53 -39.67 20.54
C PRO C 345 -14.21 -39.55 21.90
N HIS C 346 -14.49 -38.36 22.39
CA HIS C 346 -15.09 -38.12 23.69
C HIS C 346 -16.59 -37.98 23.71
N VAL C 347 -17.26 -38.33 22.61
CA VAL C 347 -18.72 -38.28 22.55
C VAL C 347 -19.19 -39.73 22.55
N ASP C 348 -20.25 -40.08 23.28
CA ASP C 348 -20.64 -41.51 23.22
C ASP C 348 -22.14 -41.70 23.05
N LYS C 349 -22.53 -42.97 23.16
CA LYS C 349 -23.89 -43.42 22.92
C LYS C 349 -24.57 -43.94 24.19
N LYS C 352 -26.87 -38.58 24.32
CA LYS C 352 -25.52 -38.86 23.81
C LYS C 352 -24.63 -37.65 23.99
N THR C 353 -23.77 -37.77 24.99
CA THR C 353 -22.95 -36.72 25.53
C THR C 353 -21.47 -36.64 25.23
N LEU C 354 -20.94 -35.46 25.55
CA LEU C 354 -19.53 -35.15 25.43
C LEU C 354 -18.89 -35.19 26.82
N VAL C 355 -17.99 -36.13 27.03
CA VAL C 355 -17.26 -36.23 28.30
C VAL C 355 -15.77 -36.37 27.96
N MSE C 356 -15.01 -35.29 28.07
CA MSE C 356 -13.59 -35.38 27.77
C MSE C 356 -12.95 -36.43 28.69
O MSE C 356 -13.13 -36.33 29.91
CB MSE C 356 -12.88 -34.05 27.97
CG MSE C 356 -13.32 -32.89 27.08
SE MSE C 356 -13.54 -33.30 25.25
CE MSE C 356 -11.83 -33.29 24.52
N LYS C 357 -12.26 -37.41 28.13
CA LYS C 357 -11.59 -38.41 28.96
C LYS C 357 -10.26 -37.80 29.38
N LEU C 358 -10.22 -37.36 30.64
CA LEU C 358 -9.04 -36.67 31.17
C LEU C 358 -7.78 -37.48 31.17
N GLU C 359 -7.85 -38.81 31.16
CA GLU C 359 -6.70 -39.68 31.14
C GLU C 359 -6.12 -39.78 29.74
N ASP C 360 -6.89 -39.38 28.73
CA ASP C 360 -6.37 -39.41 27.36
C ASP C 360 -5.22 -38.42 27.29
N GLU C 361 -4.09 -38.85 26.74
CA GLU C 361 -2.88 -38.05 26.63
C GLU C 361 -3.06 -36.78 25.82
N THR C 362 -3.96 -36.76 24.82
CA THR C 362 -4.19 -35.56 24.03
C THR C 362 -4.97 -34.54 24.84
N VAL C 363 -5.79 -35.02 25.77
CA VAL C 363 -6.61 -34.15 26.61
C VAL C 363 -5.77 -33.56 27.72
N SER C 364 -5.07 -34.40 28.47
CA SER C 364 -4.20 -33.90 29.54
C SER C 364 -3.04 -33.10 28.99
N GLY C 365 -2.49 -33.45 27.83
CA GLY C 365 -1.36 -32.70 27.27
C GLY C 365 -1.74 -31.32 26.74
N THR C 366 -3.01 -31.16 26.37
CA THR C 366 -3.50 -29.92 25.78
C THR C 366 -4.15 -28.98 26.77
N CYS C 367 -4.70 -29.52 27.86
CA CYS C 367 -5.39 -28.73 28.85
C CYS C 367 -4.50 -27.79 29.64
N VAL C 368 -4.72 -26.46 29.55
CA VAL C 368 -3.87 -25.52 30.27
C VAL C 368 -4.54 -24.93 31.51
N THR C 369 -5.85 -25.02 31.59
CA THR C 369 -6.61 -24.51 32.72
C THR C 369 -7.95 -25.23 32.73
N ARG C 370 -8.44 -25.51 33.93
CA ARG C 370 -9.68 -26.26 34.09
C ARG C 370 -10.26 -26.02 35.48
N ASP C 371 -11.55 -25.76 35.57
CA ASP C 371 -12.25 -25.49 36.82
C ASP C 371 -11.59 -24.47 37.74
N GLY C 372 -11.05 -23.37 37.25
CA GLY C 372 -10.41 -22.37 38.10
C GLY C 372 -8.97 -22.72 38.46
N ALA C 373 -8.42 -23.82 37.96
CA ALA C 373 -7.05 -24.22 38.30
C ALA C 373 -6.14 -24.29 37.08
N ILE C 374 -4.97 -23.70 37.16
CA ILE C 374 -4.00 -23.72 36.07
C ILE C 374 -3.25 -25.04 36.15
N VAL C 375 -3.34 -25.83 35.08
CA VAL C 375 -2.80 -27.17 35.02
C VAL C 375 -1.33 -27.24 34.66
N HIS C 376 -1.03 -26.75 33.46
CA HIS C 376 0.33 -26.74 32.96
C HIS C 376 0.80 -25.28 32.94
N PRO C 377 1.58 -25.08 34.10
CA PRO C 377 2.05 -23.68 34.27
C PRO C 377 2.93 -23.21 33.14
N MSE D 1 32.56 10.41 34.94
CA MSE D 1 31.30 9.64 34.75
C MSE D 1 30.94 9.52 33.27
O MSE D 1 31.15 10.44 32.49
CB MSE D 1 30.14 10.30 35.52
CG MSE D 1 30.20 9.94 36.99
SE MSE D 1 28.52 10.01 37.89
CE MSE D 1 28.06 11.81 37.46
N LYS D 2 30.39 8.36 32.90
CA LYS D 2 30.01 8.11 31.52
C LYS D 2 28.50 7.93 31.34
N ILE D 3 27.94 8.68 30.39
CA ILE D 3 26.51 8.60 30.08
C ILE D 3 26.36 8.06 28.66
N ALA D 4 25.61 6.97 28.53
CA ALA D 4 25.42 6.33 27.23
C ALA D 4 23.97 6.34 26.75
N ILE D 5 23.78 6.48 25.44
CA ILE D 5 22.45 6.48 24.85
C ILE D 5 22.48 5.53 23.66
N PRO D 6 21.75 4.44 23.77
CA PRO D 6 21.69 3.45 22.70
C PRO D 6 20.64 3.81 21.67
N LYS D 7 20.63 3.06 20.56
CA LYS D 7 19.59 3.25 19.56
C LYS D 7 18.34 2.51 20.07
N GLU D 8 17.17 3.07 19.81
CA GLU D 8 15.93 2.41 20.21
C GLU D 8 15.71 1.24 19.25
N ARG D 9 15.41 0.06 19.79
CA ARG D 9 15.24 -1.11 18.94
C ARG D 9 13.84 -1.69 18.94
N ARG D 10 12.91 -1.25 19.77
CA ARG D 10 11.55 -1.77 19.70
C ARG D 10 10.94 -1.32 18.37
N PRO D 11 10.18 -2.19 17.72
CA PRO D 11 9.59 -1.93 16.44
C PRO D 11 8.95 -0.56 16.30
N GLY D 12 9.34 0.18 15.27
CA GLY D 12 8.79 1.48 14.99
C GLY D 12 9.23 2.67 15.79
N GLU D 13 10.09 2.51 16.77
CA GLU D 13 10.58 3.62 17.58
C GLU D 13 11.68 4.37 16.85
N ASP D 14 11.40 5.60 16.43
CA ASP D 14 12.35 6.44 15.74
C ASP D 14 12.91 7.53 16.63
N ARG D 15 12.38 7.67 17.85
CA ARG D 15 12.89 8.68 18.75
C ARG D 15 14.23 8.21 19.35
N VAL D 16 14.97 9.16 19.92
CA VAL D 16 16.25 8.85 20.55
C VAL D 16 16.33 9.70 21.81
N ALA D 17 17.00 9.25 22.87
CA ALA D 17 17.02 10.01 24.11
C ALA D 17 18.23 10.93 24.22
N ILE D 18 18.40 11.79 23.21
CA ILE D 18 19.52 12.72 23.19
C ILE D 18 19.39 13.73 22.06
N SER D 19 20.20 14.77 22.16
CA SER D 19 20.29 15.82 21.14
C SER D 19 21.63 16.51 21.34
N PRO D 20 22.14 17.16 20.31
CA PRO D 20 23.40 17.87 20.38
C PRO D 20 23.40 18.89 21.50
N GLU D 21 22.33 19.68 21.58
CA GLU D 21 22.18 20.67 22.62
C GLU D 21 22.24 20.07 24.02
N VAL D 22 21.71 18.86 24.24
CA VAL D 22 21.81 18.25 25.58
C VAL D 22 23.19 17.67 25.79
N VAL D 23 23.83 17.19 24.73
CA VAL D 23 25.20 16.67 24.84
C VAL D 23 26.11 17.75 25.41
N LYS D 24 26.07 18.94 24.83
CA LYS D 24 26.90 20.05 25.32
C LYS D 24 26.70 20.25 26.82
N LYS D 25 25.45 20.36 27.26
CA LYS D 25 25.14 20.51 28.68
C LYS D 25 25.72 19.38 29.51
N LEU D 26 25.57 18.14 29.05
CA LEU D 26 26.11 16.97 29.74
C LEU D 26 27.64 17.08 29.86
N VAL D 27 28.29 17.33 28.73
CA VAL D 27 29.75 17.48 28.67
C VAL D 27 30.23 18.57 29.61
N GLY D 28 29.52 19.69 29.68
CA GLY D 28 29.85 20.80 30.56
C GLY D 28 29.69 20.44 32.03
N LEU D 29 28.80 19.50 32.35
CA LEU D 29 28.60 19.05 33.70
C LEU D 29 29.61 18.04 34.21
N GLY D 30 30.54 17.59 33.39
CA GLY D 30 31.55 16.64 33.82
C GLY D 30 31.35 15.24 33.28
N PHE D 31 30.36 15.07 32.40
CA PHE D 31 30.08 13.76 31.84
C PHE D 31 30.81 13.52 30.52
N GLU D 32 30.95 12.23 30.23
CA GLU D 32 31.52 11.73 28.98
C GLU D 32 30.31 11.17 28.23
N VAL D 33 29.95 11.78 27.11
CA VAL D 33 28.74 11.35 26.41
C VAL D 33 29.03 10.38 25.28
N ILE D 34 28.49 9.18 25.37
CA ILE D 34 28.65 8.12 24.38
C ILE D 34 27.30 7.80 23.73
N VAL D 35 27.19 7.92 22.42
CA VAL D 35 25.95 7.61 21.73
C VAL D 35 26.17 6.49 20.71
N GLU D 36 25.23 5.55 20.67
CA GLU D 36 25.34 4.45 19.72
C GLU D 36 25.21 5.04 18.32
N GLN D 37 26.12 4.62 17.45
CA GLN D 37 26.14 5.06 16.06
C GLN D 37 24.81 4.82 15.37
N GLY D 38 24.26 5.85 14.74
CA GLY D 38 23.01 5.78 14.03
C GLY D 38 21.76 5.93 14.87
N ALA D 39 21.87 6.11 16.19
CA ALA D 39 20.75 6.24 17.08
C ALA D 39 19.80 7.40 16.77
N GLY D 40 20.30 8.50 16.21
CA GLY D 40 19.50 9.65 15.91
C GLY D 40 18.95 9.72 14.50
N VAL D 41 19.17 8.70 13.68
CA VAL D 41 18.71 8.75 12.29
C VAL D 41 17.24 9.02 12.17
N GLY D 42 16.40 8.27 12.88
CA GLY D 42 14.96 8.45 12.90
C GLY D 42 14.50 9.85 13.32
N ALA D 43 15.27 10.53 14.15
CA ALA D 43 14.97 11.87 14.61
C ALA D 43 15.75 12.94 13.87
N SER D 44 16.39 12.62 12.75
CA SER D 44 17.18 13.58 11.99
C SER D 44 18.30 14.18 12.83
N ILE D 45 18.99 13.36 13.62
CA ILE D 45 20.11 13.77 14.45
C ILE D 45 21.31 12.90 14.08
N THR D 46 22.16 13.37 13.19
CA THR D 46 23.33 12.62 12.73
C THR D 46 24.35 12.33 13.83
N ASP D 47 25.21 11.34 13.55
CA ASP D 47 26.31 10.99 14.43
C ASP D 47 27.24 12.21 14.50
N ASP D 48 27.51 12.78 13.34
CA ASP D 48 28.33 13.98 13.18
C ASP D 48 27.84 15.17 13.98
N ALA D 49 26.53 15.39 14.08
CA ALA D 49 26.01 16.49 14.87
C ALA D 49 26.29 16.24 16.35
N LEU D 50 26.25 14.99 16.78
CA LEU D 50 26.53 14.62 18.15
C LEU D 50 28.02 14.76 18.47
N THR D 51 28.90 14.33 17.57
CA THR D 51 30.33 14.45 17.79
C THR D 51 30.76 15.91 17.87
N ALA D 52 30.20 16.76 17.02
CA ALA D 52 30.46 18.19 17.06
C ALA D 52 30.10 18.79 18.41
N ALA D 53 29.03 18.32 19.04
CA ALA D 53 28.60 18.80 20.34
C ALA D 53 29.43 18.24 21.50
N GLY D 54 30.31 17.28 21.26
CA GLY D 54 31.16 16.73 22.28
C GLY D 54 31.05 15.26 22.56
N ALA D 55 30.12 14.57 21.91
CA ALA D 55 29.91 13.15 22.19
C ALA D 55 30.81 12.21 21.39
N THR D 56 30.89 11.00 21.91
CA THR D 56 31.66 9.91 21.33
C THR D 56 30.70 8.93 20.67
N ILE D 57 31.10 8.30 19.58
CA ILE D 57 30.24 7.35 18.89
C ILE D 57 30.68 5.90 19.06
N ALA D 58 29.93 5.14 19.85
CA ALA D 58 30.25 3.72 20.02
C ALA D 58 29.66 2.99 18.81
N SER D 59 30.29 1.89 18.38
CA SER D 59 29.79 1.20 17.18
C SER D 59 28.61 0.31 17.49
N THR D 60 28.53 -0.28 18.68
CA THR D 60 27.42 -1.15 19.02
C THR D 60 26.78 -0.72 20.35
N ALA D 61 25.62 -1.30 20.63
CA ALA D 61 24.89 -1.04 21.86
C ALA D 61 25.70 -1.48 23.07
N ALA D 62 26.21 -2.71 23.00
CA ALA D 62 27.04 -3.26 24.05
C ALA D 62 28.25 -2.38 24.32
N GLN D 63 28.93 -1.94 23.27
CA GLN D 63 30.08 -1.07 23.41
C GLN D 63 29.70 0.22 24.12
N ALA D 64 28.63 0.87 23.66
CA ALA D 64 28.16 2.12 24.25
C ALA D 64 27.78 1.95 25.71
N LEU D 65 27.05 0.90 26.03
CA LEU D 65 26.59 0.66 27.39
C LEU D 65 27.64 0.00 28.29
N SER D 66 28.64 -0.65 27.73
CA SER D 66 29.69 -1.33 28.47
C SER D 66 30.13 -0.67 29.77
N GLN D 67 30.69 0.53 29.70
CA GLN D 67 31.20 1.19 30.90
C GLN D 67 30.31 2.34 31.35
N ALA D 68 29.04 2.35 30.94
CA ALA D 68 28.15 3.45 31.26
C ALA D 68 27.67 3.48 32.70
N ASP D 69 27.90 4.61 33.35
CA ASP D 69 27.47 4.82 34.73
C ASP D 69 25.99 5.22 34.72
N VAL D 70 25.63 5.97 33.68
CA VAL D 70 24.28 6.47 33.47
C VAL D 70 23.81 6.08 32.07
N VAL D 71 22.63 5.47 32.00
CA VAL D 71 22.04 5.06 30.74
C VAL D 71 20.68 5.77 30.56
N TRP D 72 20.56 6.42 29.43
CA TRP D 72 19.35 7.10 29.02
C TRP D 72 18.74 6.41 27.80
N LYS D 73 17.44 6.23 27.79
CA LYS D 73 16.78 5.66 26.61
C LYS D 73 15.29 6.05 26.62
N VAL D 74 14.63 5.79 25.50
CA VAL D 74 13.23 6.17 25.37
C VAL D 74 12.29 5.10 25.91
N GLN D 75 12.18 3.96 25.25
CA GLN D 75 11.29 2.91 25.75
C GLN D 75 12.05 1.95 26.67
N ARG D 76 11.30 1.20 27.46
CA ARG D 76 11.91 0.26 28.41
C ARG D 76 12.80 -0.77 27.73
N PRO D 77 13.90 -1.12 28.36
CA PRO D 77 14.83 -2.10 27.83
C PRO D 77 14.16 -3.43 27.51
N MSE D 78 14.53 -4.01 26.37
CA MSE D 78 13.97 -5.30 25.95
C MSE D 78 14.62 -6.41 26.77
O MSE D 78 15.77 -6.26 27.20
CB MSE D 78 14.18 -5.52 24.45
CG MSE D 78 13.21 -4.76 23.57
SE MSE D 78 13.33 -5.20 21.71
CE MSE D 78 14.96 -4.39 21.27
N THR D 79 13.89 -7.47 27.05
CA THR D 79 14.44 -8.56 27.86
C THR D 79 14.98 -9.70 26.98
N ALA D 80 15.66 -10.64 27.63
CA ALA D 80 16.21 -11.81 26.93
C ALA D 80 15.10 -12.52 26.18
N GLU D 81 13.95 -12.69 26.84
CA GLU D 81 12.75 -13.28 26.29
C GLU D 81 12.13 -12.53 25.12
N GLU D 82 12.57 -11.32 24.81
CA GLU D 82 12.04 -10.52 23.72
C GLU D 82 12.88 -10.49 22.46
N GLY D 83 14.03 -11.17 22.42
CA GLY D 83 14.83 -11.16 21.21
C GLY D 83 16.20 -10.53 21.35
N THR D 84 16.41 -9.73 22.38
CA THR D 84 17.68 -9.08 22.68
C THR D 84 17.66 -8.60 24.12
N ASP D 85 18.51 -9.16 24.96
CA ASP D 85 18.57 -8.80 26.37
C ASP D 85 19.30 -7.47 26.56
N GLU D 86 18.52 -6.39 26.62
CA GLU D 86 19.11 -5.07 26.78
C GLU D 86 19.50 -4.80 28.22
N VAL D 87 18.80 -5.36 29.22
CA VAL D 87 19.21 -5.04 30.59
C VAL D 87 20.55 -5.70 30.91
N ALA D 88 20.92 -6.79 30.25
CA ALA D 88 22.22 -7.43 30.42
C ALA D 88 23.37 -6.56 29.91
N LEU D 89 23.12 -5.63 29.01
CA LEU D 89 24.10 -4.72 28.46
C LEU D 89 24.42 -3.57 29.41
N ILE D 90 23.57 -3.38 30.43
CA ILE D 90 23.75 -2.31 31.39
C ILE D 90 24.63 -2.79 32.55
N LYS D 91 25.59 -1.96 32.93
CA LYS D 91 26.54 -2.28 33.98
C LYS D 91 25.91 -2.42 35.34
N GLU D 92 26.32 -3.43 36.12
CA GLU D 92 25.74 -3.56 37.47
C GLU D 92 26.01 -2.27 38.24
N GLY D 93 25.03 -1.76 39.00
CA GLY D 93 25.17 -0.53 39.74
C GLY D 93 24.95 0.75 38.95
N ALA D 94 24.67 0.63 37.65
CA ALA D 94 24.43 1.79 36.80
C ALA D 94 23.10 2.44 37.19
N VAL D 95 22.81 3.58 36.60
CA VAL D 95 21.57 4.31 36.80
C VAL D 95 20.82 4.33 35.46
N LEU D 96 19.60 3.80 35.42
CA LEU D 96 18.82 3.83 34.19
C LEU D 96 17.68 4.84 34.28
N MSE D 97 17.56 5.68 33.26
CA MSE D 97 16.49 6.66 33.18
C MSE D 97 15.75 6.48 31.86
O MSE D 97 16.39 6.56 30.81
CB MSE D 97 17.00 8.10 33.27
CG MSE D 97 17.04 8.64 34.69
SE MSE D 97 18.33 10.07 34.83
CE MSE D 97 19.83 9.10 34.25
N CYS D 98 14.45 6.20 31.90
CA CYS D 98 13.68 6.03 30.68
C CYS D 98 12.20 5.87 31.00
N HIS D 99 11.41 5.67 29.96
CA HIS D 99 9.99 5.34 30.14
C HIS D 99 10.01 3.82 30.42
N LEU D 100 9.88 3.41 31.66
CA LEU D 100 9.96 1.99 31.98
C LEU D 100 8.70 1.18 31.79
N GLY D 101 7.55 1.85 31.92
CA GLY D 101 6.26 1.13 31.97
C GLY D 101 6.35 0.19 33.18
N ALA D 102 6.93 0.69 34.27
CA ALA D 102 7.29 -0.09 35.43
C ALA D 102 6.14 -0.79 36.12
N LEU D 103 5.02 -0.10 36.36
CA LEU D 103 3.90 -0.72 37.05
C LEU D 103 3.15 -1.77 36.25
N THR D 104 3.50 -1.91 34.99
CA THR D 104 2.88 -2.82 34.04
C THR D 104 3.85 -3.86 33.54
N ASN D 105 5.13 -3.74 33.89
CA ASN D 105 6.18 -4.62 33.41
C ASN D 105 7.11 -5.07 34.53
N ARG D 106 6.59 -5.93 35.41
CA ARG D 106 7.39 -6.42 36.53
C ARG D 106 8.68 -7.08 36.09
N PRO D 107 8.66 -8.01 35.14
CA PRO D 107 9.85 -8.63 34.59
C PRO D 107 11.02 -7.70 34.35
N VAL D 108 10.82 -6.54 33.70
CA VAL D 108 11.96 -5.63 33.51
C VAL D 108 12.43 -5.10 34.86
N VAL D 109 11.52 -4.87 35.80
CA VAL D 109 11.91 -4.41 37.14
C VAL D 109 12.72 -5.49 37.85
N GLU D 110 12.31 -6.76 37.73
CA GLU D 110 13.05 -7.88 38.30
C GLU D 110 14.44 -7.98 37.69
N ALA D 111 14.51 -7.91 36.36
CA ALA D 111 15.78 -8.00 35.64
C ALA D 111 16.77 -6.91 36.03
N LEU D 112 16.32 -5.67 36.15
CA LEU D 112 17.17 -4.56 36.56
C LEU D 112 17.67 -4.76 37.99
N THR D 113 16.78 -5.23 38.85
CA THR D 113 17.09 -5.48 40.25
C THR D 113 18.22 -6.49 40.41
N LYS D 114 18.19 -7.57 39.63
CA LYS D 114 19.23 -8.60 39.63
C LYS D 114 20.62 -8.09 39.29
N ARG D 115 20.75 -7.00 38.53
CA ARG D 115 22.06 -6.43 38.22
C ARG D 115 22.31 -5.22 39.10
N LYS D 116 21.49 -5.05 40.13
CA LYS D 116 21.57 -3.94 41.06
C LYS D 116 21.59 -2.60 40.34
N ILE D 117 20.69 -2.42 39.36
CA ILE D 117 20.62 -1.16 38.64
C ILE D 117 19.62 -0.24 39.31
N THR D 118 19.97 1.04 39.44
CA THR D 118 19.02 1.97 40.04
C THR D 118 18.17 2.48 38.86
N ALA D 119 16.87 2.26 38.89
CA ALA D 119 16.09 2.70 37.73
C ALA D 119 15.06 3.74 38.11
N TYR D 120 15.04 4.81 37.30
CA TYR D 120 14.07 5.89 37.52
C TYR D 120 13.00 5.76 36.43
N ALA D 121 11.77 5.43 36.81
CA ALA D 121 10.69 5.29 35.84
C ALA D 121 10.12 6.69 35.59
N MSE D 122 10.67 7.36 34.58
CA MSE D 122 10.34 8.71 34.18
C MSE D 122 8.86 8.97 33.98
O MSE D 122 8.35 10.05 34.35
CB MSE D 122 11.14 9.10 32.91
CG MSE D 122 12.65 9.09 33.13
SE MSE D 122 13.17 10.18 34.65
CE MSE D 122 13.40 11.84 33.82
N GLU D 123 8.09 7.98 33.54
CA GLU D 123 6.65 8.09 33.42
C GLU D 123 5.91 8.20 34.74
N LEU D 124 6.54 7.97 35.88
CA LEU D 124 5.86 8.10 37.17
C LEU D 124 6.09 9.50 37.75
N MSE D 125 6.61 10.46 36.97
CA MSE D 125 6.85 11.82 37.44
C MSE D 125 5.60 12.47 37.99
O MSE D 125 4.55 12.51 37.33
CB MSE D 125 7.36 12.64 36.25
CG MSE D 125 7.84 14.03 36.66
SE MSE D 125 9.50 14.05 37.59
CE MSE D 125 10.68 13.08 36.49
N PRO D 126 5.67 13.02 39.21
CA PRO D 126 4.51 13.67 39.82
C PRO D 126 4.03 14.73 38.84
N ARG D 127 2.75 14.77 38.46
CA ARG D 127 2.31 15.70 37.43
C ARG D 127 2.03 17.10 37.98
N ILE D 128 3.08 17.76 38.47
CA ILE D 128 3.04 19.06 39.10
C ILE D 128 3.86 20.10 38.34
N SER D 129 3.50 21.36 38.59
CA SER D 129 4.14 22.50 37.97
C SER D 129 5.65 22.50 38.05
N ARG D 130 6.25 22.30 39.22
CA ARG D 130 7.72 22.31 39.29
C ARG D 130 8.39 21.15 38.59
N ALA D 131 7.68 20.07 38.26
CA ALA D 131 8.31 18.94 37.57
C ALA D 131 7.99 18.98 36.07
N GLN D 132 7.23 20.00 35.64
CA GLN D 132 6.90 20.08 34.22
C GLN D 132 8.08 20.12 33.28
N SER D 133 9.26 20.63 33.62
CA SER D 133 10.39 20.60 32.72
C SER D 133 10.97 19.19 32.58
N MSE D 134 10.65 18.29 33.49
CA MSE D 134 11.12 16.92 33.52
C MSE D 134 10.08 15.89 33.07
O MSE D 134 10.36 14.69 33.16
CB MSE D 134 11.43 16.52 34.97
CG MSE D 134 12.56 17.24 35.65
SE MSE D 134 12.45 17.26 37.58
CE MSE D 134 13.49 18.82 37.89
N ASP D 135 8.87 16.32 32.76
CA ASP D 135 7.78 15.39 32.49
C ASP D 135 7.73 14.83 31.09
N ILE D 136 8.14 13.57 30.87
CA ILE D 136 8.12 13.01 29.51
C ILE D 136 6.70 12.70 29.06
N LEU D 137 5.76 12.47 29.97
CA LEU D 137 4.39 12.23 29.52
C LEU D 137 3.80 13.47 28.85
N SER D 138 3.99 14.65 29.44
CA SER D 138 3.47 15.88 28.89
C SER D 138 4.14 16.27 27.56
N SER D 139 5.46 16.17 27.49
CA SER D 139 6.18 16.57 26.29
C SER D 139 5.81 15.68 25.10
N GLN D 140 5.70 14.38 25.35
CA GLN D 140 5.39 13.46 24.25
C GLN D 140 3.90 13.54 23.93
N SER D 141 3.01 13.62 24.90
CA SER D 141 1.58 13.77 24.69
C SER D 141 1.24 15.03 23.88
N ASN D 142 1.92 16.13 24.23
CA ASN D 142 1.66 17.39 23.55
C ASN D 142 1.88 17.20 22.04
N LEU D 143 3.00 16.60 21.64
CA LEU D 143 3.26 16.37 20.23
C LEU D 143 2.28 15.36 19.63
N ALA D 144 1.83 14.39 20.42
CA ALA D 144 0.87 13.41 19.94
C ALA D 144 -0.48 14.05 19.64
N GLY D 145 -0.88 15.07 20.40
CA GLY D 145 -2.15 15.75 20.13
C GLY D 145 -2.02 16.59 18.86
N TYR D 146 -0.87 17.22 18.65
CA TYR D 146 -0.66 17.95 17.38
C TYR D 146 -0.78 16.98 16.20
N ARG D 147 -0.01 15.90 16.30
CA ARG D 147 0.07 14.86 15.27
C ARG D 147 -1.29 14.25 15.00
N ALA D 148 -2.12 14.04 16.01
CA ALA D 148 -3.46 13.52 15.83
C ALA D 148 -4.24 14.36 14.81
N VAL D 149 -4.16 15.69 14.95
CA VAL D 149 -4.84 16.58 14.01
C VAL D 149 -4.26 16.50 12.60
N ILE D 150 -2.94 16.41 12.45
CA ILE D 150 -2.33 16.30 11.14
C ILE D 150 -2.76 15.01 10.44
N ASP D 151 -2.76 13.91 11.17
CA ASP D 151 -3.16 12.60 10.67
C ASP D 151 -4.64 12.59 10.34
N GLY D 152 -5.47 13.24 11.16
CA GLY D 152 -6.90 13.35 10.87
C GLY D 152 -7.13 14.16 9.60
N ALA D 153 -6.43 15.30 9.47
CA ALA D 153 -6.54 16.15 8.31
C ALA D 153 -6.12 15.41 7.04
N TYR D 154 -5.01 14.67 7.15
CA TYR D 154 -4.53 13.87 6.03
C TYR D 154 -5.55 12.82 5.58
N GLU D 155 -6.20 12.14 6.52
CA GLU D 155 -7.15 11.09 6.16
C GLU D 155 -8.54 11.59 5.79
N PHE D 156 -8.86 12.84 6.08
CA PHE D 156 -10.17 13.42 5.80
C PHE D 156 -10.21 13.97 4.37
N ALA D 157 -11.35 13.77 3.73
CA ALA D 157 -11.51 14.19 2.34
C ALA D 157 -12.06 15.59 2.17
N ARG D 158 -12.08 16.40 3.23
CA ARG D 158 -12.46 17.80 3.11
C ARG D 158 -11.38 18.65 3.77
N ALA D 159 -11.38 19.96 3.56
CA ALA D 159 -10.41 20.84 4.19
C ALA D 159 -10.86 21.18 5.61
N PHE D 160 -9.91 21.42 6.51
CA PHE D 160 -10.31 21.84 7.87
C PHE D 160 -10.98 23.20 7.91
N PRO D 161 -10.41 24.23 7.29
CA PRO D 161 -10.97 25.56 7.32
C PRO D 161 -12.17 25.83 6.42
N MSE D 162 -13.02 26.76 6.86
CA MSE D 162 -14.10 27.22 5.98
C MSE D 162 -13.40 27.89 4.79
O MSE D 162 -12.37 28.57 4.98
CB MSE D 162 -15.05 28.16 6.71
CG MSE D 162 -16.49 28.15 6.18
SE MSE D 162 -17.52 29.55 7.06
CE MSE D 162 -16.37 30.97 6.48
N MSE D 163 -13.83 27.61 3.57
CA MSE D 163 -13.23 28.19 2.38
C MSE D 163 -14.35 28.97 1.65
O MSE D 163 -15.34 28.35 1.26
CB MSE D 163 -12.64 27.18 1.41
CG MSE D 163 -12.04 25.87 1.86
SE MSE D 163 -10.17 25.60 1.52
CE MSE D 163 -9.59 27.28 2.16
N MSE D 164 -14.24 30.28 1.58
CA MSE D 164 -15.23 31.10 0.89
C MSE D 164 -14.64 31.38 -0.49
O MSE D 164 -13.64 32.10 -0.57
CB MSE D 164 -15.53 32.44 1.53
CG MSE D 164 -15.29 32.52 3.02
SE MSE D 164 -16.56 33.61 3.91
CE MSE D 164 -18.05 32.47 4.14
N THR D 165 -15.22 30.77 -1.51
CA THR D 165 -14.66 30.98 -2.87
C THR D 165 -15.73 31.53 -3.79
N ALA D 166 -15.38 31.82 -5.04
CA ALA D 166 -16.33 32.30 -6.03
C ALA D 166 -17.23 31.14 -6.49
N ALA D 167 -16.70 29.92 -6.37
CA ALA D 167 -17.46 28.72 -6.70
C ALA D 167 -18.54 28.50 -5.64
N GLY D 168 -18.33 28.96 -4.41
CA GLY D 168 -19.30 28.78 -3.33
C GLY D 168 -18.53 28.62 -2.01
N THR D 169 -19.27 28.40 -0.94
CA THR D 169 -18.69 28.24 0.39
C THR D 169 -18.66 26.78 0.81
N VAL D 170 -17.48 26.38 1.28
CA VAL D 170 -17.29 25.01 1.78
C VAL D 170 -17.07 25.16 3.28
N PRO D 171 -17.93 24.55 4.09
CA PRO D 171 -17.91 24.68 5.53
C PRO D 171 -16.70 24.09 6.21
N PRO D 172 -16.45 24.54 7.42
CA PRO D 172 -15.31 24.06 8.20
C PRO D 172 -15.50 22.62 8.65
N ALA D 173 -14.40 21.99 9.06
CA ALA D 173 -14.50 20.65 9.63
C ALA D 173 -14.98 20.81 11.08
N ARG D 174 -15.80 19.89 11.55
CA ARG D 174 -16.25 19.90 12.94
C ARG D 174 -15.45 18.80 13.65
N VAL D 175 -14.72 19.20 14.67
CA VAL D 175 -13.82 18.29 15.39
C VAL D 175 -14.32 18.13 16.83
N LEU D 176 -14.29 16.89 17.30
CA LEU D 176 -14.68 16.58 18.68
C LEU D 176 -13.51 15.86 19.35
N VAL D 177 -12.98 16.49 20.40
CA VAL D 177 -11.87 15.94 21.16
C VAL D 177 -12.39 15.29 22.45
N PHE D 178 -12.20 13.98 22.59
CA PHE D 178 -12.61 13.22 23.75
C PHE D 178 -11.42 13.03 24.70
N GLY D 179 -11.49 13.72 25.83
CA GLY D 179 -10.37 13.65 26.78
C GLY D 179 -9.54 14.91 26.54
N VAL D 180 -9.57 15.80 27.51
CA VAL D 180 -8.83 17.06 27.38
C VAL D 180 -7.66 17.12 28.36
N GLY D 181 -6.76 16.15 28.24
CA GLY D 181 -5.50 16.10 29.00
C GLY D 181 -4.49 16.86 28.14
N VAL D 182 -3.20 16.59 28.28
CA VAL D 182 -2.19 17.31 27.49
C VAL D 182 -2.38 17.10 26.00
N ALA D 183 -2.53 15.85 25.54
CA ALA D 183 -2.72 15.59 24.12
C ALA D 183 -3.96 16.29 23.59
N GLY D 184 -5.11 16.12 24.26
CA GLY D 184 -6.37 16.70 23.84
C GLY D 184 -6.34 18.22 23.79
N LEU D 185 -5.61 18.88 24.69
CA LEU D 185 -5.53 20.34 24.66
C LEU D 185 -4.82 20.79 23.39
N GLN D 186 -3.76 20.10 23.00
CA GLN D 186 -3.01 20.44 21.80
C GLN D 186 -3.80 20.10 20.53
N ALA D 187 -4.63 19.06 20.59
CA ALA D 187 -5.53 18.71 19.49
C ALA D 187 -6.49 19.88 19.24
N ILE D 188 -7.04 20.41 20.33
CA ILE D 188 -7.91 21.58 20.22
C ILE D 188 -7.14 22.74 19.61
N ALA D 189 -5.96 23.08 20.08
CA ALA D 189 -5.20 24.23 19.60
C ALA D 189 -4.84 24.09 18.12
N THR D 190 -4.37 22.91 17.73
CA THR D 190 -4.00 22.64 16.35
C THR D 190 -5.22 22.60 15.44
N ALA D 191 -6.32 21.98 15.84
CA ALA D 191 -7.53 21.96 15.03
C ALA D 191 -8.05 23.40 14.87
N LYS D 192 -7.92 24.17 15.94
CA LYS D 192 -8.33 25.57 15.91
C LYS D 192 -7.45 26.36 14.96
N ARG D 193 -6.14 26.15 14.99
CA ARG D 193 -5.22 26.84 14.07
C ARG D 193 -5.65 26.62 12.62
N LEU D 194 -6.07 25.41 12.28
CA LEU D 194 -6.53 25.04 10.96
C LEU D 194 -7.93 25.49 10.62
N GLY D 195 -8.63 26.19 11.50
CA GLY D 195 -9.92 26.76 11.24
C GLY D 195 -11.08 25.85 11.53
N ALA D 196 -10.90 24.79 12.31
CA ALA D 196 -12.02 23.90 12.58
C ALA D 196 -12.92 24.42 13.69
N VAL D 197 -14.15 23.90 13.69
CA VAL D 197 -15.08 24.19 14.78
C VAL D 197 -14.85 23.08 15.80
N VAL D 198 -14.32 23.43 16.96
CA VAL D 198 -13.93 22.40 17.92
C VAL D 198 -14.79 22.27 19.17
N MSE D 199 -15.21 21.04 19.42
CA MSE D 199 -15.99 20.65 20.58
C MSE D 199 -15.15 19.68 21.41
O MSE D 199 -14.26 19.01 20.86
CB MSE D 199 -17.34 20.02 20.22
CG MSE D 199 -18.49 21.01 20.10
SE MSE D 199 -18.34 22.21 18.63
CE MSE D 199 -18.09 21.04 17.15
N ALA D 200 -15.39 19.61 22.72
CA ALA D 200 -14.59 18.73 23.57
C ALA D 200 -15.31 18.34 24.85
N THR D 201 -14.94 17.17 25.40
CA THR D 201 -15.54 16.71 26.63
C THR D 201 -14.51 15.97 27.48
N ASP D 202 -14.81 15.90 28.78
CA ASP D 202 -13.91 15.23 29.73
C ASP D 202 -14.64 15.04 31.05
N VAL D 203 -14.15 14.13 31.88
CA VAL D 203 -14.78 13.88 33.18
C VAL D 203 -14.29 14.87 34.22
N ARG D 204 -13.13 15.50 34.02
CA ARG D 204 -12.63 16.46 34.99
C ARG D 204 -13.18 17.86 34.71
N ALA D 205 -13.89 18.40 35.69
CA ALA D 205 -14.50 19.72 35.61
C ALA D 205 -13.54 20.85 35.28
N ALA D 206 -12.31 20.82 35.78
CA ALA D 206 -11.29 21.83 35.53
C ALA D 206 -11.00 22.04 34.05
N THR D 207 -11.01 20.94 33.31
CA THR D 207 -10.81 20.89 31.87
C THR D 207 -11.66 21.86 31.09
N LYS D 208 -12.91 22.05 31.47
CA LYS D 208 -13.89 22.90 30.80
C LYS D 208 -13.42 24.31 30.51
N GLU D 209 -12.84 24.94 31.52
CA GLU D 209 -12.32 26.30 31.41
C GLU D 209 -11.16 26.35 30.41
N GLN D 210 -10.34 25.31 30.38
CA GLN D 210 -9.21 25.23 29.45
C GLN D 210 -9.68 25.13 28.00
N VAL D 211 -10.72 24.35 27.75
CA VAL D 211 -11.29 24.22 26.41
C VAL D 211 -11.74 25.57 25.86
N GLU D 212 -12.51 26.30 26.66
CA GLU D 212 -13.02 27.61 26.29
C GLU D 212 -11.90 28.63 26.08
N SER D 213 -10.78 28.50 26.81
CA SER D 213 -9.68 29.44 26.62
C SER D 213 -8.99 29.23 25.28
N LEU D 214 -9.12 28.07 24.66
CA LEU D 214 -8.54 27.82 23.35
C LEU D 214 -9.52 28.11 22.22
N GLY D 215 -10.76 28.48 22.56
CA GLY D 215 -11.77 28.78 21.58
C GLY D 215 -12.73 27.63 21.31
N GLY D 216 -12.63 26.53 22.04
CA GLY D 216 -13.52 25.40 21.83
C GLY D 216 -14.79 25.50 22.66
N LYS D 217 -15.68 24.56 22.45
CA LYS D 217 -16.93 24.46 23.18
C LYS D 217 -16.93 23.15 23.97
N PHE D 218 -17.16 23.27 25.27
CA PHE D 218 -17.17 22.11 26.14
C PHE D 218 -18.52 21.42 26.13
N ILE D 219 -18.55 20.10 26.20
CA ILE D 219 -19.80 19.36 26.25
C ILE D 219 -19.96 18.79 27.66
N THR D 220 -20.89 19.33 28.44
CA THR D 220 -21.09 18.89 29.81
C THR D 220 -21.94 17.62 29.88
N VAL D 221 -21.39 16.59 30.52
CA VAL D 221 -22.11 15.34 30.69
C VAL D 221 -22.78 15.34 32.06
N ASP D 222 -21.94 15.57 33.06
CA ASP D 222 -22.41 15.61 34.44
C ASP D 222 -21.75 16.78 35.16
N ASP D 223 -22.43 17.91 35.18
CA ASP D 223 -22.02 19.13 35.86
C ASP D 223 -21.47 18.87 37.26
N GLU D 224 -22.13 18.01 38.01
CA GLU D 224 -21.85 17.61 39.36
C GLU D 224 -20.98 16.41 39.62
N ALA D 225 -20.79 15.47 38.70
CA ALA D 225 -19.97 14.28 39.01
C ALA D 225 -18.51 14.47 38.64
N MSE D 226 -18.15 15.67 38.21
CA MSE D 226 -16.81 16.03 37.81
C MSE D 226 -15.96 16.63 38.90
O MSE D 226 -14.81 17.02 38.67
CB MSE D 226 -16.92 17.02 36.62
CG MSE D 226 -17.64 16.41 35.42
SE MSE D 226 -18.23 17.70 34.13
CE MSE D 226 -16.60 18.20 33.33
N LYS D 227 -16.50 16.70 40.12
CA LYS D 227 -15.80 17.25 41.27
C LYS D 227 -14.82 16.21 41.82
N THR D 228 -15.32 14.98 41.89
CA THR D 228 -14.57 13.84 42.41
C THR D 228 -13.68 13.21 41.35
N ALA D 229 -14.15 13.16 40.12
CA ALA D 229 -13.49 12.59 38.97
C ALA D 229 -11.97 12.55 39.01
N GLU D 230 -11.33 13.71 39.05
CA GLU D 230 -9.87 13.79 39.10
C GLU D 230 -9.35 13.34 40.46
N THR D 231 -8.39 12.42 40.47
CA THR D 231 -7.81 11.93 41.71
C THR D 231 -6.84 12.96 42.28
N ALA D 232 -6.11 12.58 43.34
CA ALA D 232 -5.12 13.46 43.94
C ALA D 232 -4.01 13.79 42.95
N GLY D 233 -3.56 12.78 42.20
CA GLY D 233 -2.52 12.89 41.20
C GLY D 233 -2.94 13.56 39.89
N GLY D 234 -4.22 13.84 39.71
CA GLY D 234 -4.73 14.49 38.53
C GLY D 234 -5.32 13.57 37.47
N TYR D 235 -5.22 12.26 37.68
CA TYR D 235 -5.74 11.31 36.70
C TYR D 235 -7.23 11.05 36.90
N ALA D 236 -7.82 10.33 35.95
CA ALA D 236 -9.25 10.02 36.04
C ALA D 236 -9.46 8.60 36.57
N LYS D 237 -10.67 8.37 37.05
CA LYS D 237 -11.06 7.08 37.60
C LYS D 237 -12.07 6.37 36.71
N GLU D 238 -12.27 5.08 36.96
CA GLU D 238 -13.31 4.36 36.22
C GLU D 238 -14.62 5.07 36.59
N MSE D 239 -15.45 5.37 35.60
CA MSE D 239 -16.67 6.12 35.84
C MSE D 239 -17.92 5.27 36.00
O MSE D 239 -18.97 5.80 36.37
CB MSE D 239 -16.84 7.14 34.71
CG MSE D 239 -15.73 8.19 34.69
SE MSE D 239 -15.68 9.20 36.31
CE MSE D 239 -17.14 10.39 36.04
N GLY D 240 -17.81 3.97 35.74
CA GLY D 240 -18.96 3.08 35.88
C GLY D 240 -19.81 3.11 34.62
N GLU D 241 -20.55 2.02 34.42
CA GLU D 241 -21.40 1.85 33.24
C GLU D 241 -22.52 2.84 33.10
N GLU D 242 -23.13 3.34 34.18
CA GLU D 242 -24.23 4.29 34.01
C GLU D 242 -23.69 5.69 33.73
N PHE D 243 -22.46 6.02 34.13
CA PHE D 243 -21.93 7.33 33.75
C PHE D 243 -21.77 7.31 32.21
N ARG D 244 -21.14 6.25 31.73
CA ARG D 244 -20.92 6.04 30.32
C ARG D 244 -22.21 6.24 29.52
N LYS D 245 -23.27 5.56 29.92
CA LYS D 245 -24.57 5.69 29.30
C LYS D 245 -24.99 7.16 29.15
N LYS D 246 -24.97 7.90 30.26
CA LYS D 246 -25.32 9.31 30.26
C LYS D 246 -24.45 10.09 29.28
N GLN D 247 -23.14 9.89 29.35
CA GLN D 247 -22.18 10.55 28.48
C GLN D 247 -22.53 10.40 27.01
N ALA D 248 -22.66 9.17 26.55
CA ALA D 248 -23.03 8.88 25.16
C ALA D 248 -24.20 9.75 24.71
N GLU D 249 -25.29 9.73 25.46
CA GLU D 249 -26.46 10.54 25.11
C GLU D 249 -26.10 12.01 24.98
N ALA D 250 -25.42 12.57 25.96
CA ALA D 250 -25.01 13.96 25.95
C ALA D 250 -24.11 14.36 24.78
N VAL D 251 -23.22 13.48 24.37
CA VAL D 251 -22.26 13.68 23.30
C VAL D 251 -22.76 13.32 21.91
N LEU D 252 -23.73 12.42 21.82
CA LEU D 252 -24.24 11.94 20.55
C LEU D 252 -24.71 13.05 19.64
N LYS D 253 -25.39 14.05 20.18
CA LYS D 253 -25.88 15.21 19.43
C LYS D 253 -24.77 15.89 18.62
N GLU D 254 -23.59 16.04 19.22
CA GLU D 254 -22.49 16.66 18.47
C GLU D 254 -21.81 15.61 17.59
N LEU D 255 -21.77 14.36 18.09
CA LEU D 255 -21.14 13.29 17.36
C LEU D 255 -21.79 12.98 16.01
N VAL D 256 -23.10 13.15 15.83
CA VAL D 256 -23.71 12.86 14.55
C VAL D 256 -23.37 13.87 13.47
N LYS D 257 -22.85 15.05 13.83
CA LYS D 257 -22.39 16.05 12.89
C LYS D 257 -20.88 16.25 12.95
N THR D 258 -20.16 15.43 13.71
CA THR D 258 -18.70 15.58 13.82
C THR D 258 -17.99 15.04 12.58
N ASP D 259 -16.94 15.69 12.11
CA ASP D 259 -16.17 15.18 10.97
C ASP D 259 -14.99 14.36 11.46
N ILE D 260 -14.31 14.88 12.48
CA ILE D 260 -13.11 14.28 13.03
C ILE D 260 -13.24 14.11 14.55
N ALA D 261 -13.15 12.85 15.00
CA ALA D 261 -13.22 12.61 16.44
C ALA D 261 -11.84 12.17 16.92
N ILE D 262 -11.22 12.93 17.81
CA ILE D 262 -9.90 12.62 18.35
C ILE D 262 -10.08 12.12 19.78
N THR D 263 -9.72 10.88 20.00
CA THR D 263 -9.93 10.22 21.32
C THR D 263 -8.66 10.00 22.08
N THR D 264 -8.52 10.60 23.28
CA THR D 264 -7.28 10.52 24.04
C THR D 264 -7.42 10.03 25.48
N ALA D 265 -8.58 9.59 25.93
CA ALA D 265 -8.83 9.21 27.31
C ALA D 265 -8.14 7.92 27.73
N LEU D 266 -7.50 8.01 28.87
CA LEU D 266 -6.77 6.93 29.51
C LEU D 266 -7.10 6.92 31.01
N ILE D 267 -6.89 5.78 31.65
CA ILE D 267 -7.10 5.54 33.06
C ILE D 267 -5.91 4.71 33.56
N PRO D 268 -5.16 5.23 34.52
CA PRO D 268 -3.97 4.59 35.04
C PRO D 268 -4.18 3.15 35.44
N GLY D 269 -3.41 2.24 34.85
CA GLY D 269 -3.45 0.82 35.09
C GLY D 269 -4.73 0.10 34.67
N LYS D 270 -5.57 0.67 33.82
CA LYS D 270 -6.81 0.07 33.40
C LYS D 270 -6.97 0.27 31.88
N PRO D 271 -7.78 -0.57 31.25
CA PRO D 271 -8.03 -0.44 29.83
C PRO D 271 -8.64 0.92 29.53
N ALA D 272 -8.39 1.43 28.33
CA ALA D 272 -8.95 2.73 27.96
C ALA D 272 -10.47 2.66 28.01
N PRO D 273 -11.11 3.68 28.57
CA PRO D 273 -12.56 3.75 28.62
C PRO D 273 -13.19 3.81 27.23
N VAL D 274 -14.29 3.12 27.00
CA VAL D 274 -14.98 3.14 25.71
C VAL D 274 -15.80 4.41 25.61
N LEU D 275 -15.41 5.29 24.68
CA LEU D 275 -16.08 6.56 24.48
C LEU D 275 -16.92 6.57 23.21
N ILE D 276 -16.53 5.79 22.21
CA ILE D 276 -17.28 5.70 20.96
C ILE D 276 -17.49 4.23 20.66
N THR D 277 -18.69 3.68 20.94
CA THR D 277 -18.90 2.26 20.66
C THR D 277 -19.19 2.07 19.17
N GLU D 278 -19.23 0.82 18.73
CA GLU D 278 -19.50 0.50 17.34
C GLU D 278 -20.86 1.05 16.93
N GLU D 279 -21.88 0.92 17.77
CA GLU D 279 -23.19 1.48 17.45
C GLU D 279 -23.06 2.99 17.26
N MSE D 280 -22.27 3.67 18.10
CA MSE D 280 -22.12 5.12 17.90
C MSE D 280 -21.40 5.42 16.58
O MSE D 280 -21.81 6.39 15.91
CB MSE D 280 -21.43 5.78 19.07
CG MSE D 280 -22.25 5.77 20.37
SE MSE D 280 -21.15 6.12 21.89
CE MSE D 280 -20.99 8.00 21.82
N VAL D 281 -20.41 4.65 16.16
CA VAL D 281 -19.75 4.95 14.88
C VAL D 281 -20.75 4.81 13.75
N THR D 282 -21.63 3.83 13.84
CA THR D 282 -22.76 3.60 12.95
C THR D 282 -23.62 4.83 12.70
N LYS D 283 -23.71 5.77 13.64
CA LYS D 283 -24.48 6.98 13.53
C LYS D 283 -23.69 8.19 13.04
N MSE D 284 -22.40 8.00 12.76
CA MSE D 284 -21.57 9.10 12.29
C MSE D 284 -21.71 9.32 10.80
O MSE D 284 -22.12 8.43 10.05
CB MSE D 284 -20.11 8.83 12.69
CG MSE D 284 -19.84 9.11 14.18
SE MSE D 284 -18.03 8.67 14.65
CE MSE D 284 -17.19 10.34 14.31
N LYS D 285 -21.36 10.50 10.31
CA LYS D 285 -21.40 10.83 8.89
C LYS D 285 -20.41 9.99 8.09
N PRO D 286 -20.81 9.51 6.94
CA PRO D 286 -19.90 8.76 6.06
C PRO D 286 -18.79 9.69 5.66
N GLY D 287 -17.56 9.21 5.61
CA GLY D 287 -16.39 10.04 5.38
C GLY D 287 -15.73 10.55 6.66
N SER D 288 -16.36 10.33 7.81
CA SER D 288 -15.81 10.74 9.10
C SER D 288 -14.56 9.97 9.49
N VAL D 289 -13.74 10.58 10.36
CA VAL D 289 -12.53 9.90 10.81
C VAL D 289 -12.41 10.00 12.33
N ILE D 290 -11.98 8.89 12.92
CA ILE D 290 -11.73 8.78 14.35
C ILE D 290 -10.23 8.54 14.52
N ILE D 291 -9.57 9.39 15.29
CA ILE D 291 -8.16 9.17 15.60
C ILE D 291 -8.17 8.67 17.06
N ASP D 292 -7.98 7.37 17.22
CA ASP D 292 -8.00 6.78 18.56
C ASP D 292 -6.59 6.75 19.14
N LEU D 293 -6.23 7.80 19.89
CA LEU D 293 -4.91 7.87 20.50
C LEU D 293 -4.74 6.90 21.67
N ALA D 294 -5.82 6.30 22.15
CA ALA D 294 -5.76 5.33 23.24
C ALA D 294 -5.72 3.89 22.75
N VAL D 295 -5.54 3.70 21.45
CA VAL D 295 -5.51 2.35 20.87
C VAL D 295 -4.60 1.36 21.57
N GLU D 296 -3.39 1.72 21.97
CA GLU D 296 -2.46 0.82 22.63
C GLU D 296 -2.92 0.40 24.03
N ALA D 297 -3.83 1.12 24.67
CA ALA D 297 -4.33 0.75 25.99
C ALA D 297 -5.70 0.09 25.86
N GLY D 298 -6.09 -0.31 24.65
CA GLY D 298 -7.37 -0.94 24.40
C GLY D 298 -8.21 -0.16 23.39
N GLY D 299 -8.04 1.16 23.39
CA GLY D 299 -8.78 2.02 22.50
C GLY D 299 -10.04 2.63 23.13
N ASN D 300 -10.35 3.88 22.73
CA ASN D 300 -11.57 4.52 23.20
C ASN D 300 -12.73 4.11 22.29
N CYS D 301 -12.37 3.52 21.16
CA CYS D 301 -13.31 2.99 20.20
C CYS D 301 -12.92 1.53 19.96
N PRO D 302 -13.84 0.60 20.15
CA PRO D 302 -13.56 -0.81 20.00
C PRO D 302 -13.15 -1.26 18.61
N LEU D 303 -13.41 -0.50 17.55
CA LEU D 303 -13.01 -0.89 16.22
C LEU D 303 -11.57 -0.56 15.86
N SER D 304 -10.86 0.23 16.67
CA SER D 304 -9.48 0.53 16.33
C SER D 304 -8.58 -0.70 16.49
N GLU D 305 -7.59 -0.77 15.61
CA GLU D 305 -6.64 -1.87 15.60
C GLU D 305 -5.28 -1.20 15.60
N PRO D 306 -4.39 -1.63 16.46
CA PRO D 306 -3.09 -1.00 16.59
C PRO D 306 -2.29 -1.05 15.30
N GLY D 307 -1.80 0.11 14.87
CA GLY D 307 -0.95 0.26 13.70
C GLY D 307 -1.71 0.26 12.40
N LYS D 308 -3.04 0.28 12.46
CA LYS D 308 -3.85 0.22 11.27
C LYS D 308 -4.92 1.31 11.16
N ILE D 309 -5.42 1.41 9.93
CA ILE D 309 -6.56 2.27 9.64
C ILE D 309 -7.68 1.30 9.24
N VAL D 310 -8.77 1.32 9.98
CA VAL D 310 -9.89 0.45 9.72
C VAL D 310 -11.02 1.29 9.12
N VAL D 311 -11.75 0.77 8.15
CA VAL D 311 -12.91 1.51 7.63
C VAL D 311 -14.13 0.67 7.98
N LYS D 312 -15.04 1.21 8.77
CA LYS D 312 -16.23 0.45 9.13
C LYS D 312 -17.37 1.45 9.09
N HIS D 313 -18.50 1.04 8.54
CA HIS D 313 -19.69 1.87 8.48
C HIS D 313 -19.47 3.21 7.81
N GLY D 314 -18.58 3.31 6.85
CA GLY D 314 -18.26 4.53 6.14
C GLY D 314 -17.25 5.41 6.87
N VAL D 315 -16.85 5.04 8.08
CA VAL D 315 -15.96 5.81 8.92
C VAL D 315 -14.55 5.24 8.93
N LYS D 316 -13.52 6.09 8.95
CA LYS D 316 -12.15 5.60 9.05
C LYS D 316 -11.77 5.63 10.54
N ILE D 317 -11.26 4.51 11.04
CA ILE D 317 -10.82 4.47 12.45
C ILE D 317 -9.31 4.30 12.42
N VAL D 318 -8.61 5.38 12.76
CA VAL D 318 -7.15 5.44 12.69
C VAL D 318 -6.52 5.07 14.01
N GLY D 319 -5.64 4.07 14.02
CA GLY D 319 -5.06 3.64 15.29
C GLY D 319 -3.55 3.47 15.23
N HIS D 320 -2.83 4.51 14.84
CA HIS D 320 -1.37 4.39 14.78
C HIS D 320 -0.79 4.11 16.17
N THR D 321 0.32 3.37 16.16
CA THR D 321 1.00 3.13 17.43
C THR D 321 2.07 4.20 17.58
N ASN D 322 2.55 4.39 18.79
CA ASN D 322 3.65 5.29 19.06
C ASN D 322 3.58 6.61 18.30
N VAL D 323 2.53 7.38 18.57
CA VAL D 323 2.30 8.68 17.93
C VAL D 323 3.38 9.70 18.13
N PRO D 324 4.01 9.79 19.29
CA PRO D 324 5.13 10.68 19.49
C PRO D 324 6.23 10.44 18.47
N SER D 325 6.45 9.20 18.07
CA SER D 325 7.44 8.81 17.09
C SER D 325 7.13 9.31 15.68
N ARG D 326 5.87 9.65 15.40
CA ARG D 326 5.50 10.21 14.10
C ARG D 326 5.93 11.67 14.03
N VAL D 327 6.48 12.22 15.11
CA VAL D 327 7.02 13.55 15.24
C VAL D 327 8.41 13.42 15.87
N ALA D 328 9.12 12.34 15.53
CA ALA D 328 10.38 12.03 16.20
C ALA D 328 11.46 13.09 16.25
N ALA D 329 11.54 13.98 15.27
CA ALA D 329 12.58 15.00 15.22
C ALA D 329 12.31 16.15 16.17
N ASP D 330 11.07 16.29 16.63
CA ASP D 330 10.75 17.28 17.65
C ASP D 330 10.69 16.59 19.01
N ALA D 331 10.19 15.35 19.03
CA ALA D 331 10.02 14.63 20.30
C ALA D 331 11.33 14.33 21.01
N SER D 332 12.34 13.95 20.22
CA SER D 332 13.65 13.60 20.73
C SER D 332 14.34 14.66 21.53
N PRO D 333 14.59 15.84 20.97
CA PRO D 333 15.16 16.95 21.71
C PRO D 333 14.36 17.24 22.97
N LEU D 334 13.03 17.23 22.92
CA LEU D 334 12.27 17.49 24.14
C LEU D 334 12.46 16.38 25.17
N PHE D 335 12.50 15.12 24.75
CA PHE D 335 12.68 13.99 25.66
C PHE D 335 14.03 14.10 26.36
N ALA D 336 15.08 14.35 25.57
CA ALA D 336 16.42 14.53 26.10
C ALA D 336 16.44 15.65 27.13
N LYS D 337 15.74 16.76 26.87
CA LYS D 337 15.69 17.86 27.82
C LYS D 337 14.96 17.46 29.09
N ASN D 338 13.94 16.61 29.00
CA ASN D 338 13.25 16.14 30.19
C ASN D 338 14.24 15.40 31.10
N LEU D 339 15.03 14.53 30.47
CA LEU D 339 16.03 13.76 31.18
C LEU D 339 17.13 14.66 31.76
N LEU D 340 17.56 15.64 30.98
CA LEU D 340 18.62 16.54 31.45
C LEU D 340 18.15 17.35 32.66
N ASN D 341 16.95 17.88 32.58
CA ASN D 341 16.35 18.65 33.66
C ASN D 341 16.22 17.84 34.95
N PHE D 342 15.82 16.58 34.83
CA PHE D 342 15.69 15.70 35.99
C PHE D 342 17.04 15.38 36.63
N LEU D 343 18.05 15.14 35.81
CA LEU D 343 19.38 14.77 36.27
C LEU D 343 20.23 15.92 36.80
N THR D 344 20.20 17.07 36.15
CA THR D 344 21.05 18.19 36.48
C THR D 344 21.21 18.53 37.94
N PRO D 345 20.15 18.75 38.70
CA PRO D 345 20.24 19.07 40.11
C PRO D 345 21.06 18.12 40.96
N HIS D 346 21.24 16.86 40.58
CA HIS D 346 21.98 15.87 41.34
C HIS D 346 23.43 15.69 40.91
N VAL D 347 23.95 16.49 39.99
CA VAL D 347 25.33 16.31 39.54
C VAL D 347 26.29 17.22 40.31
N ASP D 348 27.55 16.81 40.38
CA ASP D 348 28.62 17.55 41.03
C ASP D 348 29.77 17.85 40.06
N LYS D 352 32.56 15.67 40.14
CA LYS D 352 32.49 14.70 39.04
C LYS D 352 31.76 13.43 39.50
N THR D 353 30.66 13.66 40.22
CA THR D 353 29.85 12.56 40.75
C THR D 353 28.36 12.89 40.76
N LEU D 354 27.55 11.84 40.86
CA LEU D 354 26.10 11.93 40.80
C LEU D 354 25.46 11.42 42.09
N VAL D 355 24.85 12.33 42.85
CA VAL D 355 24.19 11.96 44.10
C VAL D 355 22.69 12.23 44.01
N MSE D 356 21.89 11.19 43.78
CA MSE D 356 20.45 11.41 43.67
C MSE D 356 19.83 11.59 45.05
O MSE D 356 19.65 10.65 45.83
CB MSE D 356 19.78 10.27 42.90
CG MSE D 356 20.46 9.94 41.58
SE MSE D 356 20.13 11.24 40.22
CE MSE D 356 18.24 11.11 40.05
N LYS D 357 19.51 12.84 45.35
CA LYS D 357 18.91 13.25 46.61
C LYS D 357 17.60 12.55 46.89
N LEU D 358 17.60 11.58 47.79
CA LEU D 358 16.45 10.78 48.16
C LEU D 358 15.22 11.53 48.62
N GLU D 359 15.38 12.71 49.20
CA GLU D 359 14.32 13.55 49.71
C GLU D 359 13.54 14.22 48.60
N ASP D 360 14.24 14.52 47.50
CA ASP D 360 13.64 15.14 46.33
C ASP D 360 12.41 14.32 45.95
N GLU D 361 11.23 14.92 45.89
CA GLU D 361 10.01 14.16 45.60
C GLU D 361 9.96 13.63 44.17
N THR D 362 10.78 14.20 43.31
CA THR D 362 10.99 13.83 41.92
C THR D 362 11.79 12.53 41.91
N VAL D 363 12.68 12.37 42.88
CA VAL D 363 13.49 11.18 43.03
C VAL D 363 12.67 10.02 43.60
N SER D 364 11.89 10.32 44.64
CA SER D 364 11.06 9.31 45.28
C SER D 364 9.80 8.97 44.49
N GLY D 365 9.29 9.86 43.64
CA GLY D 365 8.11 9.51 42.86
C GLY D 365 8.43 8.50 41.77
N THR D 366 9.67 8.50 41.32
CA THR D 366 10.23 7.81 40.17
C THR D 366 11.13 6.62 40.35
N CYS D 367 11.81 6.53 41.49
CA CYS D 367 12.76 5.44 41.70
C CYS D 367 11.99 4.14 41.94
N VAL D 368 12.29 3.16 41.10
CA VAL D 368 11.53 1.89 41.16
C VAL D 368 12.35 0.75 41.73
N THR D 369 13.66 0.85 41.65
CA THR D 369 14.56 -0.17 42.16
C THR D 369 15.93 0.50 42.36
N ARG D 370 16.60 0.16 43.46
CA ARG D 370 17.91 0.73 43.74
C ARG D 370 18.77 -0.23 44.56
N ASP D 371 20.02 -0.34 44.17
CA ASP D 371 21.00 -1.17 44.84
C ASP D 371 20.50 -2.58 45.12
N GLY D 372 19.91 -3.23 44.12
CA GLY D 372 19.41 -4.57 44.24
C GLY D 372 18.15 -4.74 45.06
N ALA D 373 17.43 -3.70 45.41
CA ALA D 373 16.19 -3.80 46.17
C ALA D 373 15.08 -2.96 45.54
N ILE D 374 13.92 -3.57 45.33
CA ILE D 374 12.79 -2.86 44.73
C ILE D 374 12.39 -1.72 45.65
N VAL D 375 12.04 -0.57 45.10
CA VAL D 375 11.69 0.56 45.96
C VAL D 375 10.20 0.81 46.12
N HIS D 376 9.37 0.75 45.08
CA HIS D 376 7.94 1.02 45.30
C HIS D 376 7.85 2.52 45.57
N PRO D 377 7.69 3.28 44.48
CA PRO D 377 7.66 4.72 44.50
C PRO D 377 6.68 5.35 45.46
N ALA D 378 7.00 6.59 45.83
CA ALA D 378 6.17 7.37 46.73
C ALA D 378 4.88 7.80 46.02
N LEU D 379 3.75 7.42 46.58
CA LEU D 379 2.46 7.80 46.00
C LEU D 379 1.72 8.69 47.00
N THR D 380 1.92 9.99 46.83
CA THR D 380 1.30 10.98 47.70
C THR D 380 -0.13 11.27 47.26
PA NAD E . -4.44 -14.10 -30.11
O1A NAD E . -3.66 -13.36 -29.09
O2A NAD E . -4.79 -13.18 -31.20
O5B NAD E . -5.81 -14.68 -29.51
C5B NAD E . -5.81 -15.55 -28.33
C4B NAD E . -6.70 -16.74 -28.66
O4B NAD E . -8.07 -16.21 -28.52
C3B NAD E . -6.62 -17.27 -30.10
O3B NAD E . -6.27 -18.65 -30.17
C2B NAD E . -8.02 -17.09 -30.67
O2B NAD E . -8.48 -18.14 -31.49
C1B NAD E . -8.86 -16.97 -29.40
N9A NAD E . -10.18 -16.35 -29.55
C8A NAD E . -10.58 -15.32 -30.34
N7A NAD E . -11.88 -15.05 -30.20
C5A NAD E . -12.32 -15.97 -29.30
C6A NAD E . -13.61 -16.19 -28.76
N6A NAD E . -14.65 -15.45 -29.11
N1A NAD E . -13.75 -17.19 -27.87
C2A NAD E . -12.63 -17.93 -27.54
N3A NAD E . -11.40 -17.80 -27.98
C4A NAD E . -11.31 -16.79 -28.87
O3 NAD E . -3.70 -15.46 -30.51
PN NAD E . -2.17 -15.89 -30.60
O1N NAD E . -1.54 -15.97 -29.27
O2N NAD E . -1.45 -14.87 -31.39
O5D NAD E . -2.28 -17.33 -31.26
C5D NAD E . -2.96 -17.56 -32.50
C4D NAD E . -2.25 -18.67 -33.25
O4D NAD E . -1.24 -18.06 -34.10
C3D NAD E . -1.50 -19.70 -32.39
O3D NAD E . -1.42 -20.92 -33.13
C2D NAD E . -0.09 -19.06 -32.36
O2D NAD E . 0.87 -20.06 -32.02
C1D NAD E . 0.01 -18.69 -33.85
N1N NAD E . 1.03 -17.65 -34.10
C2N NAD E . 0.89 -16.48 -33.42
C3N NAD E . 1.81 -15.50 -33.61
C7N NAD E . 1.80 -14.09 -32.93
O7N NAD E . 2.10 -13.09 -33.58
N7N NAD E . 1.43 -14.07 -31.64
C4N NAD E . 2.92 -15.63 -34.48
C5N NAD E . 2.96 -16.87 -35.12
C6N NAD E . 2.10 -17.92 -34.99
PA NAD F . -1.05 28.88 -12.96
O1A NAD F . -1.54 27.59 -12.47
O2A NAD F . -0.99 28.92 -14.44
O5B NAD F . 0.44 29.09 -12.40
C5B NAD F . 0.74 29.10 -10.98
C4B NAD F . 1.71 30.24 -10.72
O4B NAD F . 3.04 29.87 -11.20
C3B NAD F . 1.39 31.57 -11.41
O3B NAD F . 1.11 32.64 -10.54
C2B NAD F . 2.64 31.89 -12.24
O2B NAD F . 2.90 33.28 -12.34
C1B NAD F . 3.71 31.11 -11.47
N9A NAD F . 4.90 30.83 -12.30
C8A NAD F . 4.96 30.44 -13.60
N7A NAD F . 6.21 30.26 -14.03
C5A NAD F . 6.99 30.56 -12.94
C6A NAD F . 8.37 30.56 -12.75
N6A NAD F . 9.26 30.26 -13.70
N1A NAD F . 8.82 30.90 -11.51
C2A NAD F . 7.92 31.20 -10.54
N3A NAD F . 6.62 31.23 -10.62
C4A NAD F . 6.20 30.91 -11.85
O3 NAD F . -1.80 30.17 -12.37
PN NAD F . -3.23 30.34 -11.74
O1N NAD F . -3.26 29.72 -10.40
O2N NAD F . -4.25 29.68 -12.62
O5D NAD F . -3.53 31.90 -11.71
C5D NAD F . -2.57 32.94 -11.50
C4D NAD F . -3.30 34.26 -11.77
O4D NAD F . -4.69 33.90 -12.02
C3D NAD F . -3.39 35.18 -10.54
O3D NAD F . -3.84 36.46 -10.97
C2D NAD F . -4.44 34.43 -9.72
O2D NAD F . -5.08 35.26 -8.76
C1D NAD F . -5.41 33.94 -10.80
PA NAD G . 9.57 -26.70 13.20
O1A NAD G . 8.52 -25.75 12.76
O2A NAD G . 9.72 -26.63 14.66
O5B NAD G . 10.93 -26.37 12.42
C5B NAD G . 11.00 -26.44 10.97
C4B NAD G . 12.32 -27.08 10.57
O4B NAD G . 13.40 -26.16 10.95
C3B NAD G . 12.67 -28.42 11.22
O3B NAD G . 12.86 -29.45 10.26
C2B NAD G . 13.97 -28.17 11.97
O2B NAD G . 14.86 -29.28 12.03
C1B NAD G . 14.54 -26.99 11.16
N9A NAD G . 15.58 -26.24 11.82
C8A NAD G . 15.66 -25.81 13.12
N7A NAD G . 16.78 -25.15 13.40
C5A NAD G . 17.47 -25.16 12.21
C6A NAD G . 18.73 -24.63 11.85
N6A NAD G . 19.52 -23.97 12.70
N1A NAD G . 19.12 -24.80 10.56
C2A NAD G . 18.29 -25.49 9.70
N3A NAD G . 17.12 -26.03 9.94
C4A NAD G . 16.76 -25.81 11.22
O3 NAD G . 9.36 -28.21 12.74
PN NAD G . 8.13 -29.01 12.16
O1N NAD G . 7.69 -28.39 10.88
O2N NAD G . 7.01 -29.01 13.11
O5D NAD G . 8.78 -30.46 11.94
C5D NAD G . 8.95 -31.35 13.05
C4D NAD G . 8.58 -32.74 12.60
O4D NAD G . 7.60 -32.59 11.52
C3D NAD G . 9.68 -33.60 11.96
O3D NAD G . 9.92 -34.76 12.78
C2D NAD G . 9.06 -34.12 10.65
O2D NAD G . 9.32 -35.52 10.57
C1D NAD G . 7.57 -33.85 10.87
PA NAD H . -4.37 11.05 30.68
O1A NAD H . -3.42 10.73 29.60
O2A NAD H . -4.15 10.10 31.79
O5B NAD H . -5.88 11.09 30.19
C5B NAD H . -6.30 12.13 29.25
C4B NAD H . -7.59 12.76 29.71
O4B NAD H . -8.68 11.83 29.51
C3B NAD H . -7.67 13.24 31.17
O3B NAD H . -7.90 14.65 31.25
C2B NAD H . -8.88 12.48 31.73
O2B NAD H . -9.70 13.26 32.59
C1B NAD H . -9.66 12.10 30.47
N9A NAD H . -10.57 10.97 30.65
C8A NAD H . -10.37 9.80 31.32
N7A NAD H . -11.43 8.99 31.29
C5A NAD H . -12.36 9.69 30.58
C6A NAD H . -13.69 9.39 30.21
N6A NAD H . -14.33 8.26 30.51
N1A NAD H . -14.34 10.31 29.47
C2A NAD H . -13.70 11.47 29.13
N3A NAD H . -12.49 11.85 29.44
C4A NAD H . -11.87 10.91 30.18
O3 NAD H . -4.19 12.57 31.18
PN NAD H . -2.89 13.49 31.12
O1N NAD H . -2.84 14.20 29.81
O2N NAD H . -1.67 12.68 31.32
O5D NAD H . -3.16 14.48 32.34
C5D NAD H . -2.90 13.88 33.65
C4D NAD H . -2.99 15.00 34.66
O4D NAD H . -1.73 15.74 34.60
C3D NAD H . -4.10 16.00 34.32
O3D NAD H . -4.93 16.21 35.45
C2D NAD H . -3.32 17.23 33.88
O2D NAD H . -4.01 18.47 34.02
C1D NAD H . -2.08 17.10 34.76
N1N NAD H . -0.98 17.90 34.23
C2N NAD H . -0.61 18.99 34.95
C3N NAD H . 0.38 19.80 34.47
C7N NAD H . 0.91 21.07 35.20
O7N NAD H . 1.74 21.81 34.69
N7N NAD H . 0.40 21.25 36.44
C4N NAD H . 1.05 19.55 33.25
C5N NAD H . 0.60 18.41 32.60
C6N NAD H . -0.39 17.55 32.99
#